data_7PZZ
#
_entry.id   7PZZ
#
_cell.length_a   115.201
_cell.length_b   131.236
_cell.length_c   151.389
_cell.angle_alpha   90.000
_cell.angle_beta   90.000
_cell.angle_gamma   90.000
#
_symmetry.space_group_name_H-M   'P 21 21 21'
#
loop_
_entity.id
_entity.type
_entity.pdbx_description
1 polymer 'Serine hydroxymethyltransferase 2, mitochondrial'
2 non-polymer 1,2-ETHANEDIOL
3 non-polymer 'CHLORIDE ION'
4 non-polymer '4-(2-HYDROXYETHYL)-1-PIPERAZINE ETHANESULFONIC ACID'
5 non-polymer DI(HYDROXYETHYL)ETHER
6 non-polymer 'SULFATE ION'
7 water water
#
_entity_poly.entity_id   1
_entity_poly.type   'polypeptide(L)'
_entity_poly.pdbx_seq_one_letter_code
;SNAEKSRSSWIKQLNASLDEIDPEVADIIELEKARQWKGFELIPSENFTSLSVMQAVGSVMTNKYSEGYPGARYYGGNEY
IDMAETLCQKRALEAFQLDPSKWGVNVQSLSGSPANFQVYTALLKPHERIMALDLPHGGHLSHGYQTDTKKISAVSIFFE
TMPYRLDENTGYIDYDQLEKSAVLFRPKLIVAGASAYARLYDYARIRKVCNKQKAVMLADMAHISGLVAAGVIPSPFEYA
DVVTTTTH(LLP)SLRGPRGAMIFFRKGLKEINKQGKEVMYDYEDRINQAVFPGLQGGPHNHTITGLAVALKQARTPEYK
AYQDQVLRNCSKFAETLLAKGYDLVSGGTDNHLVLVNLKNKGIDGSRVEKVLELVHIAANKNTVPGDVSAMVPGGIRMGT
PALTSRGFIEEDFAKVAEYFDLAVKIALKIKAESQGTKLKDFVATMQSNEKLQSEMSKLREMVEEYAKQFPTIGFEKETM
RYKE
;
_entity_poly.pdbx_strand_id   A,B,C,D
#
loop_
_chem_comp.id
_chem_comp.type
_chem_comp.name
_chem_comp.formula
CL non-polymer 'CHLORIDE ION' 'Cl -1'
EDO non-polymer 1,2-ETHANEDIOL 'C2 H6 O2'
EPE non-polymer '4-(2-HYDROXYETHYL)-1-PIPERAZINE ETHANESULFONIC ACID' 'C8 H18 N2 O4 S'
PEG non-polymer DI(HYDROXYETHYL)ETHER 'C4 H10 O3'
SO4 non-polymer 'SULFATE ION' 'O4 S -2'
#
# COMPACT_ATOMS: atom_id res chain seq x y z
N SER A 6 17.13 54.58 1.91
CA SER A 6 16.33 53.37 2.04
C SER A 6 16.99 52.33 2.95
N ARG A 7 18.29 52.13 2.75
CA ARG A 7 18.99 51.06 3.46
C ARG A 7 19.01 51.32 4.97
N SER A 8 19.25 52.57 5.38
CA SER A 8 19.10 52.93 6.79
C SER A 8 17.67 52.63 7.27
N SER A 9 16.69 52.69 6.37
CA SER A 9 15.31 52.54 6.78
C SER A 9 14.93 51.08 7.01
N TRP A 10 15.42 50.13 6.19
CA TRP A 10 15.05 48.77 6.58
C TRP A 10 15.88 48.26 7.75
N ILE A 11 17.07 48.82 7.99
CA ILE A 11 17.85 48.40 9.15
C ILE A 11 17.17 48.86 10.45
N LYS A 12 16.69 50.10 10.48
CA LYS A 12 15.94 50.58 11.63
C LYS A 12 14.71 49.70 11.90
N GLN A 13 14.03 49.27 10.84
CA GLN A 13 12.85 48.43 10.98
C GLN A 13 13.21 47.08 11.62
N LEU A 14 14.36 46.51 11.24
CA LEU A 14 14.77 45.21 11.75
C LEU A 14 15.20 45.25 13.22
N ASN A 15 15.59 46.41 13.72
CA ASN A 15 16.07 46.51 15.09
C ASN A 15 15.08 47.19 16.03
N ALA A 16 13.91 47.59 15.54
CA ALA A 16 12.93 48.26 16.41
C ALA A 16 12.21 47.24 17.29
N SER A 17 11.69 47.73 18.42
CA SER A 17 10.96 46.84 19.31
C SER A 17 9.58 46.49 18.74
N LEU A 18 9.02 45.41 19.28
CA LEU A 18 7.66 45.02 18.91
C LEU A 18 6.67 46.14 19.19
N ASP A 19 6.84 46.85 20.32
CA ASP A 19 5.95 47.97 20.63
C ASP A 19 5.95 49.02 19.53
N GLU A 20 7.13 49.31 18.96
CA GLU A 20 7.22 50.34 17.92
C GLU A 20 6.67 49.81 16.59
N ILE A 21 7.04 48.58 16.22
CA ILE A 21 6.77 48.05 14.88
C ILE A 21 5.31 47.62 14.73
N ASP A 22 4.72 47.02 15.76
CA ASP A 22 3.46 46.30 15.61
C ASP A 22 2.64 46.45 16.88
N PRO A 23 2.06 47.63 17.12
CA PRO A 23 1.25 47.82 18.34
C PRO A 23 0.08 46.87 18.43
N GLU A 24 -0.51 46.45 17.30
CA GLU A 24 -1.64 45.53 17.38
C GLU A 24 -1.21 44.19 17.97
N VAL A 25 -0.06 43.66 17.51
CA VAL A 25 0.41 42.38 18.05
C VAL A 25 0.87 42.55 19.49
N ALA A 26 1.54 43.67 19.81
CA ALA A 26 1.94 43.93 21.18
C ALA A 26 0.73 43.94 22.11
N ASP A 27 -0.37 44.50 21.64
CA ASP A 27 -1.59 44.56 22.44
C ASP A 27 -2.17 43.18 22.66
N ILE A 28 -2.18 42.33 21.63
CA ILE A 28 -2.68 40.96 21.79
C ILE A 28 -1.86 40.21 22.85
N ILE A 29 -0.54 40.35 22.81
CA ILE A 29 0.31 39.67 23.80
C ILE A 29 0.02 40.20 25.19
N GLU A 30 -0.20 41.51 25.32
CA GLU A 30 -0.55 42.07 26.63
C GLU A 30 -1.90 41.56 27.12
N LEU A 31 -2.87 41.41 26.22
CA LEU A 31 -4.15 40.82 26.63
C LEU A 31 -3.96 39.37 27.08
N GLU A 32 -3.12 38.61 26.38
CA GLU A 32 -2.88 37.23 26.77
C GLU A 32 -2.13 37.15 28.11
N LYS A 33 -1.21 38.07 28.37
CA LYS A 33 -0.56 38.12 29.69
C LYS A 33 -1.59 38.31 30.80
N ALA A 34 -2.52 39.26 30.61
CA ALA A 34 -3.56 39.48 31.61
C ALA A 34 -4.45 38.26 31.77
N ARG A 35 -4.73 37.56 30.67
CA ARG A 35 -5.55 36.34 30.76
C ARG A 35 -4.85 35.27 31.62
N GLN A 36 -3.54 35.11 31.44
CA GLN A 36 -2.78 34.13 32.20
C GLN A 36 -2.63 34.53 33.67
N TRP A 37 -2.74 35.82 33.97
CA TRP A 37 -2.73 36.30 35.34
C TRP A 37 -4.07 36.07 36.04
N LYS A 38 -5.17 36.28 35.31
CA LYS A 38 -6.50 36.37 35.93
C LYS A 38 -7.28 35.08 35.93
N GLY A 39 -6.84 34.04 35.23
CA GLY A 39 -7.68 32.87 35.06
C GLY A 39 -7.27 31.63 35.82
N PHE A 40 -8.20 30.68 35.97
CA PHE A 40 -7.86 29.32 36.39
C PHE A 40 -7.53 28.56 35.13
N GLU A 41 -6.24 28.32 34.89
CA GLU A 41 -5.77 27.60 33.71
C GLU A 41 -5.72 26.12 34.08
N LEU A 42 -6.78 25.37 33.75
CA LEU A 42 -6.92 23.98 34.20
C LEU A 42 -6.71 22.96 33.10
N ILE A 43 -6.40 23.37 31.88
CA ILE A 43 -6.15 22.41 30.81
C ILE A 43 -4.89 21.64 31.18
N PRO A 44 -4.94 20.31 31.33
CA PRO A 44 -3.81 19.62 31.98
C PRO A 44 -2.57 19.53 31.11
N SER A 45 -2.68 19.81 29.82
CA SER A 45 -1.54 19.91 28.93
C SER A 45 -0.90 21.29 28.90
N GLU A 46 -1.44 22.26 29.62
CA GLU A 46 -0.84 23.59 29.59
C GLU A 46 0.06 23.82 30.78
N ASN A 47 1.01 24.73 30.60
CA ASN A 47 1.93 25.09 31.67
C ASN A 47 2.39 26.51 31.39
N PHE A 48 3.20 27.06 32.30
CA PHE A 48 3.78 28.38 32.12
C PHE A 48 5.29 28.22 32.04
N THR A 49 5.87 28.53 30.88
CA THR A 49 7.31 28.35 30.72
C THR A 49 8.08 29.50 31.36
N SER A 50 9.34 29.21 31.68
CA SER A 50 10.19 30.18 32.34
C SER A 50 10.61 31.31 31.40
N LEU A 51 10.98 32.44 32.01
CA LEU A 51 11.56 33.54 31.26
C LEU A 51 12.83 33.14 30.53
N SER A 52 13.69 32.36 31.18
CA SER A 52 14.97 32.00 30.55
C SER A 52 14.75 31.13 29.29
N VAL A 53 13.78 30.23 29.32
CA VAL A 53 13.46 29.47 28.11
C VAL A 53 12.97 30.40 27.01
N MET A 54 12.06 31.32 27.36
CA MET A 54 11.52 32.24 26.35
C MET A 54 12.61 33.11 25.74
N GLN A 55 13.57 33.56 26.56
CA GLN A 55 14.64 34.40 26.01
C GLN A 55 15.51 33.62 25.03
N ALA A 56 15.71 32.33 25.29
CA ALA A 56 16.48 31.52 24.35
C ALA A 56 15.68 31.26 23.08
N VAL A 57 14.38 30.95 23.22
CA VAL A 57 13.54 30.73 22.04
C VAL A 57 13.42 32.01 21.23
N GLY A 58 13.47 33.16 21.88
CA GLY A 58 13.40 34.44 21.18
C GLY A 58 14.75 35.03 20.81
N SER A 59 15.73 34.20 20.46
CA SER A 59 17.11 34.64 20.25
C SER A 59 17.52 34.46 18.80
N VAL A 60 18.72 34.97 18.46
CA VAL A 60 19.20 34.86 17.10
C VAL A 60 19.63 33.44 16.71
N MET A 61 19.49 32.46 17.61
CA MET A 61 19.70 31.07 17.19
C MET A 61 18.74 30.66 16.06
N THR A 62 17.62 31.39 15.92
CA THR A 62 16.68 31.12 14.83
C THR A 62 17.28 31.33 13.44
N ASN A 63 18.36 32.09 13.33
CA ASN A 63 18.81 32.50 11.99
C ASN A 63 19.56 31.41 11.23
N LYS A 64 20.02 30.37 11.89
CA LYS A 64 20.97 29.44 11.31
C LYS A 64 20.30 28.24 10.65
N TYR A 65 20.75 27.88 9.44
CA TYR A 65 20.38 26.60 8.83
C TYR A 65 21.41 25.54 9.22
N SER A 66 20.93 24.39 9.70
CA SER A 66 21.87 23.41 10.24
C SER A 66 21.37 21.98 10.00
N GLU A 67 20.86 21.71 8.80
CA GLU A 67 20.46 20.35 8.46
C GLU A 67 21.58 19.36 8.72
N GLY A 68 21.20 18.19 9.23
CA GLY A 68 22.16 17.19 9.65
C GLY A 68 22.22 17.12 11.16
N TYR A 69 23.36 16.70 11.69
CA TYR A 69 23.53 16.48 13.12
C TYR A 69 24.87 17.08 13.53
N PRO A 70 25.09 17.32 14.83
CA PRO A 70 26.34 17.95 15.27
C PRO A 70 27.57 17.24 14.74
N GLY A 71 28.51 18.03 14.20
CA GLY A 71 29.71 17.47 13.60
C GLY A 71 29.49 16.78 12.27
N ALA A 72 28.25 16.72 11.80
CA ALA A 72 27.91 16.07 10.53
C ALA A 72 26.83 16.90 9.83
N ARG A 73 27.12 18.18 9.62
CA ARG A 73 26.19 19.12 9.01
C ARG A 73 26.43 19.20 7.51
N TYR A 74 25.44 19.75 6.80
CA TYR A 74 25.64 20.06 5.39
C TYR A 74 26.11 21.50 5.19
N TYR A 75 25.65 22.43 6.05
CA TYR A 75 26.05 23.83 6.00
C TYR A 75 27.27 24.08 6.89
N GLY A 76 28.09 25.05 6.51
CA GLY A 76 29.10 25.57 7.41
C GLY A 76 28.52 26.60 8.37
N GLY A 77 29.39 27.08 9.29
CA GLY A 77 29.01 28.11 10.23
C GLY A 77 28.32 27.61 11.48
N ASN A 78 28.35 26.30 11.75
CA ASN A 78 27.50 25.72 12.79
C ASN A 78 28.25 25.39 14.09
N GLU A 79 29.41 26.00 14.32
CA GLU A 79 30.19 25.70 15.53
C GLU A 79 29.36 25.87 16.81
N TYR A 80 28.60 26.96 16.90
CA TYR A 80 27.88 27.23 18.14
C TYR A 80 26.51 26.60 18.16
N ILE A 81 25.86 26.46 17.00
CA ILE A 81 24.65 25.64 16.94
C ILE A 81 24.97 24.19 17.35
N ASP A 82 26.14 23.68 16.96
CA ASP A 82 26.53 22.34 17.38
C ASP A 82 26.70 22.26 18.89
N MET A 83 27.30 23.31 19.50
CA MET A 83 27.42 23.36 20.95
C MET A 83 26.05 23.24 21.59
N ALA A 84 25.08 23.98 21.07
CA ALA A 84 23.74 23.98 21.67
C ALA A 84 23.06 22.61 21.50
N GLU A 85 23.14 22.01 20.30
CA GLU A 85 22.42 20.75 20.11
C GLU A 85 23.07 19.63 20.92
N THR A 86 24.41 19.62 20.97
CA THR A 86 25.13 18.63 21.77
C THR A 86 24.83 18.79 23.25
N LEU A 87 24.78 20.05 23.72
CA LEU A 87 24.44 20.32 25.12
C LEU A 87 23.01 19.88 25.42
N CYS A 88 22.10 20.13 24.47
CA CYS A 88 20.71 19.72 24.65
C CYS A 88 20.59 18.19 24.77
N GLN A 89 21.27 17.45 23.89
CA GLN A 89 21.24 15.99 23.96
C GLN A 89 21.77 15.47 25.30
N LYS A 90 22.92 15.99 25.72
CA LYS A 90 23.51 15.60 27.00
C LYS A 90 22.55 15.85 28.16
N ARG A 91 21.90 17.03 28.17
CA ARG A 91 21.00 17.35 29.26
C ARG A 91 19.71 16.55 29.18
N ALA A 92 19.28 16.17 27.97
CA ALA A 92 18.09 15.35 27.84
C ALA A 92 18.29 13.98 28.49
N LEU A 93 19.43 13.34 28.21
CA LEU A 93 19.71 12.07 28.88
C LEU A 93 19.84 12.25 30.39
N GLU A 94 20.49 13.34 30.83
CA GLU A 94 20.66 13.57 32.26
C GLU A 94 19.34 13.82 32.97
N ALA A 95 18.37 14.46 32.29
CA ALA A 95 17.09 14.78 32.93
C ALA A 95 16.31 13.52 33.27
N PHE A 96 16.53 12.43 32.55
CA PHE A 96 15.83 11.17 32.79
C PHE A 96 16.76 10.09 33.32
N GLN A 97 17.96 10.50 33.78
CA GLN A 97 18.93 9.63 34.44
C GLN A 97 19.29 8.44 33.54
N LEU A 98 19.55 8.72 32.27
CA LEU A 98 19.81 7.69 31.28
C LEU A 98 21.30 7.53 31.01
N ASP A 99 21.72 6.27 30.96
CA ASP A 99 23.09 5.89 30.61
C ASP A 99 23.29 6.16 29.12
N PRO A 100 24.20 7.07 28.73
CA PRO A 100 24.36 7.37 27.29
C PRO A 100 24.89 6.22 26.47
N SER A 101 25.44 5.17 27.09
CA SER A 101 25.79 3.99 26.31
C SER A 101 24.59 3.10 26.01
N LYS A 102 23.45 3.32 26.69
CA LYS A 102 22.25 2.52 26.49
C LYS A 102 21.12 3.28 25.83
N TRP A 103 21.16 4.61 25.85
CA TRP A 103 20.11 5.46 25.31
C TRP A 103 20.74 6.57 24.47
N GLY A 104 20.11 6.85 23.32
CA GLY A 104 20.37 8.06 22.58
C GLY A 104 19.11 8.91 22.49
N VAL A 105 19.26 10.10 21.91
CA VAL A 105 18.12 11.02 21.82
C VAL A 105 18.24 11.85 20.56
N ASN A 106 17.08 12.19 19.98
CA ASN A 106 16.96 13.16 18.91
C ASN A 106 16.16 14.33 19.45
N VAL A 107 16.72 15.54 19.35
CA VAL A 107 16.06 16.73 19.91
C VAL A 107 15.50 17.64 18.82
N GLN A 108 15.47 17.20 17.56
CA GLN A 108 15.08 18.05 16.44
C GLN A 108 13.60 17.96 16.08
N SER A 109 12.88 16.94 16.55
CA SER A 109 11.48 16.81 16.14
C SER A 109 10.67 18.03 16.59
N LEU A 110 9.86 18.56 15.68
CA LEU A 110 9.26 19.88 15.89
C LEU A 110 8.14 19.88 16.93
N SER A 111 7.47 18.77 17.16
CA SER A 111 6.39 18.73 18.16
C SER A 111 6.03 17.26 18.39
N GLY A 112 5.11 17.03 19.32
CA GLY A 112 4.85 15.66 19.74
C GLY A 112 4.21 14.80 18.65
N SER A 113 3.31 15.40 17.86
CA SER A 113 2.63 14.61 16.83
C SER A 113 3.58 14.17 15.73
N PRO A 114 4.39 15.03 15.12
CA PRO A 114 5.36 14.52 14.13
C PRO A 114 6.42 13.62 14.73
N ALA A 115 6.75 13.78 16.00
CA ALA A 115 7.72 12.87 16.62
C ALA A 115 7.24 11.44 16.54
N ASN A 116 5.98 11.20 16.90
CA ASN A 116 5.44 9.84 16.76
C ASN A 116 5.45 9.39 15.31
N PHE A 117 5.03 10.24 14.38
CA PHE A 117 5.02 9.84 12.97
C PHE A 117 6.42 9.51 12.49
N GLN A 118 7.44 10.22 13.00
CA GLN A 118 8.81 9.94 12.60
C GLN A 118 9.27 8.57 13.14
N VAL A 119 8.83 8.21 14.35
CA VAL A 119 9.15 6.87 14.86
C VAL A 119 8.50 5.79 13.99
N TYR A 120 7.21 5.97 13.64
CA TYR A 120 6.57 4.97 12.78
C TYR A 120 7.29 4.86 11.44
N THR A 121 7.65 6.00 10.86
CA THR A 121 8.32 5.99 9.55
C THR A 121 9.68 5.30 9.64
N ALA A 122 10.36 5.47 10.76
CA ALA A 122 11.68 4.87 10.95
C ALA A 122 11.61 3.36 11.08
N LEU A 123 10.58 2.85 11.77
CA LEU A 123 10.60 1.46 12.22
C LEU A 123 9.57 0.57 11.54
N LEU A 124 8.57 1.15 10.87
CA LEU A 124 7.51 0.41 10.20
C LEU A 124 7.44 0.78 8.72
N LYS A 125 7.17 -0.20 7.88
CA LYS A 125 6.83 0.08 6.50
C LYS A 125 5.41 0.61 6.45
N PRO A 126 5.05 1.34 5.38
CA PRO A 126 3.64 1.74 5.22
C PRO A 126 2.72 0.54 5.35
N HIS A 127 1.58 0.77 6.02
CA HIS A 127 0.50 -0.17 6.27
C HIS A 127 0.84 -1.24 7.30
N GLU A 128 2.00 -1.17 7.95
CA GLU A 128 2.23 -2.09 9.06
C GLU A 128 1.48 -1.64 10.31
N ARG A 129 1.40 -2.53 11.30
CA ARG A 129 0.35 -2.49 12.33
C ARG A 129 0.80 -1.88 13.65
N ILE A 130 -0.04 -0.97 14.18
CA ILE A 130 0.17 -0.24 15.42
C ILE A 130 -1.04 -0.45 16.31
N MET A 131 -0.82 -0.79 17.60
CA MET A 131 -1.86 -0.71 18.61
C MET A 131 -1.61 0.43 19.59
N ALA A 132 -2.69 1.06 20.05
CA ALA A 132 -2.58 2.20 20.97
C ALA A 132 -3.92 2.37 21.69
N LEU A 133 -3.91 3.17 22.76
CA LEU A 133 -5.16 3.45 23.48
C LEU A 133 -6.14 4.22 22.60
N ASP A 134 -7.40 3.75 22.57
CA ASP A 134 -8.43 4.38 21.75
C ASP A 134 -8.54 5.85 22.12
N LEU A 135 -8.64 6.74 21.13
CA LEU A 135 -8.76 8.17 21.43
C LEU A 135 -9.88 8.51 22.41
N PRO A 136 -11.13 8.03 22.25
CA PRO A 136 -12.17 8.35 23.25
C PRO A 136 -11.94 7.72 24.60
N HIS A 137 -11.00 6.79 24.73
CA HIS A 137 -10.62 6.20 26.01
C HIS A 137 -9.36 6.81 26.59
N GLY A 138 -8.82 7.87 25.95
CA GLY A 138 -7.75 8.64 26.55
C GLY A 138 -6.47 8.64 25.74
N GLY A 139 -6.54 8.13 24.52
CA GLY A 139 -5.39 8.12 23.65
C GLY A 139 -5.19 9.47 23.00
N HIS A 140 -4.39 9.45 21.92
CA HIS A 140 -4.02 10.68 21.24
C HIS A 140 -4.09 10.44 19.74
N LEU A 141 -4.48 11.48 18.99
CA LEU A 141 -4.61 11.36 17.54
C LEU A 141 -3.34 10.87 16.87
N SER A 142 -2.17 11.22 17.42
CA SER A 142 -0.93 10.85 16.76
C SER A 142 -0.58 9.37 16.96
N HIS A 143 -1.45 8.63 17.64
CA HIS A 143 -1.33 7.19 17.69
C HIS A 143 -2.28 6.49 16.74
N GLY A 144 -3.07 7.24 15.99
CA GLY A 144 -4.06 6.70 15.09
C GLY A 144 -5.46 6.97 15.60
N TYR A 145 -6.39 7.14 14.67
CA TYR A 145 -7.81 7.26 15.01
C TYR A 145 -8.65 7.24 13.75
N GLN A 146 -9.68 6.41 13.74
CA GLN A 146 -10.65 6.43 12.66
C GLN A 146 -12.03 6.18 13.27
N THR A 147 -13.03 6.80 12.65
CA THR A 147 -14.42 6.58 13.00
C THR A 147 -14.97 5.50 12.08
N ASP A 148 -16.29 5.24 12.18
CA ASP A 148 -16.93 4.29 11.28
C ASP A 148 -16.72 4.67 9.83
N THR A 149 -16.71 5.97 9.53
CA THR A 149 -16.77 6.46 8.16
C THR A 149 -15.50 7.14 7.68
N LYS A 150 -14.55 7.46 8.55
CA LYS A 150 -13.44 8.28 8.10
C LYS A 150 -12.21 8.03 8.95
N LYS A 151 -11.06 7.97 8.29
CA LYS A 151 -9.77 8.00 8.96
C LYS A 151 -9.45 9.44 9.35
N ILE A 152 -9.37 9.70 10.65
CA ILE A 152 -9.25 11.06 11.16
C ILE A 152 -7.78 11.46 11.30
N SER A 153 -7.00 10.62 11.97
CA SER A 153 -5.55 10.81 12.02
C SER A 153 -4.89 10.24 10.77
N ALA A 154 -3.89 10.97 10.26
CA ALA A 154 -3.17 10.42 9.11
C ALA A 154 -2.31 9.23 9.49
N VAL A 155 -2.06 9.00 10.77
CA VAL A 155 -1.39 7.77 11.17
C VAL A 155 -2.19 6.56 10.70
N SER A 156 -3.53 6.69 10.70
CA SER A 156 -4.40 5.59 10.29
C SER A 156 -4.55 5.49 8.78
N ILE A 157 -4.09 6.51 8.05
CA ILE A 157 -4.00 6.44 6.59
C ILE A 157 -2.75 5.68 6.16
N PHE A 158 -1.61 6.04 6.74
CA PHE A 158 -0.33 5.48 6.30
C PHE A 158 0.06 4.20 7.02
N PHE A 159 -0.57 3.91 8.17
CA PHE A 159 -0.31 2.70 8.92
C PHE A 159 -1.65 2.07 9.28
N GLU A 160 -1.61 0.80 9.68
CA GLU A 160 -2.82 0.06 10.04
C GLU A 160 -2.95 0.04 11.55
N THR A 161 -3.96 0.75 12.08
CA THR A 161 -4.06 0.93 13.53
C THR A 161 -5.26 0.15 14.07
N MET A 162 -5.14 -0.26 15.33
CA MET A 162 -6.28 -0.85 16.04
C MET A 162 -6.17 -0.47 17.50
N PRO A 163 -7.24 -0.05 18.13
CA PRO A 163 -7.17 0.42 19.52
C PRO A 163 -7.20 -0.71 20.54
N TYR A 164 -6.69 -0.38 21.72
CA TYR A 164 -7.09 -1.08 22.95
C TYR A 164 -7.87 -0.12 23.83
N ARG A 165 -8.61 -0.68 24.78
CA ARG A 165 -9.68 0.07 25.45
C ARG A 165 -9.56 -0.06 26.96
N LEU A 166 -10.32 0.78 27.64
CA LEU A 166 -10.48 0.65 29.09
C LEU A 166 -11.37 -0.52 29.45
N ASP A 167 -11.18 -1.04 30.66
CA ASP A 167 -12.20 -1.84 31.32
C ASP A 167 -13.36 -0.92 31.66
N GLU A 168 -14.54 -1.20 31.11
CA GLU A 168 -15.66 -0.29 31.29
C GLU A 168 -16.07 -0.17 32.75
N ASN A 169 -15.81 -1.20 33.55
CA ASN A 169 -16.22 -1.16 34.95
C ASN A 169 -15.27 -0.32 35.80
N THR A 170 -13.96 -0.41 35.54
CA THR A 170 -12.98 0.17 36.45
C THR A 170 -12.38 1.48 35.96
N GLY A 171 -12.46 1.76 34.65
CA GLY A 171 -11.83 2.93 34.06
C GLY A 171 -10.33 2.82 33.87
N TYR A 172 -9.75 1.66 34.19
CA TYR A 172 -8.34 1.40 33.91
C TYR A 172 -8.21 0.65 32.59
N ILE A 173 -7.05 0.81 31.95
CA ILE A 173 -6.74 0.02 30.75
C ILE A 173 -6.96 -1.46 31.02
N ASP A 174 -7.67 -2.13 30.12
CA ASP A 174 -7.88 -3.57 30.19
C ASP A 174 -6.67 -4.26 29.55
N TYR A 175 -5.66 -4.55 30.38
CA TYR A 175 -4.43 -5.17 29.84
C TYR A 175 -4.68 -6.60 29.37
N ASP A 176 -5.59 -7.32 30.01
CA ASP A 176 -5.89 -8.68 29.56
C ASP A 176 -6.42 -8.68 28.13
N GLN A 177 -7.32 -7.74 27.81
CA GLN A 177 -7.86 -7.66 26.46
C GLN A 177 -6.83 -7.14 25.47
N LEU A 178 -5.99 -6.19 25.91
CA LEU A 178 -4.89 -5.73 25.08
C LEU A 178 -4.05 -6.90 24.63
N GLU A 179 -3.67 -7.76 25.59
CA GLU A 179 -2.81 -8.89 25.26
C GLU A 179 -3.50 -9.85 24.28
N LYS A 180 -4.77 -10.19 24.55
CA LYS A 180 -5.50 -11.11 23.66
C LYS A 180 -5.67 -10.51 22.27
N SER A 181 -6.04 -9.22 22.21
CA SER A 181 -6.12 -8.52 20.93
C SER A 181 -4.81 -8.59 20.16
N ALA A 182 -3.71 -8.41 20.86
CA ALA A 182 -2.41 -8.38 20.17
C ALA A 182 -2.08 -9.73 19.56
N VAL A 183 -2.53 -10.83 20.17
CA VAL A 183 -2.27 -12.14 19.56
C VAL A 183 -2.92 -12.22 18.18
N LEU A 184 -4.16 -11.73 18.07
CA LEU A 184 -4.89 -11.78 16.80
C LEU A 184 -4.40 -10.75 15.79
N PHE A 185 -4.07 -9.54 16.25
CA PHE A 185 -3.76 -8.43 15.34
C PHE A 185 -2.29 -8.38 14.93
N ARG A 186 -1.38 -8.96 15.74
CA ARG A 186 0.05 -8.98 15.41
C ARG A 186 0.62 -7.57 15.19
N PRO A 187 0.49 -6.67 16.17
CA PRO A 187 1.09 -5.34 15.99
C PRO A 187 2.59 -5.45 15.87
N LYS A 188 3.16 -4.57 15.05
CA LYS A 188 4.62 -4.43 15.03
C LYS A 188 5.10 -3.37 16.00
N LEU A 189 4.19 -2.55 16.55
CA LEU A 189 4.55 -1.53 17.52
C LEU A 189 3.33 -1.31 18.40
N ILE A 190 3.55 -1.18 19.72
CA ILE A 190 2.47 -0.90 20.66
C ILE A 190 2.82 0.38 21.40
N VAL A 191 1.86 1.33 21.46
CA VAL A 191 2.08 2.60 22.14
C VAL A 191 1.58 2.48 23.57
N ALA A 192 2.43 2.87 24.52
CA ALA A 192 2.08 2.97 25.93
C ALA A 192 2.13 4.46 26.27
N GLY A 193 1.02 5.14 26.07
CA GLY A 193 1.00 6.57 26.34
C GLY A 193 -0.39 7.13 26.17
N ALA A 194 -0.74 8.14 26.95
CA ALA A 194 -2.11 8.61 26.94
C ALA A 194 -2.14 10.10 27.16
N SER A 195 -3.27 10.70 26.81
CA SER A 195 -3.50 12.10 27.13
C SER A 195 -4.47 12.11 28.31
N ALA A 196 -5.73 11.79 28.05
CA ALA A 196 -6.77 11.87 29.08
C ALA A 196 -6.88 10.52 29.81
N TYR A 197 -5.86 10.23 30.62
CA TYR A 197 -5.81 9.04 31.48
C TYR A 197 -5.21 9.48 32.81
N ALA A 198 -5.89 9.19 33.90
CA ALA A 198 -5.49 9.67 35.21
C ALA A 198 -4.70 8.64 36.02
N ARG A 199 -4.33 7.50 35.43
CA ARG A 199 -3.65 6.46 36.19
C ARG A 199 -2.28 6.15 35.58
N LEU A 200 -1.45 5.50 36.39
CA LEU A 200 -0.11 5.11 35.93
C LEU A 200 -0.20 3.93 34.99
N TYR A 201 0.66 3.93 33.98
CA TYR A 201 0.72 2.81 33.04
C TYR A 201 1.38 1.60 33.67
N ASP A 202 0.89 0.40 33.31
CA ASP A 202 1.55 -0.84 33.67
C ASP A 202 2.57 -1.15 32.55
N TYR A 203 3.70 -0.44 32.61
CA TYR A 203 4.72 -0.61 31.58
C TYR A 203 5.28 -2.02 31.56
N ALA A 204 5.39 -2.66 32.74
CA ALA A 204 5.90 -4.02 32.78
C ALA A 204 5.01 -4.97 31.98
N ARG A 205 3.69 -4.80 32.09
CA ARG A 205 2.77 -5.66 31.35
C ARG A 205 2.87 -5.41 29.85
N ILE A 206 2.91 -4.14 29.44
CA ILE A 206 3.12 -3.82 28.03
C ILE A 206 4.41 -4.45 27.52
N ARG A 207 5.46 -4.41 28.35
CA ARG A 207 6.74 -4.98 27.94
C ARG A 207 6.62 -6.48 27.68
N LYS A 208 5.85 -7.18 28.52
CA LYS A 208 5.62 -8.61 28.33
C LYS A 208 4.87 -8.88 27.02
N VAL A 209 3.83 -8.09 26.74
CA VAL A 209 3.10 -8.25 25.48
C VAL A 209 4.01 -7.95 24.29
N CYS A 210 4.81 -6.88 24.38
CA CYS A 210 5.68 -6.54 23.25
C CYS A 210 6.72 -7.62 23.01
N ASN A 211 7.27 -8.21 24.09
CA ASN A 211 8.23 -9.29 23.93
C ASN A 211 7.60 -10.47 23.23
N LYS A 212 6.40 -10.88 23.67
CA LYS A 212 5.72 -12.01 23.06
C LYS A 212 5.42 -11.76 21.59
N GLN A 213 5.06 -10.52 21.24
CA GLN A 213 4.68 -10.19 19.88
C GLN A 213 5.85 -9.75 19.01
N LYS A 214 7.06 -9.68 19.57
CA LYS A 214 8.23 -9.08 18.91
C LYS A 214 7.87 -7.71 18.34
N ALA A 215 7.15 -6.92 19.13
CA ALA A 215 6.75 -5.58 18.76
C ALA A 215 7.60 -4.53 19.46
N VAL A 216 7.79 -3.39 18.80
CA VAL A 216 8.44 -2.24 19.43
C VAL A 216 7.55 -1.70 20.53
N MET A 217 8.12 -1.49 21.72
CA MET A 217 7.40 -0.79 22.79
C MET A 217 7.73 0.70 22.74
N LEU A 218 6.74 1.49 22.31
CA LEU A 218 6.88 2.95 22.27
C LEU A 218 6.11 3.52 23.47
N ALA A 219 6.82 4.19 24.38
CA ALA A 219 6.16 4.95 25.43
C ALA A 219 6.04 6.40 24.96
N ASP A 220 4.84 6.95 25.01
CA ASP A 220 4.62 8.36 24.67
C ASP A 220 4.26 9.08 25.96
N MET A 221 5.24 9.71 26.60
CA MET A 221 5.05 10.26 27.93
C MET A 221 4.80 11.76 27.93
N ALA A 222 4.28 12.33 26.83
CA ALA A 222 4.12 13.78 26.72
C ALA A 222 3.40 14.39 27.94
N HIS A 223 2.30 13.80 28.38
CA HIS A 223 1.55 14.42 29.47
C HIS A 223 2.29 14.32 30.80
N ILE A 224 3.18 13.34 30.97
CA ILE A 224 3.72 13.02 32.29
C ILE A 224 5.23 13.20 32.38
N SER A 225 5.88 13.73 31.32
CA SER A 225 7.35 13.69 31.28
C SER A 225 8.00 14.48 32.41
N GLY A 226 7.38 15.57 32.86
CA GLY A 226 7.94 16.30 33.99
C GLY A 226 7.87 15.51 35.28
N LEU A 227 6.79 14.76 35.47
CA LEU A 227 6.69 13.88 36.62
C LEU A 227 7.76 12.80 36.56
N VAL A 228 8.00 12.26 35.36
CA VAL A 228 9.04 11.24 35.18
C VAL A 228 10.42 11.81 35.47
N ALA A 229 10.73 12.99 34.91
CA ALA A 229 12.05 13.61 35.11
C ALA A 229 12.36 13.84 36.58
N ALA A 230 11.35 14.27 37.34
CA ALA A 230 11.53 14.54 38.77
C ALA A 230 11.56 13.27 39.60
N GLY A 231 11.24 12.12 39.01
CA GLY A 231 11.26 10.88 39.74
C GLY A 231 10.08 10.67 40.67
N VAL A 232 8.97 11.39 40.46
CA VAL A 232 7.84 11.28 41.38
C VAL A 232 6.81 10.26 40.93
N ILE A 233 6.93 9.71 39.72
CA ILE A 233 6.19 8.54 39.27
C ILE A 233 7.19 7.59 38.61
N PRO A 234 6.84 6.30 38.48
CA PRO A 234 7.74 5.35 37.80
C PRO A 234 8.05 5.76 36.35
N SER A 235 9.27 5.35 35.88
CA SER A 235 9.75 5.81 34.58
C SER A 235 9.45 4.82 33.47
N PRO A 236 8.96 5.26 32.31
CA PRO A 236 8.82 4.34 31.18
C PRO A 236 10.15 3.85 30.64
N PHE A 237 11.25 4.55 30.92
CA PHE A 237 12.56 4.13 30.44
C PHE A 237 13.02 2.81 31.06
N GLU A 238 12.42 2.40 32.18
CA GLU A 238 12.71 1.08 32.74
C GLU A 238 12.37 -0.05 31.77
N TYR A 239 11.43 0.17 30.83
CA TYR A 239 10.87 -0.89 30.00
C TYR A 239 10.87 -0.59 28.50
N ALA A 240 10.66 0.65 28.10
CA ALA A 240 10.35 0.94 26.70
C ALA A 240 11.58 0.79 25.79
N ASP A 241 11.31 0.51 24.51
CA ASP A 241 12.35 0.55 23.48
C ASP A 241 12.62 1.97 22.99
N VAL A 242 11.55 2.74 22.81
CA VAL A 242 11.58 4.10 22.30
C VAL A 242 10.65 4.91 23.19
N VAL A 243 11.02 6.16 23.46
CA VAL A 243 10.16 7.05 24.27
C VAL A 243 10.04 8.38 23.53
N THR A 244 8.82 8.80 23.24
CA THR A 244 8.59 10.13 22.68
C THR A 244 7.98 11.03 23.75
N THR A 245 8.16 12.33 23.56
CA THR A 245 7.52 13.29 24.46
C THR A 245 7.50 14.64 23.78
N THR A 246 6.51 15.43 24.16
CA THR A 246 6.60 16.87 23.96
C THR A 246 7.60 17.44 24.95
N THR A 247 8.06 18.66 24.66
CA THR A 247 8.93 19.33 25.62
C THR A 247 8.19 20.39 26.42
N HIS A 248 6.98 20.70 26.02
CA HIS A 248 6.10 21.56 26.77
C HIS A 248 5.27 20.67 27.71
N1 LLP A 249 1.21 12.56 22.35
C2 LLP A 249 0.61 12.80 23.53
C2' LLP A 249 0.38 11.64 24.53
C3 LLP A 249 0.21 14.09 23.83
O3 LLP A 249 -0.41 14.32 25.05
C4 LLP A 249 0.41 15.14 22.97
C4' LLP A 249 -0.01 16.53 23.40
C5 LLP A 249 1.02 14.86 21.76
C6 LLP A 249 1.41 13.56 21.49
C5' LLP A 249 1.27 15.86 20.63
OP4 LLP A 249 2.06 16.97 20.86
P LLP A 249 1.78 18.27 19.92
OP1 LLP A 249 2.91 19.19 20.29
OP2 LLP A 249 0.43 18.85 20.32
OP3 LLP A 249 1.75 17.82 18.47
N LLP A 249 4.02 21.01 27.98
CA LLP A 249 3.20 20.26 28.95
CB LLP A 249 2.80 18.87 28.41
CG LLP A 249 2.09 19.04 27.07
CD LLP A 249 1.38 17.74 26.64
CE LLP A 249 0.49 17.97 25.39
NZ LLP A 249 0.51 16.78 24.55
C LLP A 249 3.92 20.14 30.31
O LLP A 249 4.54 21.13 30.75
N SER A 250 3.86 18.99 30.98
CA SER A 250 4.37 18.98 32.36
C SER A 250 5.91 19.14 32.46
N LEU A 251 6.65 18.90 31.37
CA LEU A 251 8.09 19.15 31.41
C LEU A 251 8.39 20.63 31.61
N ARG A 252 7.49 21.51 31.14
CA ARG A 252 7.54 22.96 31.32
C ARG A 252 8.62 23.60 30.44
N GLY A 253 8.86 23.02 29.28
CA GLY A 253 9.84 23.56 28.36
C GLY A 253 9.21 24.27 27.18
N PRO A 254 10.01 24.57 26.17
CA PRO A 254 9.46 25.20 24.95
C PRO A 254 8.60 24.21 24.18
N ARG A 255 7.88 24.71 23.18
CA ARG A 255 7.07 23.81 22.34
C ARG A 255 7.98 23.07 21.39
N GLY A 256 8.04 21.76 21.55
CA GLY A 256 8.96 20.96 20.77
C GLY A 256 8.79 19.51 21.18
N ALA A 257 9.80 18.69 20.90
CA ALA A 257 9.66 17.27 21.21
C ALA A 257 11.04 16.63 21.31
N MET A 258 11.07 15.45 21.92
CA MET A 258 12.27 14.62 21.96
C MET A 258 11.89 13.20 21.62
N ILE A 259 12.83 12.47 20.99
CA ILE A 259 12.68 11.04 20.75
C ILE A 259 13.88 10.35 21.36
N PHE A 260 13.64 9.47 22.34
CA PHE A 260 14.68 8.66 22.98
C PHE A 260 14.62 7.23 22.47
N PHE A 261 15.76 6.57 22.39
CA PHE A 261 15.76 5.21 21.86
C PHE A 261 16.90 4.41 22.47
N ARG A 262 16.66 3.11 22.65
CA ARG A 262 17.75 2.24 23.09
C ARG A 262 18.80 2.13 22.00
N LYS A 263 20.04 1.90 22.43
CA LYS A 263 21.16 1.71 21.53
C LYS A 263 22.16 0.79 22.20
N GLY A 264 23.11 0.30 21.41
CA GLY A 264 24.10 -0.60 21.95
C GLY A 264 23.60 -2.03 22.02
N LEU A 265 24.22 -2.79 22.91
CA LEU A 265 23.94 -4.21 23.02
C LEU A 265 22.50 -4.45 23.46
N LYS A 266 21.78 -5.29 22.73
CA LYS A 266 20.46 -5.71 23.15
C LYS A 266 20.49 -7.05 23.86
N GLU A 267 21.13 -8.04 23.27
CA GLU A 267 21.11 -9.41 23.78
C GLU A 267 22.15 -10.23 23.03
N ILE A 268 22.32 -11.47 23.47
CA ILE A 268 23.20 -12.45 22.85
C ILE A 268 22.34 -13.48 22.13
N ASN A 269 22.72 -13.82 20.89
CA ASN A 269 21.95 -14.78 20.11
C ASN A 269 22.32 -16.20 20.54
N LYS A 270 21.81 -17.19 19.81
CA LYS A 270 22.11 -18.59 20.12
C LYS A 270 23.54 -18.97 19.78
N GLN A 271 24.19 -18.23 18.87
CA GLN A 271 25.56 -18.53 18.48
C GLN A 271 26.59 -17.75 19.30
N GLY A 272 26.18 -17.15 20.41
CA GLY A 272 27.09 -16.35 21.20
C GLY A 272 27.50 -15.04 20.56
N LYS A 273 26.81 -14.61 19.50
CA LYS A 273 27.10 -13.34 18.86
C LYS A 273 26.22 -12.25 19.47
N GLU A 274 26.77 -11.05 19.58
CA GLU A 274 26.02 -9.94 20.12
C GLU A 274 24.96 -9.48 19.13
N VAL A 275 23.82 -9.05 19.65
CA VAL A 275 22.75 -8.46 18.86
C VAL A 275 22.58 -7.03 19.35
N MET A 276 22.74 -6.07 18.44
CA MET A 276 22.66 -4.65 18.77
C MET A 276 21.26 -4.11 18.50
N TYR A 277 20.86 -3.11 19.27
CA TYR A 277 19.64 -2.39 18.94
C TYR A 277 19.78 -1.70 17.60
N ASP A 278 18.65 -1.57 16.89
CA ASP A 278 18.61 -1.03 15.54
C ASP A 278 17.51 0.03 15.45
N TYR A 279 17.60 1.04 16.33
CA TYR A 279 16.67 2.17 16.35
C TYR A 279 17.32 3.50 15.99
N GLU A 280 18.56 3.69 16.43
CA GLU A 280 19.16 5.03 16.42
C GLU A 280 19.30 5.59 15.01
N ASP A 281 20.00 4.85 14.13
CA ASP A 281 20.18 5.36 12.77
C ASP A 281 18.85 5.53 12.05
N ARG A 282 17.93 4.56 12.22
CA ARG A 282 16.64 4.63 11.54
C ARG A 282 15.85 5.85 12.00
N ILE A 283 15.83 6.12 13.31
CA ILE A 283 15.07 7.25 13.81
C ILE A 283 15.72 8.58 13.41
N ASN A 284 17.03 8.68 13.58
CA ASN A 284 17.69 9.93 13.17
C ASN A 284 17.48 10.20 11.69
N GLN A 285 17.56 9.16 10.84
CA GLN A 285 17.36 9.38 9.41
C GLN A 285 15.91 9.66 9.06
N ALA A 286 14.94 9.13 9.81
CA ALA A 286 13.55 9.50 9.54
C ALA A 286 13.31 10.97 9.83
N VAL A 287 13.91 11.49 10.91
CA VAL A 287 13.77 12.91 11.23
C VAL A 287 14.41 13.75 10.14
N PHE A 288 15.67 13.45 9.80
CA PHE A 288 16.34 14.13 8.70
C PHE A 288 17.31 13.12 8.10
N PRO A 289 17.26 12.86 6.78
CA PRO A 289 16.55 13.60 5.72
C PRO A 289 15.13 13.15 5.41
N GLY A 290 14.57 12.28 6.25
CA GLY A 290 13.29 11.66 5.89
C GLY A 290 12.13 12.63 5.82
N LEU A 291 11.92 13.40 6.90
CA LEU A 291 10.66 14.12 7.07
C LEU A 291 10.80 15.61 7.42
N GLN A 292 11.90 16.04 7.99
CA GLN A 292 12.09 17.44 8.35
C GLN A 292 13.26 18.00 7.58
N GLY A 293 13.38 19.33 7.64
CA GLY A 293 14.51 20.04 7.05
C GLY A 293 15.38 20.67 8.13
N GLY A 294 15.52 21.99 8.10
CA GLY A 294 16.41 22.63 9.05
C GLY A 294 15.86 22.55 10.46
N PRO A 295 16.72 22.17 11.42
CA PRO A 295 16.32 22.20 12.84
C PRO A 295 15.98 23.61 13.30
N HIS A 296 15.08 23.70 14.28
CA HIS A 296 14.73 24.98 14.88
C HIS A 296 15.64 25.21 16.08
N ASN A 297 16.79 25.83 15.82
CA ASN A 297 17.84 25.93 16.83
C ASN A 297 17.44 26.84 18.00
N HIS A 298 16.54 27.79 17.78
CA HIS A 298 16.08 28.59 18.91
C HIS A 298 15.31 27.71 19.89
N THR A 299 14.47 26.82 19.37
CA THR A 299 13.73 25.90 20.24
C THR A 299 14.68 24.92 20.92
N ILE A 300 15.63 24.37 20.18
CA ILE A 300 16.58 23.42 20.78
C ILE A 300 17.36 24.10 21.90
N THR A 301 17.73 25.36 21.71
CA THR A 301 18.49 26.10 22.73
C THR A 301 17.62 26.31 23.97
N GLY A 302 16.37 26.72 23.79
CA GLY A 302 15.46 26.83 24.92
C GLY A 302 15.20 25.49 25.59
N LEU A 303 15.15 24.41 24.80
CA LEU A 303 14.99 23.09 25.40
C LEU A 303 16.17 22.76 26.31
N ALA A 304 17.39 23.10 25.89
CA ALA A 304 18.55 22.85 26.76
C ALA A 304 18.38 23.56 28.10
N VAL A 305 17.85 24.78 28.07
CA VAL A 305 17.58 25.52 29.31
C VAL A 305 16.57 24.77 30.16
N ALA A 306 15.47 24.34 29.54
CA ALA A 306 14.42 23.68 30.29
C ALA A 306 14.90 22.37 30.91
N LEU A 307 15.80 21.65 30.22
CA LEU A 307 16.26 20.37 30.73
C LEU A 307 17.21 20.54 31.91
N LYS A 308 18.00 21.63 31.92
CA LYS A 308 18.77 21.96 33.11
C LYS A 308 17.86 22.26 34.30
N GLN A 309 16.77 23.00 34.07
CA GLN A 309 15.84 23.32 35.16
C GLN A 309 15.18 22.07 35.71
N ALA A 310 14.99 21.05 34.87
CA ALA A 310 14.32 19.82 35.29
C ALA A 310 15.13 19.04 36.31
N ARG A 311 16.42 19.34 36.48
CA ARG A 311 17.29 18.61 37.41
C ARG A 311 17.25 19.15 38.83
N THR A 312 16.67 20.32 39.08
CA THR A 312 16.86 20.98 40.36
C THR A 312 15.95 20.42 41.45
N PRO A 313 16.33 20.59 42.72
CA PRO A 313 15.41 20.23 43.82
C PRO A 313 14.09 20.98 43.76
N GLU A 314 14.11 22.25 43.32
CA GLU A 314 12.88 23.02 43.25
C GLU A 314 11.94 22.45 42.20
N TYR A 315 12.48 21.88 41.12
CA TYR A 315 11.63 21.27 40.11
C TYR A 315 10.98 20.00 40.63
N LYS A 316 11.73 19.21 41.41
CA LYS A 316 11.12 18.04 42.01
C LYS A 316 10.04 18.43 43.03
N ALA A 317 10.32 19.47 43.84
CA ALA A 317 9.30 19.95 44.76
C ALA A 317 8.05 20.39 44.01
N TYR A 318 8.23 21.07 42.87
CA TYR A 318 7.10 21.46 42.03
C TYR A 318 6.31 20.24 41.58
N GLN A 319 6.99 19.21 41.07
CA GLN A 319 6.23 18.07 40.54
C GLN A 319 5.55 17.28 41.66
N ASP A 320 6.19 17.20 42.82
CA ASP A 320 5.52 16.57 43.96
C ASP A 320 4.25 17.33 44.32
N GLN A 321 4.32 18.67 44.24
CA GLN A 321 3.16 19.49 44.55
C GLN A 321 2.06 19.30 43.50
N VAL A 322 2.46 19.12 42.22
CA VAL A 322 1.48 18.84 41.17
C VAL A 322 0.65 17.63 41.55
N LEU A 323 1.32 16.56 42.01
CA LEU A 323 0.62 15.33 42.41
C LEU A 323 -0.27 15.57 43.61
N ARG A 324 0.25 16.19 44.67
CA ARG A 324 -0.55 16.39 45.87
C ARG A 324 -1.75 17.28 45.58
N ASN A 325 -1.56 18.31 44.74
CA ASN A 325 -2.68 19.19 44.37
C ASN A 325 -3.75 18.41 43.62
N CYS A 326 -3.35 17.53 42.71
CA CYS A 326 -4.36 16.82 41.95
C CYS A 326 -5.12 15.87 42.85
N SER A 327 -4.44 15.22 43.80
N SER A 327 -4.43 15.23 43.80
CA SER A 327 -5.12 14.34 44.73
CA SER A 327 -5.11 14.33 44.73
C SER A 327 -6.17 15.10 45.54
C SER A 327 -6.15 15.09 45.56
N LYS A 328 -5.82 16.28 46.03
CA LYS A 328 -6.78 17.06 46.81
C LYS A 328 -7.92 17.56 45.93
N PHE A 329 -7.60 17.97 44.70
CA PHE A 329 -8.60 18.36 43.72
C PHE A 329 -9.60 17.22 43.49
N ALA A 330 -9.09 16.02 43.19
CA ALA A 330 -9.94 14.85 43.03
C ALA A 330 -10.79 14.59 44.26
N GLU A 331 -10.18 14.61 45.45
CA GLU A 331 -10.90 14.36 46.69
C GLU A 331 -12.06 15.35 46.86
N THR A 332 -11.80 16.62 46.56
CA THR A 332 -12.81 17.66 46.73
C THR A 332 -13.94 17.51 45.70
N LEU A 333 -13.59 17.27 44.43
CA LEU A 333 -14.61 16.99 43.42
C LEU A 333 -15.49 15.81 43.83
N LEU A 334 -14.89 14.73 44.32
CA LEU A 334 -15.69 13.57 44.74
C LEU A 334 -16.61 13.95 45.90
N ALA A 335 -16.09 14.71 46.85
CA ALA A 335 -16.91 15.11 48.00
C ALA A 335 -18.08 15.96 47.55
N LYS A 336 -17.91 16.76 46.49
CA LYS A 336 -19.00 17.58 45.96
C LYS A 336 -19.92 16.81 45.01
N GLY A 337 -19.71 15.51 44.87
CA GLY A 337 -20.66 14.66 44.19
C GLY A 337 -20.29 14.34 42.76
N TYR A 338 -19.12 14.78 42.28
CA TYR A 338 -18.73 14.48 40.91
C TYR A 338 -18.21 13.05 40.81
N ASP A 339 -18.39 12.48 39.63
CA ASP A 339 -17.83 11.17 39.30
C ASP A 339 -16.57 11.38 38.49
N LEU A 340 -15.54 10.60 38.80
CA LEU A 340 -14.27 10.66 38.08
C LEU A 340 -14.05 9.34 37.34
N VAL A 341 -13.59 9.43 36.09
CA VAL A 341 -13.25 8.21 35.37
C VAL A 341 -12.09 7.55 36.07
N SER A 342 -12.24 6.26 36.37
CA SER A 342 -11.36 5.40 37.17
C SER A 342 -11.46 5.71 38.65
N GLY A 343 -12.32 6.66 39.04
CA GLY A 343 -12.60 6.91 40.43
C GLY A 343 -11.63 7.81 41.15
N GLY A 344 -10.63 8.37 40.46
CA GLY A 344 -9.63 9.18 41.13
C GLY A 344 -8.46 9.44 40.21
N THR A 345 -7.29 9.65 40.81
CA THR A 345 -6.10 10.00 40.02
C THR A 345 -4.83 9.51 40.71
N ASP A 346 -3.83 9.20 39.88
CA ASP A 346 -2.45 9.00 40.34
C ASP A 346 -1.47 9.94 39.66
N ASN A 347 -1.96 10.93 38.92
CA ASN A 347 -1.05 11.82 38.22
C ASN A 347 -1.56 13.27 38.31
N HIS A 348 -1.36 14.04 37.24
CA HIS A 348 -1.57 15.47 37.22
C HIS A 348 -2.97 15.88 36.77
N LEU A 349 -3.85 14.93 36.42
CA LEU A 349 -5.16 15.35 35.92
C LEU A 349 -6.28 14.51 36.50
N VAL A 350 -7.50 14.99 36.28
CA VAL A 350 -8.72 14.26 36.60
C VAL A 350 -9.63 14.31 35.39
N LEU A 351 -10.52 13.32 35.29
CA LEU A 351 -11.49 13.20 34.21
C LEU A 351 -12.86 13.14 34.84
N VAL A 352 -13.63 14.21 34.72
CA VAL A 352 -14.97 14.28 35.31
C VAL A 352 -15.98 13.75 34.33
N ASN A 353 -16.79 12.78 34.78
CA ASN A 353 -17.90 12.25 33.98
C ASN A 353 -19.15 12.91 34.53
N LEU A 354 -19.74 13.82 33.75
CA LEU A 354 -20.86 14.63 34.24
C LEU A 354 -22.22 13.94 34.18
N LYS A 355 -22.29 12.66 33.77
CA LYS A 355 -23.58 12.04 33.48
C LYS A 355 -24.51 12.10 34.70
N ASN A 356 -23.95 11.88 35.90
CA ASN A 356 -24.78 11.84 37.10
C ASN A 356 -25.34 13.21 37.45
N LYS A 357 -24.76 14.29 36.92
CA LYS A 357 -25.26 15.63 37.16
C LYS A 357 -26.35 16.05 36.18
N GLY A 358 -26.56 15.28 35.11
CA GLY A 358 -27.61 15.58 34.16
C GLY A 358 -27.29 16.69 33.18
N ILE A 359 -26.03 16.87 32.82
CA ILE A 359 -25.63 17.92 31.88
C ILE A 359 -24.33 17.47 31.22
N ASP A 360 -24.10 17.92 29.99
CA ASP A 360 -22.93 17.48 29.23
C ASP A 360 -21.80 18.51 29.32
N GLY A 361 -20.62 18.08 28.86
CA GLY A 361 -19.44 18.93 28.98
C GLY A 361 -19.47 20.15 28.09
N SER A 362 -20.20 20.09 26.97
CA SER A 362 -20.27 21.27 26.11
C SER A 362 -20.98 22.42 26.80
N ARG A 363 -22.08 22.14 27.50
CA ARG A 363 -22.80 23.18 28.23
C ARG A 363 -21.98 23.70 29.40
N VAL A 364 -21.35 22.81 30.17
CA VAL A 364 -20.55 23.26 31.29
C VAL A 364 -19.36 24.08 30.82
N GLU A 365 -18.66 23.63 29.78
CA GLU A 365 -17.47 24.36 29.33
C GLU A 365 -17.81 25.77 28.86
N LYS A 366 -19.02 25.99 28.34
CA LYS A 366 -19.42 27.34 27.94
C LYS A 366 -19.47 28.27 29.15
N VAL A 367 -20.03 27.79 30.26
CA VAL A 367 -20.04 28.58 31.49
C VAL A 367 -18.62 28.78 32.00
N LEU A 368 -17.81 27.71 32.02
CA LEU A 368 -16.44 27.82 32.50
C LEU A 368 -15.69 28.90 31.75
N GLU A 369 -15.83 28.95 30.43
CA GLU A 369 -15.15 29.95 29.62
C GLU A 369 -15.55 31.36 30.06
N LEU A 370 -16.84 31.58 30.31
CA LEU A 370 -17.31 32.91 30.66
C LEU A 370 -16.90 33.33 32.06
N VAL A 371 -16.54 32.38 32.94
CA VAL A 371 -16.05 32.73 34.28
C VAL A 371 -14.53 32.58 34.37
N HIS A 372 -13.86 32.49 33.22
CA HIS A 372 -12.40 32.47 33.11
C HIS A 372 -11.78 31.25 33.78
N ILE A 373 -12.47 30.11 33.66
CA ILE A 373 -11.91 28.80 33.98
C ILE A 373 -11.67 28.10 32.64
N ALA A 374 -10.40 27.86 32.28
CA ALA A 374 -10.07 27.19 31.03
C ALA A 374 -9.89 25.70 31.27
N ALA A 375 -10.74 24.88 30.63
CA ALA A 375 -10.67 23.43 30.71
C ALA A 375 -10.90 22.91 29.31
N ASN A 376 -11.04 21.60 29.17
CA ASN A 376 -11.57 21.16 27.88
C ASN A 376 -12.59 20.05 28.11
N LYS A 377 -13.64 20.08 27.29
CA LYS A 377 -14.63 19.02 27.21
C LYS A 377 -13.96 17.73 26.75
N ASN A 378 -14.47 16.60 27.23
CA ASN A 378 -13.82 15.32 26.97
C ASN A 378 -14.81 14.17 26.86
N THR A 379 -14.63 13.34 25.83
CA THR A 379 -15.36 12.08 25.75
C THR A 379 -15.10 11.27 27.01
N VAL A 380 -16.14 10.59 27.49
CA VAL A 380 -16.03 9.71 28.65
C VAL A 380 -16.64 8.36 28.27
N PRO A 381 -16.24 7.29 28.98
CA PRO A 381 -16.86 5.97 28.73
C PRO A 381 -18.36 6.02 28.91
N GLY A 382 -19.08 5.44 27.95
CA GLY A 382 -20.53 5.48 27.90
C GLY A 382 -21.11 6.52 26.97
N ASP A 383 -20.27 7.39 26.39
CA ASP A 383 -20.75 8.43 25.48
C ASP A 383 -21.27 7.80 24.19
N VAL A 384 -22.44 8.26 23.76
CA VAL A 384 -23.00 7.78 22.50
C VAL A 384 -22.38 8.51 21.31
N SER A 385 -22.43 9.84 21.32
CA SER A 385 -21.93 10.66 20.23
C SER A 385 -20.54 11.18 20.56
N ALA A 386 -19.64 11.09 19.58
CA ALA A 386 -18.30 11.66 19.78
C ALA A 386 -18.34 13.18 19.82
N MET A 387 -19.35 13.79 19.19
CA MET A 387 -19.49 15.23 19.13
C MET A 387 -20.31 15.81 20.29
N VAL A 388 -20.77 14.98 21.22
CA VAL A 388 -21.41 15.47 22.43
C VAL A 388 -20.67 14.88 23.64
N PRO A 389 -19.52 15.45 24.02
CA PRO A 389 -18.73 14.85 25.11
C PRO A 389 -19.42 14.97 26.46
N GLY A 390 -19.39 13.89 27.22
CA GLY A 390 -20.03 13.87 28.52
C GLY A 390 -19.14 14.26 29.67
N GLY A 391 -17.92 14.74 29.40
CA GLY A 391 -16.96 14.96 30.46
C GLY A 391 -16.17 16.24 30.32
N ILE A 392 -15.43 16.52 31.39
CA ILE A 392 -14.52 17.67 31.49
C ILE A 392 -13.20 17.17 32.04
N ARG A 393 -12.10 17.57 31.38
CA ARG A 393 -10.74 17.19 31.76
C ARG A 393 -10.08 18.40 32.41
N MET A 394 -9.51 18.23 33.61
CA MET A 394 -8.84 19.32 34.32
C MET A 394 -7.57 18.84 34.99
N GLY A 395 -6.61 19.75 35.20
CA GLY A 395 -5.36 19.31 35.79
C GLY A 395 -4.66 20.42 36.53
N THR A 396 -3.59 20.02 37.23
CA THR A 396 -2.86 20.95 38.10
C THR A 396 -1.51 21.53 37.66
N PRO A 397 -0.85 21.09 36.55
CA PRO A 397 0.51 21.66 36.28
C PRO A 397 0.57 23.19 36.22
N ALA A 398 -0.36 23.84 35.53
CA ALA A 398 -0.18 25.27 35.26
C ALA A 398 -0.37 26.10 36.52
N LEU A 399 -1.46 25.87 37.27
CA LEU A 399 -1.65 26.70 38.45
C LEU A 399 -0.68 26.33 39.56
N THR A 400 -0.21 25.07 39.60
CA THR A 400 0.84 24.74 40.55
C THR A 400 2.11 25.52 40.25
N SER A 401 2.38 25.78 38.96
CA SER A 401 3.56 26.58 38.62
C SER A 401 3.47 27.98 39.21
N ARG A 402 2.26 28.49 39.39
CA ARG A 402 2.03 29.80 39.97
C ARG A 402 1.99 29.76 41.49
N GLY A 403 2.13 28.56 42.08
CA GLY A 403 2.18 28.45 43.52
C GLY A 403 0.89 28.01 44.19
N PHE A 404 -0.12 27.60 43.44
CA PHE A 404 -1.30 26.99 44.07
C PHE A 404 -0.86 25.77 44.88
N ILE A 405 -1.43 25.62 46.09
CA ILE A 405 -1.18 24.43 46.91
C ILE A 405 -2.52 23.75 47.17
N GLU A 406 -2.55 22.75 48.07
CA GLU A 406 -3.72 21.87 48.13
C GLU A 406 -4.99 22.63 48.45
N GLU A 407 -4.94 23.52 49.44
CA GLU A 407 -6.16 24.25 49.81
C GLU A 407 -6.64 25.14 48.66
N ASP A 408 -5.72 25.57 47.79
CA ASP A 408 -6.13 26.36 46.63
C ASP A 408 -6.87 25.51 45.62
N PHE A 409 -6.43 24.27 45.41
CA PHE A 409 -7.18 23.42 44.50
C PHE A 409 -8.49 22.93 45.11
N ALA A 410 -8.60 22.88 46.44
CA ALA A 410 -9.93 22.69 47.02
C ALA A 410 -10.87 23.84 46.63
N LYS A 411 -10.35 25.08 46.59
CA LYS A 411 -11.18 26.20 46.14
C LYS A 411 -11.48 26.12 44.64
N VAL A 412 -10.49 25.71 43.83
CA VAL A 412 -10.75 25.53 42.40
C VAL A 412 -11.94 24.59 42.21
N ALA A 413 -11.96 23.48 42.95
CA ALA A 413 -13.08 22.54 42.82
C ALA A 413 -14.39 23.20 43.21
N GLU A 414 -14.38 24.03 44.26
CA GLU A 414 -15.59 24.76 44.63
C GLU A 414 -16.08 25.63 43.49
N TYR A 415 -15.17 26.40 42.87
CA TYR A 415 -15.61 27.33 41.82
C TYR A 415 -16.06 26.58 40.57
N PHE A 416 -15.43 25.44 40.26
CA PHE A 416 -15.95 24.56 39.21
C PHE A 416 -17.38 24.14 39.50
N ASP A 417 -17.63 23.68 40.73
CA ASP A 417 -18.98 23.26 41.13
C ASP A 417 -19.98 24.41 41.00
N LEU A 418 -19.60 25.62 41.39
CA LEU A 418 -20.51 26.75 41.24
C LEU A 418 -20.84 27.00 39.76
N ALA A 419 -19.85 26.81 38.88
CA ALA A 419 -20.09 26.96 37.45
C ALA A 419 -21.04 25.90 36.92
N VAL A 420 -20.88 24.64 37.37
CA VAL A 420 -21.79 23.59 36.95
C VAL A 420 -23.20 23.90 37.41
N LYS A 421 -23.35 24.40 38.63
CA LYS A 421 -24.68 24.76 39.12
C LYS A 421 -25.30 25.87 38.28
N ILE A 422 -24.50 26.83 37.82
CA ILE A 422 -25.05 27.85 36.93
C ILE A 422 -25.48 27.21 35.62
N ALA A 423 -24.64 26.34 35.05
CA ALA A 423 -24.99 25.63 33.83
C ALA A 423 -26.30 24.88 33.97
N LEU A 424 -26.50 24.22 35.12
CA LEU A 424 -27.75 23.51 35.34
C LEU A 424 -28.94 24.48 35.37
N LYS A 425 -28.74 25.67 35.93
CA LYS A 425 -29.81 26.67 35.93
C LYS A 425 -30.13 27.14 34.51
N ILE A 426 -29.10 27.37 33.70
CA ILE A 426 -29.31 27.78 32.30
C ILE A 426 -30.12 26.71 31.56
N LYS A 427 -29.75 25.45 31.74
CA LYS A 427 -30.49 24.35 31.11
C LYS A 427 -31.94 24.32 31.57
N ALA A 428 -32.18 24.52 32.87
CA ALA A 428 -33.54 24.51 33.39
C ALA A 428 -34.38 25.67 32.87
N GLU A 429 -33.74 26.77 32.46
CA GLU A 429 -34.46 27.91 31.92
C GLU A 429 -34.59 27.88 30.40
N SER A 430 -33.88 27.00 29.72
CA SER A 430 -33.93 26.93 28.27
C SER A 430 -35.22 26.25 27.82
N GLN A 431 -35.85 26.81 26.79
CA GLN A 431 -37.04 26.20 26.22
C GLN A 431 -36.67 24.89 25.54
N GLY A 432 -35.92 24.98 24.44
CA GLY A 432 -35.50 23.80 23.72
C GLY A 432 -34.46 23.00 24.49
N THR A 433 -34.12 21.85 23.91
CA THR A 433 -33.05 21.01 24.42
C THR A 433 -31.80 21.04 23.56
N LYS A 434 -31.80 21.82 22.48
CA LYS A 434 -30.59 21.93 21.67
C LYS A 434 -29.61 22.89 22.31
N LEU A 435 -28.35 22.76 21.91
CA LEU A 435 -27.30 23.59 22.49
C LEU A 435 -27.49 25.06 22.11
N LYS A 436 -28.06 25.34 20.94
CA LYS A 436 -28.32 26.73 20.57
C LYS A 436 -29.38 27.36 21.49
N ASP A 437 -30.32 26.56 22.00
CA ASP A 437 -31.28 27.09 22.96
C ASP A 437 -30.61 27.38 24.30
N PHE A 438 -29.67 26.53 24.71
CA PHE A 438 -28.89 26.79 25.91
C PHE A 438 -28.11 28.08 25.78
N VAL A 439 -27.42 28.27 24.65
CA VAL A 439 -26.58 29.45 24.43
C VAL A 439 -27.43 30.72 24.43
N ALA A 440 -28.61 30.66 23.80
CA ALA A 440 -29.48 31.84 23.75
C ALA A 440 -29.94 32.24 25.15
N THR A 441 -30.30 31.27 25.98
CA THR A 441 -30.61 31.56 27.38
C THR A 441 -29.39 32.15 28.09
N MET A 442 -28.22 31.56 27.85
CA MET A 442 -26.97 32.00 28.48
C MET A 442 -26.63 33.44 28.13
N GLN A 443 -27.18 33.97 27.05
CA GLN A 443 -26.86 35.31 26.58
C GLN A 443 -28.01 36.28 26.71
N SER A 444 -29.19 35.83 27.14
CA SER A 444 -30.33 36.73 27.29
C SER A 444 -30.89 36.78 28.71
N ASN A 445 -30.48 35.88 29.61
CA ASN A 445 -31.03 35.83 30.96
C ASN A 445 -30.19 36.73 31.86
N GLU A 446 -30.77 37.84 32.30
CA GLU A 446 -30.03 38.83 33.06
C GLU A 446 -29.63 38.29 34.43
N LYS A 447 -30.52 37.52 35.08
CA LYS A 447 -30.18 36.95 36.39
C LYS A 447 -28.97 36.03 36.29
N LEU A 448 -28.96 35.14 35.31
CA LEU A 448 -27.87 34.18 35.19
C LEU A 448 -26.60 34.82 34.66
N GLN A 449 -26.72 35.85 33.82
CA GLN A 449 -25.55 36.65 33.44
C GLN A 449 -24.91 37.27 34.67
N SER A 450 -25.73 37.76 35.60
CA SER A 450 -25.20 38.34 36.83
C SER A 450 -24.50 37.29 37.68
N GLU A 451 -25.07 36.09 37.77
CA GLU A 451 -24.40 35.04 38.52
C GLU A 451 -23.07 34.67 37.88
N MET A 452 -23.01 34.65 36.55
CA MET A 452 -21.76 34.34 35.89
C MET A 452 -20.74 35.45 36.11
N SER A 453 -21.18 36.71 36.05
CA SER A 453 -20.31 37.84 36.33
C SER A 453 -19.72 37.76 37.74
N LYS A 454 -20.55 37.39 38.73
CA LYS A 454 -20.08 37.28 40.11
C LYS A 454 -19.06 36.16 40.28
N LEU A 455 -19.32 35.00 39.66
CA LEU A 455 -18.37 33.91 39.74
C LEU A 455 -17.08 34.25 39.00
N ARG A 456 -17.19 34.95 37.86
CA ARG A 456 -16.00 35.42 37.16
C ARG A 456 -15.13 36.28 38.06
N GLU A 457 -15.74 37.21 38.80
CA GLU A 457 -14.98 38.07 39.71
C GLU A 457 -14.33 37.24 40.82
N MET A 458 -15.03 36.22 41.32
CA MET A 458 -14.45 35.34 42.33
C MET A 458 -13.21 34.63 41.80
N VAL A 459 -13.31 34.10 40.58
CA VAL A 459 -12.18 33.38 39.99
C VAL A 459 -11.00 34.32 39.81
N GLU A 460 -11.25 35.48 39.19
CA GLU A 460 -10.17 36.41 38.91
C GLU A 460 -9.55 36.94 40.19
N GLU A 461 -10.36 37.26 41.20
CA GLU A 461 -9.80 37.73 42.46
C GLU A 461 -8.90 36.66 43.08
N TYR A 462 -9.28 35.40 42.97
CA TYR A 462 -8.46 34.33 43.56
C TYR A 462 -7.16 34.16 42.78
N ALA A 463 -7.23 34.10 41.46
CA ALA A 463 -6.05 33.82 40.65
C ALA A 463 -5.07 34.99 40.63
N LYS A 464 -5.58 36.23 40.66
CA LYS A 464 -4.69 37.38 40.51
C LYS A 464 -3.69 37.50 41.65
N GLN A 465 -3.98 36.96 42.83
CA GLN A 465 -3.07 37.13 43.96
C GLN A 465 -1.76 36.37 43.78
N PHE A 466 -1.73 35.37 42.91
CA PHE A 466 -0.56 34.53 42.77
C PHE A 466 0.45 35.19 41.82
N PRO A 467 1.74 34.82 41.93
CA PRO A 467 2.74 35.38 41.00
C PRO A 467 2.40 35.06 39.55
N THR A 468 2.84 35.96 38.67
CA THR A 468 2.84 35.70 37.25
C THR A 468 4.15 35.04 36.86
N ILE A 469 4.07 34.12 35.88
CA ILE A 469 5.22 33.34 35.44
C ILE A 469 5.66 33.85 34.07
N GLY A 470 6.92 34.28 33.99
CA GLY A 470 7.51 34.70 32.73
C GLY A 470 7.44 36.19 32.45
N PHE A 471 6.78 36.95 33.31
CA PHE A 471 6.71 38.40 33.17
C PHE A 471 6.33 38.96 34.52
N GLU A 472 6.59 40.26 34.71
CA GLU A 472 6.32 40.95 35.95
C GLU A 472 4.97 41.68 35.89
N LYS A 473 4.27 41.72 37.02
CA LYS A 473 2.97 42.38 37.08
C LYS A 473 3.08 43.87 36.82
N GLU A 474 4.15 44.52 37.29
CA GLU A 474 4.20 45.98 37.27
C GLU A 474 4.20 46.54 35.86
N THR A 475 4.68 45.78 34.88
CA THR A 475 4.76 46.30 33.51
C THR A 475 3.63 45.78 32.63
N MET A 476 2.62 45.12 33.19
CA MET A 476 1.44 44.71 32.42
C MET A 476 0.68 45.94 31.95
N ARG A 477 0.35 45.96 30.66
CA ARG A 477 -0.45 47.05 30.12
C ARG A 477 -1.88 47.02 30.65
N TYR A 478 -2.44 45.83 30.85
CA TYR A 478 -3.84 45.63 31.23
C TYR A 478 -3.90 45.10 32.66
N LYS A 479 -3.83 46.01 33.62
CA LYS A 479 -3.98 45.63 35.03
C LYS A 479 -5.43 45.62 35.49
N GLU A 480 -6.35 46.21 34.73
CA GLU A 480 -7.74 46.31 35.17
C GLU A 480 -8.71 45.60 34.24
N ARG B 7 9.12 26.86 46.94
CA ARG B 7 7.97 27.34 46.18
C ARG B 7 8.16 28.79 45.76
N SER B 8 8.43 29.67 46.73
CA SER B 8 9.05 30.94 46.39
C SER B 8 10.34 30.71 45.64
N SER B 9 11.01 29.59 45.93
CA SER B 9 12.24 29.23 45.25
C SER B 9 11.99 28.86 43.79
N TRP B 10 11.01 27.96 43.52
CA TRP B 10 10.83 27.58 42.11
C TRP B 10 10.17 28.69 41.31
N ILE B 11 9.38 29.56 41.95
CA ILE B 11 8.82 30.70 41.24
C ILE B 11 9.93 31.69 40.84
N LYS B 12 10.93 31.88 41.72
CA LYS B 12 12.06 32.75 41.40
C LYS B 12 12.86 32.23 40.21
N GLN B 13 13.04 30.91 40.14
CA GLN B 13 13.77 30.35 39.01
C GLN B 13 12.97 30.45 37.71
N LEU B 14 11.65 30.49 37.80
CA LEU B 14 10.86 30.65 36.59
C LEU B 14 10.93 32.07 36.04
N ASN B 15 11.26 33.05 36.87
CA ASN B 15 11.23 34.42 36.43
C ASN B 15 12.62 35.03 36.24
N ALA B 16 13.68 34.28 36.51
CA ALA B 16 15.03 34.79 36.38
C ALA B 16 15.48 34.81 34.92
N SER B 17 16.46 35.67 34.65
CA SER B 17 16.95 35.81 33.28
C SER B 17 17.80 34.61 32.88
N LEU B 18 17.99 34.47 31.57
CA LEU B 18 18.85 33.42 31.05
C LEU B 18 20.28 33.56 31.57
N ASP B 19 20.81 34.79 31.61
CA ASP B 19 22.14 35.03 32.17
C ASP B 19 22.30 34.42 33.54
N GLU B 20 21.27 34.54 34.39
CA GLU B 20 21.37 34.04 35.76
C GLU B 20 21.15 32.53 35.84
N ILE B 21 20.20 32.01 35.07
CA ILE B 21 19.79 30.61 35.19
C ILE B 21 20.77 29.69 34.47
N ASP B 22 21.23 30.08 33.28
CA ASP B 22 21.96 29.17 32.40
C ASP B 22 23.09 29.93 31.71
N PRO B 23 24.15 30.26 32.45
CA PRO B 23 25.24 31.02 31.83
C PRO B 23 25.91 30.29 30.67
N GLU B 24 25.93 28.95 30.67
CA GLU B 24 26.49 28.23 29.53
C GLU B 24 25.72 28.50 28.25
N VAL B 25 24.39 28.40 28.32
CA VAL B 25 23.58 28.68 27.14
C VAL B 25 23.69 30.16 26.75
N ALA B 26 23.65 31.05 27.74
CA ALA B 26 23.80 32.47 27.45
C ALA B 26 25.09 32.75 26.68
N ASP B 27 26.17 32.06 27.06
CA ASP B 27 27.45 32.27 26.39
C ASP B 27 27.44 31.72 24.97
N ILE B 28 26.76 30.59 24.74
CA ILE B 28 26.64 30.08 23.37
C ILE B 28 25.94 31.10 22.49
N ILE B 29 24.88 31.72 23.01
CA ILE B 29 24.16 32.72 22.21
C ILE B 29 25.04 33.93 21.94
N GLU B 30 25.81 34.38 22.93
CA GLU B 30 26.76 35.49 22.69
C GLU B 30 27.81 35.11 21.63
N LEU B 31 28.31 33.88 21.66
CA LEU B 31 29.25 33.45 20.62
C LEU B 31 28.59 33.46 19.24
N GLU B 32 27.34 33.03 19.17
CA GLU B 32 26.62 33.06 17.90
C GLU B 32 26.35 34.49 17.43
N LYS B 33 26.06 35.41 18.36
CA LYS B 33 25.89 36.81 17.98
C LYS B 33 27.15 37.36 17.32
N ALA B 34 28.31 37.08 17.92
CA ALA B 34 29.57 37.52 17.34
C ALA B 34 29.80 36.88 15.97
N ARG B 35 29.43 35.62 15.82
CA ARG B 35 29.63 34.96 14.52
C ARG B 35 28.78 35.62 13.44
N GLN B 36 27.54 36.00 13.76
CA GLN B 36 26.69 36.69 12.81
C GLN B 36 27.14 38.13 12.55
N TRP B 37 27.92 38.70 13.47
CA TRP B 37 28.47 40.04 13.29
C TRP B 37 29.64 40.05 12.31
N LYS B 38 30.50 39.04 12.38
CA LYS B 38 31.83 39.07 11.79
C LYS B 38 31.95 38.30 10.49
N GLY B 39 30.89 37.65 10.02
CA GLY B 39 31.05 36.80 8.85
C GLY B 39 30.38 37.28 7.58
N PHE B 40 30.82 36.73 6.44
CA PHE B 40 30.08 36.87 5.18
C PHE B 40 29.12 35.70 5.12
N GLU B 41 27.84 35.96 5.42
CA GLU B 41 26.81 34.93 5.43
C GLU B 41 26.18 34.84 4.04
N LEU B 42 26.63 33.89 3.22
CA LEU B 42 26.21 33.81 1.84
C LEU B 42 25.28 32.64 1.54
N ILE B 43 24.86 31.89 2.56
CA ILE B 43 23.98 30.74 2.33
C ILE B 43 22.63 31.32 1.90
N PRO B 44 22.13 30.99 0.71
CA PRO B 44 21.00 31.76 0.16
C PRO B 44 19.70 31.51 0.89
N SER B 45 19.61 30.45 1.69
CA SER B 45 18.42 30.24 2.49
C SER B 45 18.48 30.92 3.86
N GLU B 46 19.57 31.60 4.21
CA GLU B 46 19.67 32.22 5.52
C GLU B 46 19.34 33.70 5.45
N ASN B 47 18.89 34.24 6.58
CA ASN B 47 18.56 35.65 6.70
C ASN B 47 18.72 36.02 8.17
N PHE B 48 18.54 37.30 8.48
CA PHE B 48 18.58 37.78 9.86
C PHE B 48 17.20 38.30 10.21
N THR B 49 16.56 37.69 11.19
CA THR B 49 15.21 38.09 11.53
C THR B 49 15.20 39.33 12.43
N SER B 50 14.11 40.08 12.35
CA SER B 50 13.96 41.32 13.12
C SER B 50 13.80 41.06 14.61
N LEU B 51 14.17 42.08 15.40
CA LEU B 51 13.94 42.03 16.83
C LEU B 51 12.47 41.83 17.17
N SER B 52 11.58 42.49 16.43
CA SER B 52 10.16 42.42 16.78
C SER B 52 9.60 41.02 16.58
N VAL B 53 10.04 40.33 15.53
CA VAL B 53 9.61 38.93 15.35
C VAL B 53 10.12 38.08 16.50
N MET B 54 11.41 38.23 16.83
CA MET B 54 11.99 37.44 17.93
C MET B 54 11.30 37.71 19.25
N GLN B 55 10.89 38.96 19.53
CA GLN B 55 10.20 39.24 20.78
C GLN B 55 8.83 38.55 20.84
N ALA B 56 8.16 38.44 19.69
CA ALA B 56 6.89 37.71 19.67
C ALA B 56 7.11 36.21 19.83
N VAL B 57 8.11 35.67 19.16
CA VAL B 57 8.39 34.25 19.27
C VAL B 57 8.85 33.88 20.68
N GLY B 58 9.52 34.82 21.36
CA GLY B 58 9.94 34.66 22.75
C GLY B 58 8.93 35.13 23.79
N SER B 59 7.64 35.03 23.49
CA SER B 59 6.58 35.56 24.35
C SER B 59 5.75 34.45 24.98
N VAL B 60 4.84 34.86 25.89
CA VAL B 60 4.01 33.89 26.59
C VAL B 60 2.93 33.30 25.70
N MET B 61 2.87 33.70 24.42
CA MET B 61 2.00 33.00 23.49
C MET B 61 2.34 31.52 23.40
N THR B 62 3.57 31.14 23.79
CA THR B 62 3.96 29.73 23.75
C THR B 62 3.18 28.86 24.73
N ASN B 63 2.58 29.47 25.75
CA ASN B 63 1.95 28.64 26.79
C ASN B 63 0.60 28.04 26.41
N LYS B 64 -0.03 28.50 25.33
CA LYS B 64 -1.43 28.16 25.08
C LYS B 64 -1.61 26.95 24.16
N TYR B 65 -2.51 26.03 24.56
CA TYR B 65 -2.97 24.94 23.68
C TYR B 65 -4.21 25.40 22.92
N SER B 66 -4.21 25.27 21.61
CA SER B 66 -5.32 25.80 20.83
C SER B 66 -5.60 24.93 19.61
N GLU B 67 -5.64 23.61 19.80
CA GLU B 67 -5.95 22.71 18.69
C GLU B 67 -7.27 23.09 18.03
N GLY B 68 -7.29 23.03 16.70
CA GLY B 68 -8.43 23.46 15.93
C GLY B 68 -8.10 24.73 15.18
N TYR B 69 -9.12 25.55 14.90
CA TYR B 69 -8.99 26.77 14.12
C TYR B 69 -9.76 27.88 14.81
N PRO B 70 -9.50 29.15 14.47
CA PRO B 70 -10.15 30.26 15.18
C PRO B 70 -11.66 30.12 15.22
N GLY B 71 -12.22 30.28 16.41
CA GLY B 71 -13.65 30.13 16.60
C GLY B 71 -14.18 28.72 16.47
N ALA B 72 -13.28 27.74 16.33
CA ALA B 72 -13.62 26.33 16.20
C ALA B 72 -12.58 25.50 16.94
N ARG B 73 -12.34 25.87 18.20
CA ARG B 73 -11.32 25.24 19.01
C ARG B 73 -11.90 24.09 19.81
N TYR B 74 -10.99 23.30 20.39
CA TYR B 74 -11.38 22.23 21.31
C TYR B 74 -11.14 22.62 22.76
N TYR B 75 -10.20 23.53 23.01
CA TYR B 75 -9.85 24.05 24.33
C TYR B 75 -10.52 25.40 24.56
N GLY B 76 -10.86 25.70 25.83
CA GLY B 76 -11.23 27.06 26.20
C GLY B 76 -10.01 27.99 26.33
N GLY B 77 -10.30 29.28 26.57
CA GLY B 77 -9.27 30.26 26.85
C GLY B 77 -8.57 30.89 25.65
N ASN B 78 -9.08 30.68 24.43
CA ASN B 78 -8.34 31.06 23.23
C ASN B 78 -8.80 32.38 22.60
N GLU B 79 -9.45 33.28 23.37
CA GLU B 79 -9.90 34.54 22.78
C GLU B 79 -8.76 35.28 22.09
N TYR B 80 -7.61 35.39 22.74
CA TYR B 80 -6.54 36.21 22.20
C TYR B 80 -5.64 35.44 21.24
N ILE B 81 -5.47 34.14 21.47
CA ILE B 81 -4.83 33.30 20.46
C ILE B 81 -5.62 33.33 19.16
N ASP B 82 -6.96 33.35 19.24
CA ASP B 82 -7.78 33.47 18.04
C ASP B 82 -7.51 34.79 17.32
N MET B 83 -7.42 35.89 18.08
CA MET B 83 -7.07 37.18 17.49
C MET B 83 -5.75 37.09 16.72
N ALA B 84 -4.76 36.42 17.30
CA ALA B 84 -3.44 36.37 16.66
C ALA B 84 -3.47 35.53 15.39
N GLU B 85 -4.14 34.36 15.43
CA GLU B 85 -4.16 33.50 14.25
C GLU B 85 -4.99 34.14 13.13
N THR B 86 -6.14 34.73 13.49
CA THR B 86 -6.96 35.42 12.49
C THR B 86 -6.19 36.58 11.86
N LEU B 87 -5.51 37.38 12.69
CA LEU B 87 -4.70 38.48 12.17
C LEU B 87 -3.59 37.96 11.26
N CYS B 88 -2.93 36.89 11.69
CA CYS B 88 -1.87 36.30 10.89
C CYS B 88 -2.39 35.88 9.51
N GLN B 89 -3.55 35.22 9.47
CA GLN B 89 -4.12 34.80 8.20
C GLN B 89 -4.43 36.00 7.32
N LYS B 90 -5.07 37.03 7.91
CA LYS B 90 -5.41 38.23 7.17
C LYS B 90 -4.16 38.86 6.55
N ARG B 91 -3.12 39.01 7.35
CA ARG B 91 -1.87 39.61 6.86
C ARG B 91 -1.16 38.73 5.85
N ALA B 92 -1.31 37.40 5.98
CA ALA B 92 -0.71 36.50 4.99
C ALA B 92 -1.31 36.72 3.62
N LEU B 93 -2.65 36.77 3.52
CA LEU B 93 -3.27 37.06 2.24
C LEU B 93 -2.90 38.45 1.74
N GLU B 94 -2.81 39.43 2.64
CA GLU B 94 -2.47 40.79 2.21
C GLU B 94 -1.03 40.87 1.69
N ALA B 95 -0.12 40.12 2.31
CA ALA B 95 1.29 40.15 1.93
C ALA B 95 1.50 39.72 0.48
N PHE B 96 0.60 38.88 -0.04
CA PHE B 96 0.73 38.40 -1.42
C PHE B 96 -0.38 38.91 -2.31
N GLN B 97 -1.11 39.94 -1.84
CA GLN B 97 -2.14 40.65 -2.60
C GLN B 97 -3.22 39.70 -3.11
N LEU B 98 -3.67 38.81 -2.23
CA LEU B 98 -4.62 37.76 -2.59
C LEU B 98 -6.02 38.17 -2.18
N ASP B 99 -6.98 37.96 -3.08
CA ASP B 99 -8.39 38.16 -2.79
C ASP B 99 -8.87 37.08 -1.81
N PRO B 100 -9.37 37.43 -0.62
CA PRO B 100 -9.77 36.37 0.34
C PRO B 100 -10.99 35.57 -0.08
N SER B 101 -11.72 35.97 -1.12
CA SER B 101 -12.78 35.14 -1.64
C SER B 101 -12.27 34.06 -2.59
N LYS B 102 -10.99 34.18 -3.01
CA LYS B 102 -10.39 33.24 -3.95
C LYS B 102 -9.24 32.44 -3.36
N TRP B 103 -8.67 32.88 -2.23
CA TRP B 103 -7.52 32.24 -1.60
C TRP B 103 -7.76 32.10 -0.12
N GLY B 104 -7.33 30.96 0.44
CA GLY B 104 -7.29 30.75 1.87
C GLY B 104 -5.87 30.40 2.29
N VAL B 105 -5.64 30.38 3.60
CA VAL B 105 -4.29 30.10 4.09
C VAL B 105 -4.38 29.35 5.40
N ASN B 106 -3.42 28.45 5.58
CA ASN B 106 -3.19 27.77 6.86
C ASN B 106 -1.83 28.24 7.36
N VAL B 107 -1.81 28.77 8.58
CA VAL B 107 -0.58 29.34 9.15
C VAL B 107 0.00 28.47 10.25
N GLN B 108 -0.51 27.24 10.44
CA GLN B 108 -0.10 26.40 11.56
C GLN B 108 1.00 25.39 11.22
N SER B 109 1.31 25.17 9.94
CA SER B 109 2.31 24.15 9.60
C SER B 109 3.67 24.53 10.17
N LEU B 110 4.35 23.56 10.81
CA LEU B 110 5.50 23.91 11.65
C LEU B 110 6.76 24.28 10.85
N SER B 111 6.90 23.83 9.62
CA SER B 111 8.08 24.18 8.82
C SER B 111 7.83 23.77 7.37
N GLY B 112 8.77 24.13 6.48
CA GLY B 112 8.48 23.93 5.06
C GLY B 112 8.33 22.46 4.66
N SER B 113 9.16 21.59 5.26
CA SER B 113 9.12 20.17 4.85
C SER B 113 7.80 19.52 5.25
N PRO B 114 7.33 19.62 6.49
CA PRO B 114 6.02 19.02 6.79
C PRO B 114 4.87 19.73 6.11
N ALA B 115 5.00 21.03 5.77
CA ALA B 115 3.94 21.68 5.01
C ALA B 115 3.68 20.96 3.69
N ASN B 116 4.76 20.64 2.96
CA ASN B 116 4.53 19.92 1.71
C ASN B 116 3.93 18.55 1.96
N PHE B 117 4.39 17.84 2.99
CA PHE B 117 3.83 16.52 3.27
C PHE B 117 2.35 16.61 3.62
N GLN B 118 1.96 17.67 4.30
CA GLN B 118 0.56 17.86 4.66
C GLN B 118 -0.29 18.11 3.40
N VAL B 119 0.25 18.88 2.44
CA VAL B 119 -0.44 19.02 1.16
C VAL B 119 -0.61 17.67 0.47
N TYR B 120 0.45 16.87 0.39
CA TYR B 120 0.31 15.56 -0.27
C TYR B 120 -0.73 14.70 0.45
N THR B 121 -0.69 14.68 1.79
CA THR B 121 -1.64 13.90 2.57
C THR B 121 -3.07 14.36 2.36
N ALA B 122 -3.26 15.66 2.17
CA ALA B 122 -4.59 16.22 1.96
C ALA B 122 -5.17 15.83 0.60
N LEU B 123 -4.33 15.84 -0.44
CA LEU B 123 -4.83 15.83 -1.80
C LEU B 123 -4.59 14.53 -2.53
N LEU B 124 -3.67 13.68 -2.05
CA LEU B 124 -3.28 12.43 -2.68
C LEU B 124 -3.50 11.25 -1.74
N LYS B 125 -3.91 10.12 -2.31
CA LYS B 125 -3.91 8.90 -1.53
C LYS B 125 -2.49 8.36 -1.43
N PRO B 126 -2.20 7.51 -0.43
CA PRO B 126 -0.89 6.85 -0.38
C PRO B 126 -0.56 6.22 -1.73
N HIS B 127 0.71 6.36 -2.12
CA HIS B 127 1.27 5.79 -3.34
C HIS B 127 0.80 6.51 -4.60
N GLU B 128 0.06 7.61 -4.50
CA GLU B 128 -0.22 8.37 -5.73
C GLU B 128 1.00 9.20 -6.14
N ARG B 129 0.96 9.70 -7.38
CA ARG B 129 2.18 10.10 -8.09
C ARG B 129 2.45 11.60 -8.07
N ILE B 130 3.72 11.95 -7.78
CA ILE B 130 4.20 13.32 -7.68
C ILE B 130 5.41 13.49 -8.61
N MET B 131 5.45 14.59 -9.36
CA MET B 131 6.67 14.99 -10.06
C MET B 131 7.20 16.30 -9.50
N ALA B 132 8.53 16.42 -9.47
CA ALA B 132 9.19 17.60 -8.95
C ALA B 132 10.63 17.65 -9.46
N LEU B 133 11.26 18.83 -9.34
CA LEU B 133 12.62 18.97 -9.86
C LEU B 133 13.57 18.07 -9.08
N ASP B 134 14.46 17.37 -9.80
CA ASP B 134 15.39 16.44 -9.16
C ASP B 134 16.23 17.20 -8.12
N LEU B 135 16.43 16.57 -6.95
CA LEU B 135 17.21 17.22 -5.90
C LEU B 135 18.58 17.71 -6.37
N PRO B 136 19.42 16.91 -7.03
CA PRO B 136 20.73 17.46 -7.47
C PRO B 136 20.62 18.46 -8.61
N HIS B 137 19.45 18.60 -9.23
CA HIS B 137 19.21 19.61 -10.27
C HIS B 137 18.60 20.89 -9.71
N GLY B 138 18.45 21.00 -8.39
CA GLY B 138 17.93 22.22 -7.80
C GLY B 138 16.65 22.04 -7.01
N GLY B 139 16.23 20.80 -6.79
CA GLY B 139 15.00 20.52 -6.06
C GLY B 139 15.21 20.48 -4.56
N HIS B 140 14.26 19.85 -3.87
CA HIS B 140 14.27 19.82 -2.40
C HIS B 140 13.79 18.45 -1.94
N LEU B 141 14.38 17.96 -0.84
CA LEU B 141 14.00 16.65 -0.30
C LEU B 141 12.51 16.50 -0.04
N SER B 142 11.84 17.58 0.36
CA SER B 142 10.42 17.46 0.71
C SER B 142 9.53 17.30 -0.51
N HIS B 143 10.10 17.26 -1.71
CA HIS B 143 9.37 16.88 -2.91
C HIS B 143 9.61 15.44 -3.29
N GLY B 144 10.37 14.70 -2.52
CA GLY B 144 10.75 13.33 -2.84
C GLY B 144 12.21 13.27 -3.27
N TYR B 145 12.83 12.11 -3.04
CA TYR B 145 14.17 11.83 -3.53
C TYR B 145 14.56 10.39 -3.26
N GLN B 146 15.03 9.71 -4.30
CA GLN B 146 15.53 8.35 -4.19
C GLN B 146 16.82 8.27 -5.00
N THR B 147 17.82 7.59 -4.46
CA THR B 147 19.04 7.24 -5.17
C THR B 147 18.93 5.81 -5.69
N ASP B 148 20.00 5.32 -6.33
CA ASP B 148 19.95 3.96 -6.85
C ASP B 148 19.68 2.92 -5.75
N THR B 149 20.11 3.20 -4.52
CA THR B 149 20.04 2.19 -3.47
C THR B 149 18.98 2.44 -2.41
N LYS B 150 18.48 3.66 -2.27
CA LYS B 150 17.67 3.95 -1.09
C LYS B 150 16.70 5.09 -1.37
N LYS B 151 15.49 4.98 -0.84
CA LYS B 151 14.59 6.12 -0.77
C LYS B 151 15.02 7.01 0.37
N ILE B 152 15.39 8.25 0.06
CA ILE B 152 16.00 9.15 1.03
C ILE B 152 14.95 9.99 1.74
N SER B 153 14.08 10.64 0.98
CA SER B 153 12.95 11.35 1.56
C SER B 153 11.80 10.40 1.82
N ALA B 154 11.14 10.54 2.96
CA ALA B 154 9.96 9.71 3.20
C ALA B 154 8.79 10.11 2.32
N VAL B 155 8.84 11.26 1.65
CA VAL B 155 7.85 11.54 0.61
C VAL B 155 7.87 10.42 -0.44
N SER B 156 9.06 9.88 -0.75
CA SER B 156 9.19 8.83 -1.75
C SER B 156 8.83 7.45 -1.22
N ILE B 157 8.65 7.34 0.11
CA ILE B 157 8.15 6.13 0.74
C ILE B 157 6.64 6.07 0.66
N PHE B 158 5.98 7.17 1.08
CA PHE B 158 4.53 7.18 1.18
C PHE B 158 3.83 7.54 -0.12
N PHE B 159 4.56 8.14 -1.07
CA PHE B 159 4.01 8.51 -2.37
C PHE B 159 4.98 8.06 -3.44
N GLU B 160 4.53 8.05 -4.68
CA GLU B 160 5.34 7.55 -5.78
C GLU B 160 5.87 8.76 -6.55
N THR B 161 7.18 8.98 -6.50
CA THR B 161 7.76 10.19 -7.03
C THR B 161 8.58 9.92 -8.29
N MET B 162 8.71 10.95 -9.13
CA MET B 162 9.57 10.88 -10.30
C MET B 162 10.13 12.28 -10.54
N PRO B 163 11.42 12.43 -10.81
CA PRO B 163 11.98 13.77 -11.01
C PRO B 163 11.79 14.30 -12.42
N TYR B 164 11.82 15.63 -12.53
CA TYR B 164 12.15 16.26 -13.80
C TYR B 164 13.48 17.00 -13.67
N ARG B 165 14.07 17.36 -14.81
CA ARG B 165 15.49 17.68 -14.82
C ARG B 165 15.73 19.00 -15.54
N LEU B 166 16.95 19.50 -15.38
CA LEU B 166 17.43 20.63 -16.14
C LEU B 166 17.76 20.21 -17.57
N ASP B 167 17.73 21.19 -18.47
CA ASP B 167 18.42 21.13 -19.75
C ASP B 167 19.90 21.33 -19.45
N GLU B 168 20.70 20.29 -19.64
CA GLU B 168 22.09 20.36 -19.20
C GLU B 168 22.87 21.40 -19.99
N ASN B 169 22.44 21.70 -21.22
CA ASN B 169 23.14 22.70 -22.03
C ASN B 169 22.83 24.13 -21.61
N THR B 170 21.61 24.42 -21.14
CA THR B 170 21.25 25.80 -20.82
C THR B 170 21.22 26.07 -19.32
N GLY B 171 21.06 25.04 -18.49
CA GLY B 171 20.92 25.23 -17.07
C GLY B 171 19.52 25.61 -16.63
N TYR B 172 18.59 25.76 -17.55
CA TYR B 172 17.20 25.98 -17.17
C TYR B 172 16.45 24.66 -17.11
N ILE B 173 15.32 24.67 -16.38
CA ILE B 173 14.45 23.50 -16.36
C ILE B 173 14.04 23.10 -17.78
N ASP B 174 14.08 21.79 -18.05
CA ASP B 174 13.68 21.25 -19.35
C ASP B 174 12.18 20.99 -19.30
N TYR B 175 11.38 22.02 -19.64
CA TYR B 175 9.94 21.87 -19.57
C TYR B 175 9.42 20.94 -20.66
N ASP B 176 10.09 20.89 -21.81
CA ASP B 176 9.65 19.97 -22.85
C ASP B 176 9.73 18.52 -22.37
N GLN B 177 10.82 18.18 -21.66
CA GLN B 177 10.97 16.82 -21.17
C GLN B 177 9.98 16.53 -20.05
N LEU B 178 9.76 17.52 -19.18
CA LEU B 178 8.74 17.39 -18.13
C LEU B 178 7.39 17.04 -18.72
N GLU B 179 6.99 17.76 -19.77
CA GLU B 179 5.69 17.52 -20.37
C GLU B 179 5.58 16.11 -20.93
N LYS B 180 6.60 15.66 -21.68
CA LYS B 180 6.55 14.32 -22.26
C LYS B 180 6.58 13.26 -21.18
N SER B 181 7.43 13.45 -20.15
N SER B 181 7.43 13.47 -20.16
CA SER B 181 7.48 12.48 -19.05
CA SER B 181 7.51 12.54 -19.03
C SER B 181 6.15 12.38 -18.33
C SER B 181 6.18 12.41 -18.32
N ALA B 182 5.47 13.52 -18.14
CA ALA B 182 4.21 13.50 -17.43
C ALA B 182 3.13 12.72 -18.19
N VAL B 183 3.18 12.72 -19.53
CA VAL B 183 2.20 11.96 -20.30
C VAL B 183 2.23 10.49 -19.89
N LEU B 184 3.44 9.95 -19.71
CA LEU B 184 3.61 8.54 -19.39
C LEU B 184 3.40 8.26 -17.90
N PHE B 185 3.90 9.16 -17.04
CA PHE B 185 3.87 8.88 -15.60
C PHE B 185 2.53 9.21 -14.96
N ARG B 186 1.75 10.13 -15.55
CA ARG B 186 0.42 10.51 -15.07
C ARG B 186 0.46 11.01 -13.62
N PRO B 187 1.23 12.05 -13.33
CA PRO B 187 1.27 12.57 -11.95
C PRO B 187 -0.09 13.11 -11.54
N LYS B 188 -0.40 12.95 -10.25
CA LYS B 188 -1.56 13.61 -9.66
C LYS B 188 -1.22 15.01 -9.14
N LEU B 189 0.06 15.31 -8.99
CA LEU B 189 0.50 16.59 -8.45
C LEU B 189 1.88 16.87 -9.01
N ILE B 190 2.12 18.12 -9.46
CA ILE B 190 3.43 18.53 -9.98
C ILE B 190 3.88 19.73 -9.16
N VAL B 191 5.13 19.67 -8.67
CA VAL B 191 5.67 20.74 -7.83
C VAL B 191 6.45 21.70 -8.71
N ALA B 192 6.14 22.99 -8.59
CA ALA B 192 6.89 24.06 -9.23
C ALA B 192 7.62 24.80 -8.11
N GLY B 193 8.83 24.34 -7.80
CA GLY B 193 9.55 24.97 -6.71
C GLY B 193 10.96 24.45 -6.64
N ALA B 194 11.90 25.32 -6.30
CA ALA B 194 13.30 24.95 -6.31
C ALA B 194 14.02 25.58 -5.14
N SER B 195 15.17 25.01 -4.82
CA SER B 195 16.09 25.60 -3.85
C SER B 195 17.27 26.19 -4.61
N ALA B 196 18.14 25.35 -5.15
CA ALA B 196 19.36 25.82 -5.83
C ALA B 196 19.08 26.02 -7.32
N TYR B 197 18.35 27.09 -7.61
CA TYR B 197 18.00 27.46 -8.98
C TYR B 197 18.02 28.98 -9.09
N ALA B 198 18.71 29.50 -10.10
CA ALA B 198 18.96 30.94 -10.20
C ALA B 198 18.00 31.66 -11.15
N ARG B 199 17.02 30.97 -11.71
CA ARG B 199 16.13 31.56 -12.71
C ARG B 199 14.68 31.50 -12.25
N LEU B 200 13.84 32.30 -12.93
CA LEU B 200 12.42 32.34 -12.62
C LEU B 200 11.72 31.13 -13.23
N TYR B 201 10.72 30.61 -12.50
CA TYR B 201 9.94 29.48 -12.98
C TYR B 201 9.01 29.90 -14.12
N ASP B 202 8.84 29.00 -15.10
CA ASP B 202 7.80 29.16 -16.11
C ASP B 202 6.51 28.58 -15.53
N TYR B 203 5.87 29.38 -14.66
CA TYR B 203 4.64 28.93 -14.01
C TYR B 203 3.54 28.68 -15.04
N ALA B 204 3.49 29.49 -16.09
CA ALA B 204 2.48 29.29 -17.12
C ALA B 204 2.64 27.92 -17.78
N ARG B 205 3.88 27.50 -18.01
CA ARG B 205 4.10 26.20 -18.64
C ARG B 205 3.71 25.07 -17.70
N ILE B 206 4.06 25.19 -16.41
CA ILE B 206 3.63 24.19 -15.43
C ILE B 206 2.11 24.10 -15.39
N ARG B 207 1.43 25.25 -15.41
CA ARG B 207 -0.04 25.26 -15.43
C ARG B 207 -0.58 24.50 -16.63
N LYS B 208 0.02 24.70 -17.81
CA LYS B 208 -0.45 24.03 -19.01
C LYS B 208 -0.33 22.51 -18.87
N VAL B 209 0.82 22.04 -18.37
CA VAL B 209 1.02 20.61 -18.16
C VAL B 209 0.05 20.07 -17.12
N CYS B 210 -0.11 20.78 -16.00
CA CYS B 210 -1.05 20.33 -14.96
C CYS B 210 -2.48 20.26 -15.49
N ASN B 211 -2.87 21.21 -16.33
CA ASN B 211 -4.22 21.17 -16.89
C ASN B 211 -4.41 19.93 -17.75
N LYS B 212 -3.43 19.64 -18.61
CA LYS B 212 -3.54 18.48 -19.48
C LYS B 212 -3.56 17.19 -18.67
N GLN B 213 -2.83 17.15 -17.55
CA GLN B 213 -2.72 15.93 -16.77
C GLN B 213 -3.77 15.82 -15.67
N LYS B 214 -4.64 16.85 -15.54
CA LYS B 214 -5.55 17.00 -14.41
C LYS B 214 -4.81 16.79 -13.10
N ALA B 215 -3.62 17.40 -13.00
CA ALA B 215 -2.82 17.34 -11.79
C ALA B 215 -2.91 18.65 -11.00
N VAL B 216 -2.77 18.52 -9.68
CA VAL B 216 -2.64 19.71 -8.82
C VAL B 216 -1.33 20.41 -9.13
N MET B 217 -1.38 21.72 -9.30
CA MET B 217 -0.17 22.54 -9.41
C MET B 217 0.18 23.11 -8.04
N LEU B 218 1.25 22.60 -7.45
CA LEU B 218 1.77 23.07 -6.17
C LEU B 218 3.02 23.91 -6.44
N ALA B 219 2.98 25.18 -6.09
CA ALA B 219 4.19 26.00 -6.15
C ALA B 219 4.79 26.03 -4.75
N ASP B 220 6.08 25.74 -4.65
CA ASP B 220 6.78 25.79 -3.37
C ASP B 220 7.79 26.93 -3.48
N MET B 221 7.40 28.08 -2.93
CA MET B 221 8.15 29.32 -3.14
C MET B 221 9.06 29.68 -1.97
N ALA B 222 9.41 28.71 -1.12
CA ALA B 222 10.24 28.95 0.07
C ALA B 222 11.44 29.87 -0.18
N HIS B 223 12.20 29.62 -1.25
CA HIS B 223 13.42 30.42 -1.45
C HIS B 223 13.13 31.85 -1.89
N ILE B 224 11.98 32.11 -2.51
CA ILE B 224 11.74 33.35 -3.22
C ILE B 224 10.56 34.12 -2.66
N SER B 225 9.97 33.64 -1.54
CA SER B 225 8.67 34.19 -1.15
C SER B 225 8.75 35.67 -0.79
N GLY B 226 9.88 36.14 -0.25
CA GLY B 226 10.00 37.55 0.05
C GLY B 226 10.07 38.40 -1.21
N LEU B 227 10.73 37.88 -2.25
CA LEU B 227 10.73 38.55 -3.55
C LEU B 227 9.32 38.61 -4.13
N VAL B 228 8.56 37.53 -3.97
CA VAL B 228 7.17 37.50 -4.43
C VAL B 228 6.34 38.52 -3.66
N ALA B 229 6.49 38.53 -2.33
CA ALA B 229 5.66 39.43 -1.50
C ALA B 229 5.92 40.88 -1.87
N ALA B 230 7.18 41.22 -2.16
CA ALA B 230 7.52 42.59 -2.53
C ALA B 230 7.12 42.93 -3.96
N GLY B 231 6.70 41.95 -4.75
CA GLY B 231 6.33 42.20 -6.12
C GLY B 231 7.47 42.45 -7.08
N VAL B 232 8.68 41.98 -6.77
CA VAL B 232 9.84 42.27 -7.62
C VAL B 232 10.17 41.13 -8.59
N ILE B 233 9.52 39.98 -8.46
CA ILE B 233 9.51 38.91 -9.46
C ILE B 233 8.06 38.46 -9.64
N PRO B 234 7.76 37.76 -10.75
CA PRO B 234 6.37 37.32 -10.98
C PRO B 234 5.88 36.33 -9.92
N SER B 235 4.58 36.34 -9.71
CA SER B 235 4.04 35.60 -8.56
C SER B 235 3.54 34.22 -8.99
N PRO B 236 3.88 33.16 -8.25
CA PRO B 236 3.27 31.85 -8.51
C PRO B 236 1.77 31.84 -8.31
N PHE B 237 1.22 32.77 -7.54
CA PHE B 237 -0.23 32.79 -7.30
C PHE B 237 -1.02 33.10 -8.58
N GLU B 238 -0.37 33.62 -9.61
CA GLU B 238 -1.07 33.81 -10.89
C GLU B 238 -1.57 32.49 -11.48
N TYR B 239 -0.92 31.37 -11.14
CA TYR B 239 -1.20 30.09 -11.80
C TYR B 239 -1.48 28.91 -10.88
N ALA B 240 -0.87 28.87 -9.70
CA ALA B 240 -0.87 27.65 -8.91
C ALA B 240 -2.22 27.39 -8.25
N ASP B 241 -2.48 26.11 -7.98
CA ASP B 241 -3.62 25.71 -7.16
C ASP B 241 -3.35 25.88 -5.68
N VAL B 242 -2.15 25.52 -5.26
CA VAL B 242 -1.70 25.53 -3.87
C VAL B 242 -0.30 26.10 -3.87
N VAL B 243 0.03 26.90 -2.84
CA VAL B 243 1.38 27.45 -2.70
C VAL B 243 1.86 27.19 -1.28
N THR B 244 3.01 26.52 -1.14
CA THR B 244 3.64 26.38 0.17
C THR B 244 4.85 27.28 0.25
N THR B 245 5.22 27.62 1.48
CA THR B 245 6.44 28.38 1.67
C THR B 245 6.89 28.22 3.11
N THR B 246 8.21 28.31 3.32
CA THR B 246 8.73 28.62 4.63
C THR B 246 8.41 30.06 4.98
N THR B 247 8.42 30.38 6.27
CA THR B 247 8.24 31.78 6.66
C THR B 247 9.56 32.45 6.99
N HIS B 248 10.63 31.65 7.05
CA HIS B 248 11.99 32.14 7.19
C HIS B 248 12.56 32.27 5.75
N1 LLP B 249 10.90 23.66 0.20
C2 LLP B 249 11.87 24.45 -0.32
C2' LLP B 249 11.82 24.84 -1.81
C3 LLP B 249 12.88 24.90 0.50
O3 LLP B 249 13.87 25.70 -0.07
C4 LLP B 249 12.93 24.55 1.82
C4' LLP B 249 14.07 25.13 2.67
C5 LLP B 249 11.95 23.75 2.34
C6 LLP B 249 10.95 23.30 1.51
C5' LLP B 249 11.91 23.21 3.77
OP4 LLP B 249 11.79 24.08 4.83
P LLP B 249 12.31 23.53 6.30
OP1 LLP B 249 11.81 24.60 7.22
OP2 LLP B 249 13.83 23.46 6.22
OP3 LLP B 249 11.71 22.16 6.53
N LLP B 249 13.89 32.16 5.56
CA LLP B 249 14.52 32.40 4.24
CB LLP B 249 14.17 31.28 3.23
CG LLP B 249 14.46 29.88 3.81
CD LLP B 249 14.36 28.81 2.71
CE LLP B 249 14.86 27.43 3.19
NZ LLP B 249 14.07 26.41 2.55
C LLP B 249 14.13 33.80 3.71
O LLP B 249 14.14 34.76 4.52
N SER B 250 13.83 33.98 2.43
CA SER B 250 13.77 35.35 1.91
C SER B 250 12.56 36.13 2.47
N LEU B 251 11.56 35.45 3.03
CA LEU B 251 10.47 36.20 3.67
C LEU B 251 10.98 36.96 4.90
N ARG B 252 11.99 36.43 5.58
CA ARG B 252 12.66 37.04 6.74
C ARG B 252 11.77 37.00 7.99
N GLY B 253 10.93 35.97 8.09
CA GLY B 253 10.12 35.78 9.27
C GLY B 253 10.67 34.72 10.22
N PRO B 254 9.83 34.30 11.17
CA PRO B 254 10.23 33.22 12.07
C PRO B 254 10.32 31.89 11.33
N ARG B 255 10.92 30.91 11.98
CA ARG B 255 10.95 29.57 11.40
C ARG B 255 9.56 28.97 11.46
N GLY B 256 8.98 28.70 10.30
CA GLY B 256 7.63 28.17 10.23
C GLY B 256 7.24 28.01 8.78
N ALA B 257 5.95 27.97 8.50
CA ALA B 257 5.50 27.73 7.14
C ALA B 257 4.08 28.25 6.97
N MET B 258 3.71 28.45 5.71
CA MET B 258 2.33 28.74 5.32
C MET B 258 1.91 27.85 4.17
N ILE B 259 0.61 27.53 4.10
CA ILE B 259 0.02 26.81 2.98
C ILE B 259 -1.16 27.64 2.47
N PHE B 260 -1.06 28.13 1.24
CA PHE B 260 -2.12 28.87 0.56
C PHE B 260 -2.84 27.95 -0.41
N PHE B 261 -4.14 28.19 -0.62
CA PHE B 261 -4.89 27.32 -1.51
C PHE B 261 -6.05 28.08 -2.12
N ARG B 262 -6.37 27.76 -3.37
CA ARG B 262 -7.58 28.31 -3.97
C ARG B 262 -8.82 27.84 -3.22
N LYS B 263 -9.84 28.70 -3.21
CA LYS B 263 -11.13 28.36 -2.63
C LYS B 263 -12.21 29.08 -3.41
N GLY B 264 -13.45 28.70 -3.12
CA GLY B 264 -14.57 29.30 -3.80
C GLY B 264 -14.79 28.68 -5.17
N LEU B 265 -15.47 29.43 -6.04
CA LEU B 265 -15.87 28.91 -7.33
C LEU B 265 -14.67 28.61 -8.22
N LYS B 266 -14.70 27.47 -8.87
CA LYS B 266 -13.70 27.16 -9.89
C LYS B 266 -14.00 27.97 -11.14
N GLU B 267 -12.99 28.05 -12.03
CA GLU B 267 -13.18 28.59 -13.37
C GLU B 267 -14.38 27.93 -14.03
N ILE B 268 -15.04 28.69 -14.90
CA ILE B 268 -16.27 28.27 -15.57
C ILE B 268 -16.08 26.90 -16.22
N ASN B 269 -14.95 26.71 -16.89
CA ASN B 269 -14.73 25.50 -17.68
C ASN B 269 -14.27 24.31 -16.85
N LYS B 270 -14.07 24.50 -15.55
CA LYS B 270 -13.64 23.45 -14.65
C LYS B 270 -14.70 23.09 -13.61
N GLN B 271 -15.88 23.69 -13.68
CA GLN B 271 -16.97 23.33 -12.78
C GLN B 271 -17.66 22.07 -13.27
N GLY B 272 -17.96 21.17 -12.35
CA GLY B 272 -18.61 19.93 -12.75
C GLY B 272 -19.55 19.42 -11.68
N LYS B 273 -19.33 18.17 -11.24
CA LYS B 273 -20.09 17.65 -10.11
C LYS B 273 -19.99 18.60 -8.91
N GLU B 274 -18.78 19.10 -8.64
CA GLU B 274 -18.62 20.21 -7.71
C GLU B 274 -18.22 21.45 -8.48
N VAL B 275 -18.78 22.58 -8.06
CA VAL B 275 -18.45 23.86 -8.66
C VAL B 275 -17.37 24.59 -7.87
N MET B 276 -17.12 24.18 -6.63
CA MET B 276 -16.17 24.82 -5.74
C MET B 276 -14.84 24.07 -5.73
N TYR B 277 -13.77 24.81 -5.51
CA TYR B 277 -12.50 24.18 -5.17
C TYR B 277 -12.65 23.29 -3.95
N ASP B 278 -11.86 22.22 -3.93
CA ASP B 278 -11.86 21.19 -2.89
C ASP B 278 -10.44 21.04 -2.33
N TYR B 279 -9.86 22.17 -1.90
CA TYR B 279 -8.55 22.19 -1.26
C TYR B 279 -8.59 22.58 0.20
N GLU B 280 -9.44 23.55 0.56
CA GLU B 280 -9.38 24.20 1.87
C GLU B 280 -9.63 23.22 3.00
N ASP B 281 -10.77 22.55 2.97
CA ASP B 281 -11.08 21.61 4.05
C ASP B 281 -10.08 20.47 4.12
N ARG B 282 -9.69 19.91 2.97
CA ARG B 282 -8.75 18.80 2.97
C ARG B 282 -7.39 19.22 3.55
N ILE B 283 -6.90 20.40 3.17
CA ILE B 283 -5.60 20.84 3.66
C ILE B 283 -5.69 21.18 5.15
N ASN B 284 -6.70 21.96 5.55
CA ASN B 284 -6.81 22.29 6.97
C ASN B 284 -6.94 21.02 7.81
N GLN B 285 -7.70 20.02 7.32
CA GLN B 285 -7.87 18.80 8.11
C GLN B 285 -6.61 17.94 8.10
N ALA B 286 -5.82 18.00 7.03
CA ALA B 286 -4.56 17.27 7.05
C ALA B 286 -3.60 17.86 8.09
N VAL B 287 -3.59 19.18 8.22
CA VAL B 287 -2.73 19.81 9.23
C VAL B 287 -3.24 19.44 10.62
N PHE B 288 -4.54 19.62 10.86
CA PHE B 288 -5.12 19.20 12.15
C PHE B 288 -6.56 18.81 11.83
N PRO B 289 -7.00 17.60 12.21
CA PRO B 289 -6.37 16.61 13.09
C PRO B 289 -5.42 15.61 12.43
N GLY B 290 -5.08 15.79 11.16
CA GLY B 290 -4.37 14.73 10.45
C GLY B 290 -2.97 14.46 10.98
N LEU B 291 -2.14 15.51 11.06
CA LEU B 291 -0.71 15.33 11.22
C LEU B 291 -0.07 16.20 12.31
N GLN B 292 -0.72 17.27 12.75
CA GLN B 292 -0.15 18.09 13.83
C GLN B 292 -1.13 18.12 14.99
N GLY B 293 -0.62 18.62 16.13
CA GLY B 293 -1.42 18.82 17.31
C GLY B 293 -1.58 20.30 17.59
N GLY B 294 -1.11 20.76 18.75
CA GLY B 294 -1.31 22.14 19.15
C GLY B 294 -0.52 23.09 18.28
N PRO B 295 -1.16 24.14 17.76
CA PRO B 295 -0.42 25.18 17.03
C PRO B 295 0.65 25.81 17.90
N HIS B 296 1.72 26.27 17.27
CA HIS B 296 2.76 27.00 18.01
C HIS B 296 2.44 28.49 17.95
N ASN B 297 1.71 28.96 18.95
CA ASN B 297 1.16 30.31 18.81
C ASN B 297 2.19 31.41 18.95
N HIS B 298 3.34 31.12 19.58
CA HIS B 298 4.42 32.09 19.60
C HIS B 298 4.96 32.32 18.19
N THR B 299 5.14 31.24 17.43
CA THR B 299 5.60 31.37 16.04
C THR B 299 4.54 32.04 15.17
N ILE B 300 3.27 31.67 15.34
CA ILE B 300 2.20 32.30 14.56
C ILE B 300 2.16 33.79 14.83
N THR B 301 2.36 34.19 16.09
CA THR B 301 2.34 35.61 16.42
C THR B 301 3.54 36.33 15.82
N GLY B 302 4.72 35.72 15.88
CA GLY B 302 5.87 36.30 15.20
C GLY B 302 5.69 36.36 13.69
N LEU B 303 4.99 35.38 13.13
CA LEU B 303 4.69 35.38 11.70
C LEU B 303 3.82 36.58 11.33
N ALA B 304 2.79 36.87 12.15
CA ALA B 304 1.98 38.08 11.92
C ALA B 304 2.85 39.32 11.82
N VAL B 305 3.83 39.45 12.71
CA VAL B 305 4.72 40.62 12.70
C VAL B 305 5.51 40.68 11.40
N ALA B 306 6.08 39.54 11.01
CA ALA B 306 6.87 39.47 9.78
C ALA B 306 6.03 39.83 8.56
N LEU B 307 4.77 39.43 8.54
CA LEU B 307 3.92 39.69 7.38
C LEU B 307 3.52 41.15 7.29
N LYS B 308 3.32 41.83 8.43
CA LYS B 308 3.15 43.29 8.39
C LYS B 308 4.39 43.96 7.83
N GLN B 309 5.58 43.53 8.26
CA GLN B 309 6.81 44.11 7.73
C GLN B 309 6.90 43.92 6.22
N ALA B 310 6.43 42.77 5.72
CA ALA B 310 6.53 42.45 4.30
C ALA B 310 5.74 43.40 3.40
N ARG B 311 4.80 44.17 3.96
CA ARG B 311 4.03 45.12 3.17
C ARG B 311 4.69 46.48 3.02
N THR B 312 5.76 46.75 3.75
CA THR B 312 6.22 48.13 3.85
C THR B 312 7.07 48.55 2.66
N PRO B 313 7.20 49.86 2.41
CA PRO B 313 8.13 50.31 1.36
C PRO B 313 9.58 49.95 1.66
N GLU B 314 9.97 49.95 2.94
CA GLU B 314 11.31 49.56 3.33
C GLU B 314 11.60 48.12 2.91
N TYR B 315 10.61 47.25 3.07
CA TYR B 315 10.77 45.85 2.70
C TYR B 315 10.89 45.69 1.20
N LYS B 316 10.12 46.48 0.43
CA LYS B 316 10.27 46.42 -1.01
C LYS B 316 11.63 46.93 -1.46
N ALA B 317 12.12 48.01 -0.83
CA ALA B 317 13.48 48.48 -1.12
C ALA B 317 14.51 47.39 -0.82
N TYR B 318 14.32 46.67 0.29
CA TYR B 318 15.24 45.59 0.65
C TYR B 318 15.28 44.53 -0.43
N GLN B 319 14.11 44.09 -0.89
CA GLN B 319 14.09 42.99 -1.87
C GLN B 319 14.60 43.46 -3.23
N ASP B 320 14.32 44.71 -3.61
CA ASP B 320 14.96 45.29 -4.78
C ASP B 320 16.48 45.23 -4.67
N GLN B 321 17.00 45.57 -3.50
CA GLN B 321 18.44 45.54 -3.28
C GLN B 321 18.99 44.13 -3.34
N VAL B 322 18.24 43.14 -2.82
CA VAL B 322 18.65 41.73 -2.91
C VAL B 322 18.91 41.36 -4.36
N LEU B 323 17.97 41.72 -5.24
CA LEU B 323 18.11 41.41 -6.66
C LEU B 323 19.29 42.14 -7.28
N ARG B 324 19.39 43.46 -7.06
CA ARG B 324 20.46 44.22 -7.69
C ARG B 324 21.82 43.77 -7.17
N ASN B 325 21.90 43.41 -5.90
CA ASN B 325 23.15 42.87 -5.34
C ASN B 325 23.53 41.57 -6.02
N CYS B 326 22.54 40.68 -6.23
CA CYS B 326 22.88 39.40 -6.83
C CYS B 326 23.31 39.57 -8.28
N SER B 327 22.65 40.47 -9.02
CA SER B 327 23.07 40.77 -10.39
C SER B 327 24.51 41.25 -10.45
N LYS B 328 24.87 42.19 -9.57
CA LYS B 328 26.23 42.71 -9.51
C LYS B 328 27.23 41.64 -9.10
N PHE B 329 26.86 40.83 -8.10
CA PHE B 329 27.68 39.72 -7.65
C PHE B 329 27.99 38.78 -8.81
N ALA B 330 26.95 38.40 -9.57
CA ALA B 330 27.13 37.50 -10.70
C ALA B 330 28.06 38.10 -11.75
N GLU B 331 27.88 39.39 -12.05
CA GLU B 331 28.72 40.05 -13.05
C GLU B 331 30.18 40.08 -12.63
N THR B 332 30.44 40.32 -11.33
CA THR B 332 31.81 40.35 -10.84
C THR B 332 32.46 38.98 -10.89
N LEU B 333 31.69 37.94 -10.57
CA LEU B 333 32.21 36.58 -10.61
C LEU B 333 32.55 36.17 -12.04
N LEU B 334 31.66 36.47 -12.98
CA LEU B 334 31.91 36.16 -14.38
C LEU B 334 33.17 36.84 -14.88
N ALA B 335 33.37 38.10 -14.50
CA ALA B 335 34.55 38.85 -14.93
C ALA B 335 35.83 38.33 -14.29
N LYS B 336 35.72 37.66 -13.14
CA LYS B 336 36.86 37.01 -12.51
C LYS B 336 37.05 35.58 -13.00
N GLY B 337 36.28 35.14 -14.00
CA GLY B 337 36.51 33.88 -14.65
C GLY B 337 35.61 32.74 -14.19
N TYR B 338 34.76 32.97 -13.20
CA TYR B 338 33.90 31.88 -12.71
C TYR B 338 32.78 31.59 -13.69
N ASP B 339 32.49 30.31 -13.88
CA ASP B 339 31.33 29.89 -14.66
C ASP B 339 30.12 29.80 -13.76
N LEU B 340 28.99 30.32 -14.23
CA LEU B 340 27.74 30.26 -13.48
C LEU B 340 26.77 29.31 -14.18
N VAL B 341 26.12 28.44 -13.41
CA VAL B 341 25.11 27.57 -14.00
C VAL B 341 23.96 28.42 -14.50
N SER B 342 23.58 28.21 -15.77
CA SER B 342 22.64 29.00 -16.57
C SER B 342 23.21 30.34 -16.98
N GLY B 343 24.46 30.64 -16.62
CA GLY B 343 25.15 31.83 -17.12
C GLY B 343 24.86 33.12 -16.38
N GLY B 344 24.07 33.08 -15.31
CA GLY B 344 23.71 34.30 -14.62
C GLY B 344 22.62 34.02 -13.60
N THR B 345 21.88 35.07 -13.26
CA THR B 345 20.83 34.95 -12.26
C THR B 345 19.67 35.89 -12.56
N ASP B 346 18.49 35.51 -12.11
CA ASP B 346 17.31 36.38 -12.05
C ASP B 346 16.72 36.47 -10.66
N ASN B 347 17.42 35.95 -9.66
CA ASN B 347 16.86 36.02 -8.32
C ASN B 347 17.94 36.34 -7.30
N HIS B 348 17.84 35.72 -6.14
CA HIS B 348 18.65 36.04 -4.97
C HIS B 348 19.93 35.22 -4.88
N LEU B 349 20.19 34.28 -5.78
CA LEU B 349 21.37 33.44 -5.62
C LEU B 349 22.11 33.25 -6.94
N VAL B 350 23.34 32.72 -6.82
CA VAL B 350 24.13 32.30 -7.98
C VAL B 350 24.64 30.90 -7.71
N LEU B 351 24.92 30.17 -8.80
CA LEU B 351 25.42 28.81 -8.74
C LEU B 351 26.75 28.77 -9.47
N VAL B 352 27.86 28.73 -8.74
CA VAL B 352 29.18 28.70 -9.37
C VAL B 352 29.53 27.27 -9.72
N ASN B 353 29.95 27.03 -10.97
CA ASN B 353 30.46 25.73 -11.38
C ASN B 353 31.98 25.84 -11.42
N LEU B 354 32.65 25.16 -10.48
CA LEU B 354 34.09 25.31 -10.33
C LEU B 354 34.91 24.44 -11.29
N LYS B 355 34.29 23.74 -12.23
CA LYS B 355 35.05 22.80 -13.06
C LYS B 355 36.17 23.50 -13.84
N ASN B 356 35.90 24.69 -14.40
CA ASN B 356 36.93 25.40 -15.17
C ASN B 356 38.11 25.88 -14.32
N LYS B 357 38.03 25.74 -13.00
CA LYS B 357 39.10 26.16 -12.11
C LYS B 357 39.94 24.99 -11.60
N GLY B 358 39.57 23.76 -11.93
CA GLY B 358 40.34 22.59 -11.50
C GLY B 358 40.25 22.26 -10.03
N ILE B 359 39.09 22.50 -9.41
CA ILE B 359 38.92 22.20 -7.99
C ILE B 359 37.43 22.04 -7.72
N ASP B 360 37.09 21.26 -6.69
CA ASP B 360 35.68 20.98 -6.41
C ASP B 360 35.15 21.79 -5.23
N GLY B 361 33.84 21.67 -5.02
CA GLY B 361 33.18 22.51 -4.04
C GLY B 361 33.54 22.16 -2.61
N SER B 362 33.78 20.88 -2.34
CA SER B 362 34.13 20.45 -0.99
C SER B 362 35.42 21.10 -0.51
N ARG B 363 36.44 21.13 -1.37
CA ARG B 363 37.70 21.78 -1.01
C ARG B 363 37.53 23.27 -0.81
N VAL B 364 36.84 23.94 -1.73
CA VAL B 364 36.67 25.40 -1.63
C VAL B 364 35.86 25.76 -0.39
N GLU B 365 34.79 25.01 -0.12
CA GLU B 365 33.93 25.32 1.04
C GLU B 365 34.70 25.22 2.35
N LYS B 366 35.65 24.29 2.44
CA LYS B 366 36.45 24.18 3.66
C LYS B 366 37.31 25.41 3.87
N VAL B 367 37.89 25.95 2.80
CA VAL B 367 38.66 27.18 2.94
C VAL B 367 37.75 28.35 3.26
N LEU B 368 36.61 28.45 2.57
CA LEU B 368 35.63 29.50 2.85
C LEU B 368 35.23 29.51 4.31
N GLU B 369 34.91 28.33 4.86
CA GLU B 369 34.55 28.25 6.28
C GLU B 369 35.68 28.75 7.17
N LEU B 370 36.93 28.42 6.81
CA LEU B 370 38.05 28.85 7.64
C LEU B 370 38.27 30.35 7.60
N VAL B 371 37.81 31.06 6.57
CA VAL B 371 37.97 32.51 6.51
C VAL B 371 36.65 33.22 6.79
N HIS B 372 35.71 32.54 7.46
CA HIS B 372 34.45 33.13 7.95
C HIS B 372 33.53 33.54 6.79
N ILE B 373 33.61 32.83 5.66
CA ILE B 373 32.64 32.98 4.57
C ILE B 373 31.79 31.72 4.55
N ALA B 374 30.48 31.88 4.79
CA ALA B 374 29.56 30.75 4.80
C ALA B 374 28.92 30.61 3.41
N ALA B 375 29.16 29.48 2.76
CA ALA B 375 28.57 29.16 1.47
C ALA B 375 28.20 27.68 1.50
N ASN B 376 27.80 27.13 0.35
CA ASN B 376 27.36 25.74 0.28
C ASN B 376 27.89 25.09 -0.97
N LYS B 377 28.57 23.94 -0.82
CA LYS B 377 28.90 23.14 -1.99
C LYS B 377 27.63 22.66 -2.68
N ASN B 378 27.72 22.39 -3.97
CA ASN B 378 26.52 22.28 -4.78
C ASN B 378 26.79 21.42 -6.01
N THR B 379 25.87 20.51 -6.32
CA THR B 379 26.01 19.68 -7.52
C THR B 379 25.81 20.53 -8.77
N VAL B 380 26.64 20.29 -9.77
CA VAL B 380 26.54 21.04 -11.03
C VAL B 380 26.27 20.09 -12.18
N PRO B 381 25.56 20.53 -13.22
CA PRO B 381 25.34 19.65 -14.38
C PRO B 381 26.67 19.21 -14.97
N GLY B 382 26.85 17.89 -15.07
CA GLY B 382 28.09 17.30 -15.51
C GLY B 382 28.82 16.52 -14.44
N ASP B 383 28.47 16.71 -13.16
CA ASP B 383 29.06 15.94 -12.08
C ASP B 383 28.82 14.45 -12.30
N VAL B 384 29.82 13.64 -11.97
CA VAL B 384 29.67 12.19 -12.09
C VAL B 384 29.03 11.58 -10.83
N SER B 385 29.23 12.21 -9.67
CA SER B 385 28.72 11.70 -8.41
C SER B 385 28.08 12.84 -7.61
N ALA B 386 26.94 12.54 -6.99
CA ALA B 386 26.29 13.52 -6.12
C ALA B 386 27.04 13.70 -4.80
N MET B 387 27.97 12.79 -4.47
CA MET B 387 28.78 12.92 -3.26
C MET B 387 29.96 13.86 -3.45
N VAL B 388 30.36 14.13 -4.69
CA VAL B 388 31.52 14.98 -4.99
C VAL B 388 31.04 16.23 -5.73
N PRO B 389 30.46 17.21 -5.05
CA PRO B 389 29.87 18.35 -5.75
C PRO B 389 30.92 19.25 -6.38
N GLY B 390 30.67 19.67 -7.61
CA GLY B 390 31.57 20.51 -8.34
C GLY B 390 31.28 21.99 -8.29
N GLY B 391 30.36 22.44 -7.43
CA GLY B 391 29.97 23.84 -7.43
C GLY B 391 29.79 24.40 -6.02
N ILE B 392 29.54 25.72 -5.99
CA ILE B 392 29.29 26.48 -4.77
C ILE B 392 28.06 27.34 -4.99
N ARG B 393 27.15 27.34 -4.01
CA ARG B 393 25.94 28.14 -4.02
C ARG B 393 26.10 29.33 -3.07
N MET B 394 25.76 30.53 -3.53
CA MET B 394 25.87 31.76 -2.72
C MET B 394 24.71 32.68 -3.07
N GLY B 395 24.24 33.44 -2.08
CA GLY B 395 23.16 34.37 -2.34
C GLY B 395 23.23 35.62 -1.49
N THR B 396 22.36 36.55 -1.80
CA THR B 396 22.43 37.88 -1.19
C THR B 396 21.45 38.23 -0.07
N PRO B 397 20.40 37.45 0.26
CA PRO B 397 19.45 37.94 1.29
C PRO B 397 20.07 38.36 2.63
N ALA B 398 20.98 37.55 3.20
CA ALA B 398 21.40 37.80 4.57
C ALA B 398 22.26 39.05 4.69
N LEU B 399 23.28 39.19 3.85
CA LEU B 399 24.11 40.39 3.92
C LEU B 399 23.37 41.63 3.43
N THR B 400 22.40 41.47 2.53
CA THR B 400 21.61 42.64 2.15
C THR B 400 20.82 43.15 3.35
N SER B 401 20.34 42.25 4.20
CA SER B 401 19.64 42.68 5.41
C SER B 401 20.53 43.53 6.32
N ARG B 402 21.83 43.27 6.33
CA ARG B 402 22.78 44.08 7.10
C ARG B 402 23.21 45.35 6.38
N GLY B 403 22.71 45.59 5.17
CA GLY B 403 23.00 46.82 4.47
C GLY B 403 24.08 46.74 3.42
N PHE B 404 24.55 45.54 3.07
CA PHE B 404 25.45 45.41 1.93
C PHE B 404 24.74 45.89 0.68
N ILE B 405 25.45 46.68 -0.14
CA ILE B 405 24.93 47.10 -1.43
C ILE B 405 25.90 46.61 -2.51
N GLU B 406 25.77 47.15 -3.72
CA GLU B 406 26.42 46.53 -4.88
C GLU B 406 27.94 46.48 -4.74
N GLU B 407 28.55 47.59 -4.33
CA GLU B 407 30.00 47.59 -4.21
C GLU B 407 30.47 46.69 -3.10
N ASP B 408 29.62 46.44 -2.09
CA ASP B 408 30.00 45.51 -1.04
C ASP B 408 30.03 44.07 -1.55
N PHE B 409 29.08 43.70 -2.41
CA PHE B 409 29.14 42.35 -2.98
C PHE B 409 30.24 42.21 -4.02
N ALA B 410 30.69 43.31 -4.63
CA ALA B 410 31.92 43.23 -5.44
C ALA B 410 33.09 42.82 -4.55
N LYS B 411 33.13 43.36 -3.34
CA LYS B 411 34.16 42.96 -2.37
C LYS B 411 33.98 41.51 -1.95
N VAL B 412 32.73 41.07 -1.69
CA VAL B 412 32.47 39.68 -1.37
C VAL B 412 33.06 38.75 -2.45
N ALA B 413 32.82 39.10 -3.72
CA ALA B 413 33.33 38.28 -4.81
C ALA B 413 34.85 38.27 -4.85
N GLU B 414 35.48 39.40 -4.52
CA GLU B 414 36.93 39.46 -4.44
C GLU B 414 37.46 38.51 -3.37
N TYR B 415 36.85 38.53 -2.17
CA TYR B 415 37.34 37.66 -1.11
C TYR B 415 37.01 36.19 -1.38
N PHE B 416 35.87 35.91 -2.02
CA PHE B 416 35.60 34.56 -2.51
C PHE B 416 36.72 34.09 -3.45
N ASP B 417 37.09 34.95 -4.40
CA ASP B 417 38.13 34.61 -5.36
C ASP B 417 39.46 34.35 -4.66
N LEU B 418 39.80 35.13 -3.64
CA LEU B 418 41.06 34.92 -2.92
C LEU B 418 41.03 33.59 -2.16
N ALA B 419 39.87 33.22 -1.64
CA ALA B 419 39.75 31.93 -0.95
C ALA B 419 39.92 30.77 -1.93
N VAL B 420 39.37 30.89 -3.14
CA VAL B 420 39.55 29.85 -4.15
C VAL B 420 41.02 29.70 -4.50
N LYS B 421 41.72 30.83 -4.65
CA LYS B 421 43.15 30.80 -4.93
C LYS B 421 43.92 30.08 -3.81
N ILE B 422 43.49 30.28 -2.56
CA ILE B 422 44.13 29.58 -1.45
C ILE B 422 43.84 28.09 -1.52
N ALA B 423 42.59 27.72 -1.83
CA ALA B 423 42.26 26.31 -1.97
C ALA B 423 43.06 25.66 -3.10
N LEU B 424 43.28 26.40 -4.19
CA LEU B 424 44.09 25.87 -5.27
C LEU B 424 45.54 25.67 -4.84
N LYS B 425 46.05 26.53 -3.97
CA LYS B 425 47.42 26.34 -3.45
C LYS B 425 47.48 25.14 -2.53
N ILE B 426 46.46 24.94 -1.69
CA ILE B 426 46.44 23.77 -0.81
C ILE B 426 46.42 22.49 -1.63
N LYS B 427 45.65 22.48 -2.73
CA LYS B 427 45.63 21.32 -3.60
C LYS B 427 46.98 21.09 -4.26
N ALA B 428 47.65 22.15 -4.69
CA ALA B 428 48.96 21.99 -5.32
C ALA B 428 50.00 21.47 -4.33
N GLU B 429 49.96 21.93 -3.08
CA GLU B 429 50.88 21.45 -2.07
C GLU B 429 50.48 20.08 -1.52
N SER B 430 49.28 19.61 -1.85
CA SER B 430 48.80 18.35 -1.31
C SER B 430 49.57 17.18 -1.91
N GLN B 431 49.82 16.17 -1.08
CA GLN B 431 50.52 14.97 -1.56
C GLN B 431 49.60 14.11 -2.41
N GLY B 432 48.61 13.49 -1.79
CA GLY B 432 47.69 12.63 -2.48
C GLY B 432 46.62 13.40 -3.23
N THR B 433 45.66 12.65 -3.77
CA THR B 433 44.55 13.20 -4.51
C THR B 433 43.24 13.20 -3.71
N LYS B 434 43.25 12.62 -2.52
CA LYS B 434 42.03 12.46 -1.75
C LYS B 434 41.80 13.66 -0.83
N LEU B 435 40.55 13.82 -0.42
CA LEU B 435 40.17 14.99 0.38
C LEU B 435 40.89 15.01 1.72
N LYS B 436 41.19 13.84 2.30
CA LYS B 436 41.88 13.81 3.57
C LYS B 436 43.32 14.29 3.44
N ASP B 437 43.91 14.15 2.25
CA ASP B 437 45.23 14.72 2.01
C ASP B 437 45.14 16.23 1.88
N PHE B 438 44.08 16.74 1.26
CA PHE B 438 43.84 18.18 1.19
C PHE B 438 43.67 18.78 2.58
N VAL B 439 42.82 18.14 3.41
CA VAL B 439 42.61 18.63 4.76
C VAL B 439 43.89 18.57 5.58
N ALA B 440 44.71 17.53 5.35
CA ALA B 440 45.99 17.41 6.05
C ALA B 440 46.91 18.59 5.72
N THR B 441 47.00 18.94 4.44
CA THR B 441 47.76 20.12 4.03
C THR B 441 47.16 21.39 4.65
N MET B 442 45.83 21.53 4.54
CA MET B 442 45.13 22.73 4.99
C MET B 442 45.35 23.00 6.47
N GLN B 443 45.63 21.96 7.25
CA GLN B 443 45.79 22.12 8.69
C GLN B 443 47.24 22.18 9.13
N SER B 444 48.17 21.64 8.35
CA SER B 444 49.57 21.55 8.75
C SER B 444 50.49 22.55 8.06
N ASN B 445 50.11 23.09 6.91
CA ASN B 445 50.98 23.99 6.15
C ASN B 445 50.97 25.36 6.82
N GLU B 446 52.11 25.76 7.39
CA GLU B 446 52.21 27.03 8.11
C GLU B 446 51.97 28.21 7.17
N LYS B 447 52.56 28.18 5.98
CA LYS B 447 52.42 29.28 5.04
C LYS B 447 50.97 29.52 4.67
N LEU B 448 50.26 28.45 4.30
CA LEU B 448 48.87 28.61 3.88
C LEU B 448 47.95 28.88 5.06
N GLN B 449 48.29 28.38 6.25
CA GLN B 449 47.57 28.75 7.45
C GLN B 449 47.62 30.25 7.67
N SER B 450 48.77 30.87 7.41
CA SER B 450 48.91 32.31 7.52
C SER B 450 48.07 33.05 6.49
N GLU B 451 48.01 32.52 5.26
CA GLU B 451 47.18 33.14 4.21
C GLU B 451 45.71 33.13 4.60
N MET B 452 45.23 32.02 5.15
CA MET B 452 43.83 31.95 5.56
C MET B 452 43.55 32.88 6.73
N SER B 453 44.49 32.99 7.67
CA SER B 453 44.35 33.93 8.78
C SER B 453 44.21 35.36 8.27
N LYS B 454 45.08 35.76 7.33
CA LYS B 454 45.01 37.11 6.78
C LYS B 454 43.67 37.35 6.09
N LEU B 455 43.21 36.38 5.29
CA LEU B 455 41.93 36.57 4.59
C LEU B 455 40.77 36.59 5.58
N ARG B 456 40.83 35.75 6.61
CA ARG B 456 39.79 35.78 7.64
C ARG B 456 39.71 37.15 8.30
N GLU B 457 40.87 37.80 8.53
CA GLU B 457 40.87 39.13 9.11
C GLU B 457 40.24 40.14 8.17
N MET B 458 40.52 40.05 6.87
CA MET B 458 39.93 40.95 5.89
C MET B 458 38.41 40.80 5.86
N VAL B 459 37.92 39.56 5.85
CA VAL B 459 36.48 39.30 5.86
C VAL B 459 35.84 39.92 7.10
N GLU B 460 36.39 39.61 8.28
CA GLU B 460 35.78 40.08 9.52
C GLU B 460 35.83 41.59 9.64
N GLU B 461 36.97 42.20 9.25
CA GLU B 461 37.06 43.66 9.32
C GLU B 461 36.00 44.32 8.44
N TYR B 462 35.69 43.71 7.29
CA TYR B 462 34.71 44.29 6.40
C TYR B 462 33.30 44.11 6.95
N ALA B 463 33.00 42.89 7.42
CA ALA B 463 31.67 42.56 7.91
C ALA B 463 31.32 43.32 9.19
N LYS B 464 32.30 43.54 10.07
CA LYS B 464 32.05 44.23 11.33
C LYS B 464 31.59 45.66 11.15
N GLN B 465 31.89 46.28 10.01
CA GLN B 465 31.51 47.67 9.79
C GLN B 465 30.00 47.87 9.67
N PHE B 466 29.26 46.80 9.40
CA PHE B 466 27.83 46.87 9.13
C PHE B 466 27.02 46.65 10.40
N PRO B 467 25.79 47.15 10.43
CA PRO B 467 24.96 46.99 11.64
C PRO B 467 24.71 45.53 11.95
N THR B 468 24.59 45.25 13.24
CA THR B 468 24.09 43.96 13.69
C THR B 468 22.57 43.97 13.60
N ILE B 469 21.97 42.84 13.23
CA ILE B 469 20.53 42.74 13.05
C ILE B 469 19.92 41.93 14.18
N GLY B 470 19.01 42.56 14.92
CA GLY B 470 18.27 41.90 15.98
C GLY B 470 18.89 42.01 17.36
N PHE B 471 20.03 42.67 17.50
CA PHE B 471 20.66 42.91 18.78
C PHE B 471 21.61 44.08 18.62
N GLU B 472 22.02 44.66 19.75
CA GLU B 472 22.90 45.81 19.78
C GLU B 472 24.36 45.39 19.89
N LYS B 473 25.23 46.04 19.11
CA LYS B 473 26.67 45.86 19.27
C LYS B 473 27.11 46.21 20.68
N GLU B 474 26.55 47.29 21.25
CA GLU B 474 27.10 47.86 22.47
C GLU B 474 26.99 46.90 23.65
N THR B 475 26.02 46.00 23.66
CA THR B 475 25.86 45.09 24.78
C THR B 475 26.36 43.68 24.50
N MET B 476 27.01 43.44 23.35
CA MET B 476 27.57 42.14 23.06
C MET B 476 28.66 41.78 24.04
N ARG B 477 28.71 40.50 24.42
CA ARG B 477 29.80 40.03 25.27
C ARG B 477 31.13 40.01 24.51
N TYR B 478 31.12 39.60 23.25
CA TYR B 478 32.35 39.37 22.50
C TYR B 478 32.52 40.47 21.45
N LYS B 479 33.28 41.50 21.81
CA LYS B 479 33.44 42.68 20.97
C LYS B 479 34.74 42.70 20.17
N GLU B 480 35.59 41.69 20.32
CA GLU B 480 36.81 41.63 19.53
C GLU B 480 36.59 40.82 18.25
N SER C 6 -31.56 -46.65 -4.93
CA SER C 6 -30.96 -45.33 -5.09
C SER C 6 -29.47 -45.41 -5.41
N ARG C 7 -28.77 -46.32 -4.72
CA ARG C 7 -27.33 -46.48 -4.95
C ARG C 7 -27.04 -46.76 -6.41
N SER C 8 -27.64 -47.81 -6.96
CA SER C 8 -27.47 -48.11 -8.39
C SER C 8 -27.87 -46.92 -9.27
N SER C 9 -28.78 -46.07 -8.75
CA SER C 9 -29.29 -44.95 -9.53
C SER C 9 -28.23 -43.88 -9.72
N TRP C 10 -27.51 -43.48 -8.66
CA TRP C 10 -26.48 -42.47 -8.94
C TRP C 10 -25.22 -43.07 -9.57
N ILE C 11 -24.97 -44.37 -9.41
CA ILE C 11 -23.83 -44.99 -10.10
C ILE C 11 -24.00 -44.91 -11.61
N LYS C 12 -25.20 -45.26 -12.09
CA LYS C 12 -25.48 -45.22 -13.52
C LYS C 12 -25.29 -43.82 -14.09
N GLN C 13 -25.82 -42.80 -13.39
CA GLN C 13 -25.66 -41.41 -13.79
C GLN C 13 -24.20 -41.02 -13.93
N LEU C 14 -23.35 -41.51 -13.02
CA LEU C 14 -21.93 -41.13 -13.01
C LEU C 14 -21.16 -41.76 -14.16
N ASN C 15 -21.62 -42.89 -14.67
CA ASN C 15 -20.89 -43.60 -15.71
C ASN C 15 -21.54 -43.48 -17.08
N ALA C 16 -22.65 -42.75 -17.19
CA ALA C 16 -23.32 -42.58 -18.47
C ALA C 16 -22.56 -41.59 -19.37
N SER C 17 -22.74 -41.75 -20.68
CA SER C 17 -22.11 -40.86 -21.63
C SER C 17 -22.76 -39.48 -21.60
N LEU C 18 -22.02 -38.50 -22.15
CA LEU C 18 -22.57 -37.15 -22.30
C LEU C 18 -23.81 -37.15 -23.18
N ASP C 19 -23.80 -37.95 -24.26
CA ASP C 19 -25.00 -38.01 -25.12
C ASP C 19 -26.23 -38.44 -24.34
N GLU C 20 -26.06 -39.35 -23.38
CA GLU C 20 -27.19 -39.85 -22.62
C GLU C 20 -27.60 -38.88 -21.51
N ILE C 21 -26.63 -38.27 -20.84
CA ILE C 21 -26.90 -37.44 -19.66
C ILE C 21 -27.37 -36.04 -20.05
N ASP C 22 -26.74 -35.43 -21.05
CA ASP C 22 -26.95 -34.01 -21.35
C ASP C 22 -26.99 -33.79 -22.85
N PRO C 23 -28.11 -34.12 -23.51
CA PRO C 23 -28.19 -33.93 -24.96
C PRO C 23 -28.02 -32.48 -25.39
N GLU C 24 -28.46 -31.51 -24.58
CA GLU C 24 -28.27 -30.12 -24.95
C GLU C 24 -26.79 -29.77 -25.03
N VAL C 25 -26.00 -30.14 -24.02
CA VAL C 25 -24.57 -29.86 -24.08
C VAL C 25 -23.92 -30.65 -25.20
N ALA C 26 -24.34 -31.90 -25.41
CA ALA C 26 -23.77 -32.67 -26.50
C ALA C 26 -24.01 -31.98 -27.83
N ASP C 27 -25.20 -31.40 -28.01
CA ASP C 27 -25.52 -30.72 -29.26
C ASP C 27 -24.70 -29.44 -29.43
N ILE C 28 -24.51 -28.67 -28.34
CA ILE C 28 -23.65 -27.48 -28.42
C ILE C 28 -22.25 -27.87 -28.90
N ILE C 29 -21.71 -28.96 -28.37
CA ILE C 29 -20.37 -29.38 -28.77
C ILE C 29 -20.37 -29.78 -30.24
N GLU C 30 -21.44 -30.45 -30.71
CA GLU C 30 -21.50 -30.81 -32.12
C GLU C 30 -21.60 -29.57 -33.01
N LEU C 31 -22.32 -28.55 -32.56
CA LEU C 31 -22.39 -27.30 -33.31
C LEU C 31 -21.01 -26.64 -33.39
N GLU C 32 -20.27 -26.69 -32.28
CA GLU C 32 -18.93 -26.10 -32.26
C GLU C 32 -17.96 -26.87 -33.15
N LYS C 33 -18.05 -28.21 -33.15
CA LYS C 33 -17.25 -29.00 -34.09
C LYS C 33 -17.51 -28.56 -35.52
N ALA C 34 -18.78 -28.42 -35.90
CA ALA C 34 -19.10 -27.98 -37.26
C ALA C 34 -18.54 -26.59 -37.53
N ARG C 35 -18.59 -25.70 -36.53
CA ARG C 35 -18.04 -24.35 -36.69
C ARG C 35 -16.54 -24.40 -36.96
N GLN C 36 -15.83 -25.26 -36.24
CA GLN C 36 -14.38 -25.39 -36.43
C GLN C 36 -14.03 -26.08 -37.75
N TRP C 37 -14.94 -26.87 -38.28
CA TRP C 37 -14.72 -27.55 -39.55
C TRP C 37 -14.89 -26.62 -40.74
N LYS C 38 -15.90 -25.75 -40.69
CA LYS C 38 -16.35 -25.03 -41.88
C LYS C 38 -15.84 -23.60 -41.95
N GLY C 39 -15.05 -23.14 -40.98
CA GLY C 39 -14.67 -21.74 -40.99
C GLY C 39 -13.19 -21.44 -41.21
N PHE C 40 -12.87 -20.18 -41.50
CA PHE C 40 -11.49 -19.69 -41.50
C PHE C 40 -11.24 -19.16 -40.09
N GLU C 41 -10.56 -19.93 -39.27
CA GLU C 41 -10.27 -19.55 -37.88
C GLU C 41 -8.95 -18.77 -37.89
N LEU C 42 -9.04 -17.43 -37.91
CA LEU C 42 -7.86 -16.56 -38.09
C LEU C 42 -7.43 -15.83 -36.83
N ILE C 43 -8.10 -16.03 -35.70
CA ILE C 43 -7.70 -15.37 -34.45
C ILE C 43 -6.31 -15.90 -34.12
N PRO C 44 -5.28 -15.04 -34.05
CA PRO C 44 -3.90 -15.57 -33.96
C PRO C 44 -3.57 -16.25 -32.64
N SER C 45 -4.36 -16.04 -31.59
CA SER C 45 -4.18 -16.75 -30.33
C SER C 45 -4.89 -18.10 -30.31
N GLU C 46 -5.61 -18.48 -31.35
CA GLU C 46 -6.35 -19.73 -31.33
C GLU C 46 -5.58 -20.82 -32.05
N ASN C 47 -5.87 -22.07 -31.67
CA ASN C 47 -5.25 -23.21 -32.33
C ASN C 47 -6.20 -24.38 -32.15
N PHE C 48 -5.87 -25.52 -32.74
CA PHE C 48 -6.66 -26.74 -32.57
C PHE C 48 -5.82 -27.76 -31.82
N THR C 49 -6.27 -28.14 -30.64
CA THR C 49 -5.52 -29.05 -29.79
C THR C 49 -5.66 -30.49 -30.26
N SER C 50 -4.63 -31.28 -29.97
CA SER C 50 -4.63 -32.68 -30.37
C SER C 50 -5.64 -33.51 -29.58
N LEU C 51 -6.05 -34.61 -30.20
CA LEU C 51 -6.89 -35.59 -29.51
C LEU C 51 -6.23 -36.13 -28.25
N SER C 52 -4.91 -36.44 -28.32
CA SER C 52 -4.24 -37.05 -27.18
C SER C 52 -4.19 -36.11 -25.98
N VAL C 53 -3.98 -34.81 -26.22
CA VAL C 53 -4.05 -33.83 -25.12
C VAL C 53 -5.45 -33.82 -24.52
N MET C 54 -6.48 -33.75 -25.38
CA MET C 54 -7.86 -33.70 -24.89
C MET C 54 -8.22 -34.94 -24.10
N GLN C 55 -7.71 -36.11 -24.51
CA GLN C 55 -8.01 -37.34 -23.77
C GLN C 55 -7.42 -37.32 -22.38
N ALA C 56 -6.19 -36.77 -22.24
CA ALA C 56 -5.57 -36.59 -20.94
C ALA C 56 -6.31 -35.55 -20.09
N VAL C 57 -6.68 -34.41 -20.69
CA VAL C 57 -7.41 -33.40 -19.94
C VAL C 57 -8.77 -33.93 -19.49
N GLY C 58 -9.37 -34.83 -20.28
CA GLY C 58 -10.64 -35.42 -19.88
C GLY C 58 -10.50 -36.76 -19.17
N SER C 59 -9.47 -36.93 -18.33
CA SER C 59 -9.20 -38.18 -17.64
C SER C 59 -9.42 -38.05 -16.14
N VAL C 60 -9.31 -39.19 -15.44
CA VAL C 60 -9.55 -39.23 -14.00
C VAL C 60 -8.40 -38.60 -13.21
N MET C 61 -7.38 -38.09 -13.90
CA MET C 61 -6.37 -37.30 -13.20
C MET C 61 -6.96 -36.09 -12.50
N THR C 62 -8.16 -35.65 -12.91
CA THR C 62 -8.84 -34.52 -12.28
C THR C 62 -9.23 -34.80 -10.83
N ASN C 63 -9.29 -36.08 -10.41
CA ASN C 63 -9.92 -36.34 -9.11
C ASN C 63 -9.02 -36.07 -7.91
N LYS C 64 -7.71 -36.13 -8.08
CA LYS C 64 -6.80 -36.10 -6.94
C LYS C 64 -6.55 -34.67 -6.43
N TYR C 65 -6.54 -34.48 -5.10
CA TYR C 65 -6.04 -33.25 -4.49
C TYR C 65 -4.55 -33.41 -4.23
N SER C 66 -3.73 -32.49 -4.75
N SER C 66 -3.76 -32.45 -4.71
CA SER C 66 -2.28 -32.66 -4.68
CA SER C 66 -2.31 -32.62 -4.76
C SER C 66 -1.57 -31.34 -4.41
C SER C 66 -1.58 -31.33 -4.44
N GLU C 67 -2.09 -30.57 -3.46
CA GLU C 67 -1.40 -29.33 -3.05
C GLU C 67 0.03 -29.61 -2.65
N GLY C 68 0.93 -28.70 -3.05
CA GLY C 68 2.36 -28.88 -2.83
C GLY C 68 3.01 -29.25 -4.14
N TYR C 69 4.14 -29.95 -4.08
CA TYR C 69 4.96 -30.25 -5.25
C TYR C 69 5.36 -31.71 -5.20
N PRO C 70 5.77 -32.30 -6.32
CA PRO C 70 6.13 -33.72 -6.31
C PRO C 70 7.08 -34.08 -5.18
N GLY C 71 6.73 -35.16 -4.46
CA GLY C 71 7.52 -35.59 -3.33
C GLY C 71 7.42 -34.70 -2.11
N ALA C 72 6.63 -33.62 -2.18
CA ALA C 72 6.46 -32.72 -1.07
C ALA C 72 5.00 -32.27 -1.06
N ARG C 73 4.10 -33.26 -1.02
CA ARG C 73 2.67 -33.00 -1.05
C ARG C 73 2.10 -32.95 0.36
N TYR C 74 0.97 -32.24 0.49
CA TYR C 74 0.27 -32.27 1.77
C TYR C 74 -0.50 -33.57 1.96
N TYR C 75 -1.05 -34.13 0.90
CA TYR C 75 -1.87 -35.33 0.98
C TYR C 75 -1.15 -36.55 0.43
N GLY C 76 -1.52 -37.72 0.94
CA GLY C 76 -1.06 -38.96 0.36
C GLY C 76 -1.79 -39.29 -0.93
N GLY C 77 -1.45 -40.46 -1.47
CA GLY C 77 -2.10 -40.97 -2.65
C GLY C 77 -1.60 -40.36 -3.94
N ASN C 78 -0.50 -39.60 -3.89
CA ASN C 78 -0.10 -38.83 -5.06
C ASN C 78 1.05 -39.45 -5.83
N GLU C 79 1.28 -40.77 -5.69
N GLU C 79 1.27 -40.77 -5.71
CA GLU C 79 2.40 -41.42 -6.39
CA GLU C 79 2.42 -41.39 -6.37
C GLU C 79 2.35 -41.17 -7.89
C GLU C 79 2.36 -41.22 -7.89
N TYR C 80 1.18 -41.37 -8.49
CA TYR C 80 1.07 -41.28 -9.94
C TYR C 80 0.85 -39.85 -10.41
N ILE C 81 0.18 -39.03 -9.61
CA ILE C 81 0.16 -37.59 -9.90
C ILE C 81 1.58 -37.05 -9.93
N ASP C 82 2.45 -37.55 -9.02
CA ASP C 82 3.84 -37.08 -9.01
C ASP C 82 4.59 -37.52 -10.27
N MET C 83 4.34 -38.74 -10.75
CA MET C 83 4.94 -39.18 -12.00
C MET C 83 4.60 -38.23 -13.13
N ALA C 84 3.34 -37.82 -13.19
CA ALA C 84 2.91 -36.95 -14.27
C ALA C 84 3.49 -35.54 -14.14
N GLU C 85 3.46 -34.95 -12.93
CA GLU C 85 3.95 -33.58 -12.80
C GLU C 85 5.46 -33.50 -13.02
N THR C 86 6.21 -34.44 -12.45
CA THR C 86 7.66 -34.49 -12.67
C THR C 86 7.98 -34.68 -14.15
N LEU C 87 7.27 -35.60 -14.81
CA LEU C 87 7.49 -35.80 -16.24
C LEU C 87 7.18 -34.53 -17.02
N CYS C 88 6.09 -33.86 -16.64
CA CYS C 88 5.72 -32.61 -17.28
C CYS C 88 6.84 -31.56 -17.14
N GLN C 89 7.37 -31.41 -15.92
CA GLN C 89 8.42 -30.42 -15.67
C GLN C 89 9.65 -30.73 -16.52
N LYS C 90 10.09 -31.98 -16.53
CA LYS C 90 11.29 -32.32 -17.28
C LYS C 90 11.08 -32.14 -18.78
N ARG C 91 9.90 -32.53 -19.27
CA ARG C 91 9.59 -32.31 -20.68
C ARG C 91 9.47 -30.82 -21.01
N ALA C 92 9.04 -30.01 -20.05
CA ALA C 92 8.95 -28.57 -20.30
C ALA C 92 10.33 -27.98 -20.54
N LEU C 93 11.32 -28.35 -19.73
CA LEU C 93 12.65 -27.83 -19.97
C LEU C 93 13.20 -28.34 -21.28
N GLU C 94 12.94 -29.61 -21.62
CA GLU C 94 13.42 -30.17 -22.88
C GLU C 94 12.79 -29.48 -24.08
N ALA C 95 11.52 -29.09 -23.98
CA ALA C 95 10.85 -28.46 -25.11
C ALA C 95 11.49 -27.14 -25.51
N PHE C 96 12.18 -26.48 -24.59
CA PHE C 96 12.86 -25.23 -24.88
C PHE C 96 14.37 -25.38 -24.81
N GLN C 97 14.86 -26.63 -24.79
CA GLN C 97 16.29 -26.96 -24.82
C GLN C 97 17.05 -26.28 -23.69
N LEU C 98 16.45 -26.27 -22.50
CA LEU C 98 17.04 -25.58 -21.35
C LEU C 98 17.88 -26.52 -20.49
N ASP C 99 18.98 -25.99 -19.99
CA ASP C 99 19.83 -26.69 -19.02
C ASP C 99 19.14 -26.68 -17.65
N PRO C 100 18.72 -27.84 -17.11
CA PRO C 100 18.01 -27.82 -15.82
C PRO C 100 18.85 -27.37 -14.63
N SER C 101 20.16 -27.24 -14.77
CA SER C 101 20.95 -26.61 -13.71
C SER C 101 20.89 -25.09 -13.78
N LYS C 102 20.41 -24.53 -14.90
CA LYS C 102 20.27 -23.10 -15.04
C LYS C 102 18.83 -22.62 -15.07
N TRP C 103 17.87 -23.52 -15.32
CA TRP C 103 16.46 -23.19 -15.45
C TRP C 103 15.61 -24.18 -14.66
N GLY C 104 14.60 -23.66 -13.95
CA GLY C 104 13.54 -24.47 -13.38
C GLY C 104 12.20 -24.05 -13.96
N VAL C 105 11.16 -24.82 -13.64
CA VAL C 105 9.83 -24.53 -14.18
C VAL C 105 8.77 -24.92 -13.16
N ASN C 106 7.69 -24.13 -13.15
CA ASN C 106 6.47 -24.43 -12.43
C ASN C 106 5.38 -24.66 -13.46
N VAL C 107 4.70 -25.81 -13.38
CA VAL C 107 3.68 -26.14 -14.38
C VAL C 107 2.26 -26.08 -13.80
N GLN C 108 2.08 -25.52 -12.59
CA GLN C 108 0.76 -25.51 -11.94
C GLN C 108 -0.06 -24.26 -12.22
N SER C 109 0.52 -23.19 -12.78
CA SER C 109 -0.25 -21.95 -12.93
C SER C 109 -1.43 -22.17 -13.89
N LEU C 110 -2.61 -21.66 -13.52
CA LEU C 110 -3.83 -22.10 -14.20
C LEU C 110 -4.01 -21.48 -15.58
N SER C 111 -3.41 -20.32 -15.86
CA SER C 111 -3.52 -19.69 -17.18
C SER C 111 -2.50 -18.55 -17.25
N GLY C 112 -2.42 -17.92 -18.42
CA GLY C 112 -1.37 -16.94 -18.66
C GLY C 112 -1.49 -15.72 -17.78
N SER C 113 -2.72 -15.25 -17.54
CA SER C 113 -2.89 -14.02 -16.77
C SER C 113 -2.51 -14.20 -15.31
N PRO C 114 -2.99 -15.23 -14.59
CA PRO C 114 -2.49 -15.44 -13.21
C PRO C 114 -1.03 -15.83 -13.15
N ALA C 115 -0.47 -16.45 -14.20
CA ALA C 115 0.97 -16.76 -14.16
C ALA C 115 1.78 -15.48 -14.00
N ASN C 116 1.44 -14.45 -14.77
CA ASN C 116 2.16 -13.19 -14.62
C ASN C 116 1.93 -12.58 -13.24
N PHE C 117 0.69 -12.63 -12.74
CA PHE C 117 0.42 -12.08 -11.40
C PHE C 117 1.22 -12.82 -10.34
N GLN C 118 1.41 -14.12 -10.51
CA GLN C 118 2.16 -14.90 -9.53
C GLN C 118 3.63 -14.51 -9.56
N VAL C 119 4.16 -14.19 -10.75
CA VAL C 119 5.54 -13.72 -10.82
C VAL C 119 5.69 -12.39 -10.10
N TYR C 120 4.74 -11.45 -10.34
CA TYR C 120 4.84 -10.15 -9.65
C TYR C 120 4.76 -10.35 -8.15
N THR C 121 3.85 -11.21 -7.71
CA THR C 121 3.68 -11.44 -6.27
C THR C 121 4.94 -12.06 -5.67
N ALA C 122 5.61 -12.92 -6.44
CA ALA C 122 6.83 -13.57 -5.98
C ALA C 122 7.98 -12.58 -5.80
N LEU C 123 8.12 -11.63 -6.73
CA LEU C 123 9.35 -10.87 -6.85
C LEU C 123 9.23 -9.40 -6.49
N LEU C 124 8.02 -8.87 -6.41
CA LEU C 124 7.78 -7.46 -6.12
C LEU C 124 6.87 -7.30 -4.91
N LYS C 125 7.16 -6.29 -4.09
CA LYS C 125 6.22 -5.91 -3.04
C LYS C 125 5.06 -5.15 -3.65
N PRO C 126 3.90 -5.12 -3.00
CA PRO C 126 2.80 -4.27 -3.49
C PRO C 126 3.28 -2.85 -3.74
N HIS C 127 2.80 -2.26 -4.84
CA HIS C 127 3.07 -0.90 -5.29
C HIS C 127 4.45 -0.73 -5.89
N GLU C 128 5.22 -1.80 -6.07
CA GLU C 128 6.49 -1.63 -6.77
C GLU C 128 6.25 -1.61 -8.28
N ARG C 129 7.29 -1.18 -9.02
CA ARG C 129 7.09 -0.64 -10.36
C ARG C 129 7.37 -1.64 -11.47
N ILE C 130 6.48 -1.65 -12.47
CA ILE C 130 6.53 -2.55 -13.63
C ILE C 130 6.40 -1.70 -14.89
N MET C 131 7.26 -1.96 -15.90
CA MET C 131 7.04 -1.42 -17.24
C MET C 131 6.71 -2.54 -18.21
N ALA C 132 5.85 -2.23 -19.19
CA ALA C 132 5.44 -3.22 -20.18
C ALA C 132 4.86 -2.49 -21.38
N LEU C 133 4.69 -3.22 -22.49
CA LEU C 133 4.14 -2.61 -23.69
C LEU C 133 2.69 -2.17 -23.48
N ASP C 134 2.38 -0.91 -23.85
CA ASP C 134 1.02 -0.38 -23.72
C ASP C 134 0.02 -1.30 -24.41
N LEU C 135 -1.11 -1.57 -23.75
CA LEU C 135 -2.10 -2.48 -24.32
C LEU C 135 -2.53 -2.09 -25.74
N PRO C 136 -2.92 -0.84 -26.04
CA PRO C 136 -3.29 -0.53 -27.42
C PRO C 136 -2.11 -0.49 -28.38
N HIS C 137 -0.89 -0.61 -27.89
CA HIS C 137 0.29 -0.72 -28.75
C HIS C 137 0.72 -2.17 -28.92
N GLY C 138 -0.05 -3.14 -28.41
CA GLY C 138 0.27 -4.53 -28.64
C GLY C 138 0.54 -5.34 -27.38
N GLY C 139 0.32 -4.72 -26.22
CA GLY C 139 0.58 -5.37 -24.95
C GLY C 139 -0.57 -6.27 -24.50
N HIS C 140 -0.58 -6.56 -23.21
CA HIS C 140 -1.56 -7.50 -22.66
C HIS C 140 -2.03 -7.01 -21.30
N LEU C 141 -3.32 -7.22 -21.00
CA LEU C 141 -3.88 -6.75 -19.75
C LEU C 141 -3.12 -7.27 -18.53
N SER C 142 -2.55 -8.47 -18.60
CA SER C 142 -1.88 -9.03 -17.44
C SER C 142 -0.51 -8.41 -17.17
N HIS C 143 -0.11 -7.41 -17.95
CA HIS C 143 1.06 -6.61 -17.67
C HIS C 143 0.69 -5.27 -17.06
N GLY C 144 -0.58 -5.03 -16.81
CA GLY C 144 -1.07 -3.75 -16.32
C GLY C 144 -1.74 -2.99 -17.44
N TYR C 145 -2.66 -2.10 -17.06
CA TYR C 145 -3.31 -1.19 -18.00
C TYR C 145 -4.24 -0.25 -17.27
N GLN C 146 -4.09 1.04 -17.54
CA GLN C 146 -5.05 2.01 -17.06
C GLN C 146 -5.33 3.04 -18.15
N THR C 147 -6.57 3.51 -18.16
CA THR C 147 -6.98 4.62 -19.00
C THR C 147 -6.79 5.91 -18.21
N ASP C 148 -7.21 7.03 -18.81
CA ASP C 148 -7.16 8.31 -18.09
C ASP C 148 -7.97 8.27 -16.79
N THR C 149 -9.05 7.49 -16.76
CA THR C 149 -10.02 7.57 -15.68
C THR C 149 -10.11 6.32 -14.82
N LYS C 150 -9.54 5.18 -15.26
CA LYS C 150 -9.78 3.95 -14.52
C LYS C 150 -8.61 2.98 -14.68
N LYS C 151 -8.25 2.33 -13.58
CA LYS C 151 -7.36 1.18 -13.63
C LYS C 151 -8.14 -0.05 -14.08
N ILE C 152 -7.76 -0.59 -15.24
CA ILE C 152 -8.52 -1.66 -15.89
C ILE C 152 -8.02 -3.03 -15.47
N SER C 153 -6.71 -3.24 -15.56
CA SER C 153 -6.11 -4.47 -15.08
C SER C 153 -5.84 -4.34 -13.59
N ALA C 154 -6.12 -5.40 -12.83
CA ALA C 154 -5.77 -5.33 -11.41
C ALA C 154 -4.26 -5.35 -11.17
N VAL C 155 -3.43 -5.71 -12.16
CA VAL C 155 -2.00 -5.52 -12.01
C VAL C 155 -1.70 -4.06 -11.68
N SER C 156 -2.45 -3.13 -12.27
CA SER C 156 -2.23 -1.70 -12.07
C SER C 156 -2.82 -1.17 -10.78
N ILE C 157 -3.64 -1.98 -10.11
CA ILE C 157 -4.11 -1.69 -8.75
C ILE C 157 -3.06 -2.09 -7.74
N PHE C 158 -2.55 -3.33 -7.83
CA PHE C 158 -1.67 -3.85 -6.79
C PHE C 158 -0.22 -3.46 -7.02
N PHE C 159 0.13 -3.08 -8.24
CA PHE C 159 1.49 -2.64 -8.58
C PHE C 159 1.40 -1.32 -9.31
N GLU C 160 2.53 -0.62 -9.43
CA GLU C 160 2.58 0.69 -10.10
C GLU C 160 3.13 0.46 -11.50
N THR C 161 2.28 0.69 -12.51
CA THR C 161 2.66 0.35 -13.88
C THR C 161 2.88 1.60 -14.73
N MET C 162 3.72 1.48 -15.76
CA MET C 162 3.89 2.56 -16.73
C MET C 162 4.20 1.90 -18.07
N PRO C 163 3.56 2.32 -19.15
CA PRO C 163 3.78 1.64 -20.44
C PRO C 163 5.01 2.15 -21.15
N TYR C 164 5.52 1.31 -22.06
CA TYR C 164 6.34 1.78 -23.17
C TYR C 164 5.58 1.54 -24.48
N ARG C 165 5.99 2.24 -25.52
CA ARG C 165 5.13 2.39 -26.68
C ARG C 165 5.88 2.13 -27.99
N LEU C 166 5.11 2.01 -29.05
CA LEU C 166 5.67 1.91 -30.39
C LEU C 166 6.25 3.24 -30.85
N ASP C 167 7.18 3.14 -31.79
CA ASP C 167 7.48 4.24 -32.71
C ASP C 167 6.34 4.23 -33.73
N GLU C 168 5.41 5.17 -33.62
CA GLU C 168 4.23 5.00 -34.47
C GLU C 168 4.53 5.31 -35.95
N ASN C 169 5.70 5.87 -36.24
CA ASN C 169 6.16 5.95 -37.63
C ASN C 169 6.50 4.58 -38.21
N THR C 170 7.20 3.72 -37.45
CA THR C 170 7.68 2.44 -37.96
C THR C 170 6.83 1.26 -37.54
N GLY C 171 6.05 1.40 -36.47
CA GLY C 171 5.29 0.29 -35.94
C GLY C 171 6.08 -0.69 -35.11
N TYR C 172 7.38 -0.47 -34.92
CA TYR C 172 8.18 -1.30 -34.03
C TYR C 172 8.23 -0.64 -32.66
N ILE C 173 8.54 -1.45 -31.64
CA ILE C 173 8.72 -0.90 -30.29
C ILE C 173 9.83 0.15 -30.28
N ASP C 174 9.58 1.26 -29.56
CA ASP C 174 10.59 2.33 -29.46
C ASP C 174 11.50 2.00 -28.27
N TYR C 175 12.58 1.26 -28.54
CA TYR C 175 13.46 0.85 -27.45
C TYR C 175 14.26 2.03 -26.89
N ASP C 176 14.52 3.05 -27.73
CA ASP C 176 15.22 4.23 -27.24
C ASP C 176 14.42 4.91 -26.14
N GLN C 177 13.10 5.06 -26.35
CA GLN C 177 12.26 5.73 -25.37
C GLN C 177 12.01 4.84 -24.16
N LEU C 178 11.93 3.52 -24.39
CA LEU C 178 11.85 2.60 -23.28
C LEU C 178 13.03 2.80 -22.33
N GLU C 179 14.23 2.86 -22.90
CA GLU C 179 15.42 3.01 -22.06
C GLU C 179 15.40 4.33 -21.30
N LYS C 180 15.04 5.42 -21.97
CA LYS C 180 15.02 6.71 -21.30
C LYS C 180 13.95 6.77 -20.22
N SER C 181 12.77 6.21 -20.51
CA SER C 181 11.69 6.12 -19.51
C SER C 181 12.14 5.34 -18.30
N ALA C 182 12.82 4.23 -18.51
CA ALA C 182 13.22 3.38 -17.39
C ALA C 182 14.19 4.10 -16.46
N VAL C 183 15.04 4.98 -17.00
CA VAL C 183 15.93 5.75 -16.12
C VAL C 183 15.11 6.57 -15.11
N LEU C 184 14.02 7.17 -15.58
CA LEU C 184 13.23 8.06 -14.73
C LEU C 184 12.28 7.29 -13.82
N PHE C 185 11.68 6.22 -14.33
CA PHE C 185 10.65 5.49 -13.59
C PHE C 185 11.23 4.42 -12.68
N ARG C 186 12.45 3.94 -12.93
CA ARG C 186 13.09 2.94 -12.09
C ARG C 186 12.24 1.68 -11.90
N PRO C 187 11.85 0.99 -12.97
CA PRO C 187 11.07 -0.23 -12.80
C PRO C 187 11.89 -1.28 -12.05
N LYS C 188 11.20 -2.08 -11.21
CA LYS C 188 11.79 -3.28 -10.65
C LYS C 188 11.67 -4.48 -11.55
N LEU C 189 10.80 -4.41 -12.56
CA LEU C 189 10.59 -5.52 -13.48
C LEU C 189 10.12 -4.92 -14.79
N ILE C 190 10.67 -5.42 -15.90
CA ILE C 190 10.27 -5.01 -17.25
C ILE C 190 9.78 -6.23 -17.99
N VAL C 191 8.60 -6.13 -18.59
CA VAL C 191 8.02 -7.24 -19.36
C VAL C 191 8.39 -7.06 -20.83
N ALA C 192 8.92 -8.14 -21.43
CA ALA C 192 9.17 -8.23 -22.87
C ALA C 192 8.19 -9.27 -23.41
N GLY C 193 7.02 -8.81 -23.83
CA GLY C 193 6.03 -9.74 -24.33
C GLY C 193 4.87 -9.00 -24.94
N ALA C 194 4.29 -9.57 -25.97
CA ALA C 194 3.24 -8.85 -26.68
C ALA C 194 2.19 -9.83 -27.16
N SER C 195 1.01 -9.29 -27.46
CA SER C 195 -0.04 -10.03 -28.12
C SER C 195 -0.15 -9.57 -29.57
N ALA C 196 -0.70 -8.38 -29.81
CA ALA C 196 -0.89 -7.87 -31.17
C ALA C 196 0.37 -7.14 -31.62
N TYR C 197 1.38 -7.92 -32.00
CA TYR C 197 2.67 -7.42 -32.47
C TYR C 197 3.19 -8.43 -33.48
N ALA C 198 3.52 -7.96 -34.68
CA ALA C 198 3.94 -8.85 -35.76
C ALA C 198 5.46 -9.00 -35.88
N ARG C 199 6.24 -8.39 -34.99
CA ARG C 199 7.69 -8.42 -35.14
C ARG C 199 8.34 -9.12 -33.95
N LEU C 200 9.61 -9.48 -34.11
CA LEU C 200 10.36 -10.15 -33.05
C LEU C 200 10.83 -9.11 -32.03
N TYR C 201 10.87 -9.53 -30.76
CA TYR C 201 11.39 -8.65 -29.71
C TYR C 201 12.90 -8.51 -29.76
N ASP C 202 13.39 -7.30 -29.44
CA ASP C 202 14.84 -7.06 -29.24
C ASP C 202 15.15 -7.40 -27.79
N TYR C 203 15.21 -8.71 -27.51
CA TYR C 203 15.46 -9.15 -26.14
C TYR C 203 16.82 -8.68 -25.64
N ALA C 204 17.82 -8.60 -26.51
CA ALA C 204 19.14 -8.12 -26.08
C ALA C 204 19.05 -6.70 -25.57
N ARG C 205 18.25 -5.86 -26.23
CA ARG C 205 18.12 -4.47 -25.78
C ARG C 205 17.40 -4.40 -24.45
N ILE C 206 16.32 -5.18 -24.27
CA ILE C 206 15.65 -5.24 -22.97
C ILE C 206 16.62 -5.68 -21.88
N ARG C 207 17.45 -6.69 -22.19
CA ARG C 207 18.45 -7.16 -21.22
C ARG C 207 19.38 -6.03 -20.81
N LYS C 208 19.82 -5.22 -21.77
CA LYS C 208 20.71 -4.11 -21.46
C LYS C 208 20.02 -3.13 -20.52
N VAL C 209 18.75 -2.85 -20.77
CA VAL C 209 18.03 -1.90 -19.93
C VAL C 209 17.80 -2.48 -18.54
N CYS C 210 17.45 -3.77 -18.46
CA CYS C 210 17.23 -4.38 -17.16
C CYS C 210 18.51 -4.45 -16.34
N ASN C 211 19.65 -4.70 -17.00
CA ASN C 211 20.93 -4.69 -16.28
C ASN C 211 21.21 -3.33 -15.69
N LYS C 212 21.01 -2.29 -16.50
CA LYS C 212 21.27 -0.92 -16.03
C LYS C 212 20.38 -0.58 -14.85
N GLN C 213 19.11 -1.00 -14.89
CA GLN C 213 18.13 -0.67 -13.87
C GLN C 213 18.07 -1.68 -12.72
N LYS C 214 18.85 -2.76 -12.80
CA LYS C 214 18.74 -3.87 -11.86
C LYS C 214 17.30 -4.34 -11.76
N ALA C 215 16.63 -4.47 -12.91
CA ALA C 215 15.26 -4.90 -12.98
C ALA C 215 15.19 -6.36 -13.43
N VAL C 216 14.17 -7.08 -12.94
CA VAL C 216 13.91 -8.42 -13.43
C VAL C 216 13.46 -8.34 -14.87
N MET C 217 14.04 -9.16 -15.75
CA MET C 217 13.57 -9.26 -17.12
C MET C 217 12.59 -10.43 -17.23
N LEU C 218 11.30 -10.12 -17.41
CA LEU C 218 10.27 -11.12 -17.61
C LEU C 218 9.91 -11.17 -19.09
N ALA C 219 10.15 -12.30 -19.75
CA ALA C 219 9.64 -12.45 -21.11
C ALA C 219 8.32 -13.20 -21.06
N ASP C 220 7.30 -12.65 -21.70
CA ASP C 220 5.98 -13.30 -21.73
C ASP C 220 5.76 -13.72 -23.17
N MET C 221 6.02 -15.01 -23.46
CA MET C 221 6.06 -15.49 -24.83
C MET C 221 4.78 -16.20 -25.23
N ALA C 222 3.65 -15.95 -24.54
CA ALA C 222 2.40 -16.70 -24.80
C ALA C 222 2.08 -16.83 -26.29
N HIS C 223 2.18 -15.73 -27.05
CA HIS C 223 1.75 -15.79 -28.44
C HIS C 223 2.69 -16.61 -29.31
N ILE C 224 3.98 -16.69 -28.93
CA ILE C 224 5.02 -17.19 -29.83
C ILE C 224 5.71 -18.43 -29.30
N SER C 225 5.21 -19.04 -28.20
CA SER C 225 6.01 -20.07 -27.53
C SER C 225 6.20 -21.32 -28.38
N GLY C 226 5.27 -21.65 -29.27
CA GLY C 226 5.45 -22.82 -30.11
C GLY C 226 6.53 -22.59 -31.16
N LEU C 227 6.63 -21.35 -31.63
CA LEU C 227 7.70 -20.96 -32.53
C LEU C 227 9.05 -21.05 -31.84
N VAL C 228 9.09 -20.59 -30.58
CA VAL C 228 10.32 -20.69 -29.78
C VAL C 228 10.68 -22.16 -29.57
N ALA C 229 9.70 -22.98 -29.18
CA ALA C 229 9.96 -24.39 -28.87
C ALA C 229 10.53 -25.12 -30.08
N ALA C 230 9.99 -24.84 -31.26
CA ALA C 230 10.46 -25.44 -32.50
C ALA C 230 11.81 -24.89 -32.94
N GLY C 231 12.28 -23.79 -32.34
CA GLY C 231 13.56 -23.24 -32.75
C GLY C 231 13.51 -22.53 -34.08
N VAL C 232 12.35 -21.95 -34.43
CA VAL C 232 12.21 -21.27 -35.72
C VAL C 232 12.21 -19.76 -35.60
N ILE C 233 12.17 -19.20 -34.39
CA ILE C 233 12.48 -17.79 -34.13
C ILE C 233 13.42 -17.74 -32.94
N PRO C 234 14.10 -16.60 -32.72
CA PRO C 234 15.04 -16.52 -31.59
C PRO C 234 14.33 -16.69 -30.25
N SER C 235 15.04 -17.34 -29.32
CA SER C 235 14.49 -17.68 -27.99
C SER C 235 14.74 -16.56 -26.97
N PRO C 236 13.71 -16.19 -26.19
CA PRO C 236 13.93 -15.25 -25.08
C PRO C 236 14.76 -15.82 -23.95
N PHE C 237 14.89 -17.15 -23.85
CA PHE C 237 15.60 -17.75 -22.73
C PHE C 237 17.08 -17.41 -22.70
N GLU C 238 17.68 -17.00 -23.81
CA GLU C 238 19.06 -16.55 -23.76
C GLU C 238 19.22 -15.35 -22.84
N TYR C 239 18.18 -14.53 -22.72
CA TYR C 239 18.31 -13.25 -22.04
C TYR C 239 17.50 -13.12 -20.77
N ALA C 240 16.32 -13.73 -20.71
CA ALA C 240 15.37 -13.39 -19.66
C ALA C 240 15.76 -14.00 -18.31
N ASP C 241 15.26 -13.37 -17.23
CA ASP C 241 15.36 -13.96 -15.89
C ASP C 241 14.24 -14.93 -15.63
N VAL C 242 13.04 -14.60 -16.10
CA VAL C 242 11.83 -15.38 -15.93
C VAL C 242 11.12 -15.38 -17.27
N VAL C 243 10.48 -16.49 -17.62
CA VAL C 243 9.68 -16.57 -18.85
C VAL C 243 8.32 -17.15 -18.50
N THR C 244 7.25 -16.39 -18.78
CA THR C 244 5.91 -16.96 -18.67
C THR C 244 5.35 -17.30 -20.04
N THR C 245 4.42 -18.24 -20.06
CA THR C 245 3.71 -18.56 -21.29
C THR C 245 2.39 -19.23 -20.96
N THR C 246 1.41 -19.02 -21.83
CA THR C 246 0.28 -19.95 -21.91
C THR C 246 0.75 -21.28 -22.48
N THR C 247 -0.03 -22.34 -22.19
CA THR C 247 0.29 -23.62 -22.81
C THR C 247 -0.56 -23.87 -24.04
N HIS C 248 -1.58 -23.07 -24.27
CA HIS C 248 -2.41 -23.08 -25.46
C HIS C 248 -1.80 -22.07 -26.48
N1 LLP C 249 0.14 -12.88 -21.87
C2 LLP C 249 0.13 -12.79 -23.20
C2' LLP C 249 1.29 -12.07 -23.93
C3 LLP C 249 -0.92 -13.33 -23.90
O3 LLP C 249 -0.95 -13.20 -25.27
C4 LLP C 249 -1.95 -13.95 -23.26
C4' LLP C 249 -3.05 -14.56 -24.15
C5 LLP C 249 -1.92 -14.06 -21.89
C6 LLP C 249 -0.86 -13.50 -21.20
C5' LLP C 249 -3.06 -14.64 -21.04
OP4 LLP C 249 -3.36 -15.98 -21.09
P LLP C 249 -4.87 -16.35 -20.58
OP1 LLP C 249 -4.78 -17.84 -20.60
OP2 LLP C 249 -5.83 -15.75 -21.56
OP3 LLP C 249 -5.06 -15.74 -19.20
N LLP C 249 -2.60 -21.47 -27.35
CA LLP C 249 -2.03 -20.59 -28.41
CB LLP C 249 -1.42 -19.29 -27.84
CG LLP C 249 -2.44 -18.59 -26.94
CD LLP C 249 -1.98 -17.14 -26.63
CE LLP C 249 -3.10 -16.29 -25.96
NZ LLP C 249 -2.53 -15.39 -24.96
C LLP C 249 -0.99 -21.36 -29.26
O LLP C 249 -1.23 -22.52 -29.60
N SER C 250 0.12 -20.75 -29.66
CA SER C 250 0.95 -21.42 -30.66
C SER C 250 1.65 -22.67 -30.12
N LEU C 251 1.76 -22.85 -28.79
CA LEU C 251 2.31 -24.11 -28.30
C LEU C 251 1.39 -25.28 -28.63
N ARG C 252 0.08 -25.01 -28.70
CA ARG C 252 -0.95 -25.96 -29.11
C ARG C 252 -1.22 -27.01 -28.04
N GLY C 253 -1.04 -26.63 -26.77
CA GLY C 253 -1.32 -27.54 -25.66
C GLY C 253 -2.67 -27.25 -25.04
N PRO C 254 -2.90 -27.81 -23.86
CA PRO C 254 -4.16 -27.54 -23.13
C PRO C 254 -4.18 -26.10 -22.65
N ARG C 255 -5.35 -25.66 -22.20
CA ARG C 255 -5.40 -24.32 -21.61
C ARG C 255 -4.75 -24.33 -20.23
N GLY C 256 -3.67 -23.59 -20.10
CA GLY C 256 -2.91 -23.55 -18.85
C GLY C 256 -1.72 -22.62 -19.00
N ALA C 257 -0.67 -22.83 -18.19
CA ALA C 257 0.47 -21.91 -18.25
C ALA C 257 1.70 -22.57 -17.64
N MET C 258 2.87 -22.00 -17.98
CA MET C 258 4.14 -22.40 -17.40
C MET C 258 4.90 -21.15 -16.98
N ILE C 259 5.65 -21.28 -15.88
CA ILE C 259 6.57 -20.23 -15.43
C ILE C 259 7.96 -20.83 -15.35
N PHE C 260 8.88 -20.31 -16.15
CA PHE C 260 10.29 -20.71 -16.12
C PHE C 260 11.10 -19.65 -15.41
N PHE C 261 12.18 -20.06 -14.73
CA PHE C 261 12.99 -19.10 -13.99
C PHE C 261 14.44 -19.56 -13.93
N ARG C 262 15.34 -18.59 -13.93
CA ARG C 262 16.74 -18.93 -13.71
C ARG C 262 16.96 -19.44 -12.29
N LYS C 263 17.92 -20.33 -12.15
CA LYS C 263 18.33 -20.89 -10.88
C LYS C 263 19.82 -21.17 -10.94
N GLY C 264 20.41 -21.41 -9.80
CA GLY C 264 21.84 -21.70 -9.75
C GLY C 264 22.64 -20.42 -9.77
N LEU C 265 23.91 -20.56 -10.17
CA LEU C 265 24.86 -19.45 -10.08
C LEU C 265 24.50 -18.34 -11.06
N LYS C 266 24.49 -17.10 -10.57
CA LYS C 266 24.26 -15.96 -11.45
C LYS C 266 25.56 -15.32 -11.91
N GLU C 267 26.43 -14.97 -10.99
CA GLU C 267 27.69 -14.29 -11.31
C GLU C 267 28.58 -14.36 -10.08
N ILE C 268 29.77 -13.77 -10.24
CA ILE C 268 30.71 -13.54 -9.14
C ILE C 268 30.72 -12.06 -8.84
N ASN C 269 30.54 -11.69 -7.57
CA ASN C 269 30.52 -10.28 -7.22
C ASN C 269 31.96 -9.75 -7.17
N LYS C 270 32.09 -8.47 -6.81
CA LYS C 270 33.40 -7.83 -6.73
C LYS C 270 34.30 -8.44 -5.66
N GLN C 271 33.71 -9.15 -4.71
CA GLN C 271 34.45 -9.78 -3.61
C GLN C 271 34.83 -11.22 -3.90
N GLY C 272 34.62 -11.69 -5.13
CA GLY C 272 34.92 -13.07 -5.45
C GLY C 272 33.94 -14.08 -4.93
N LYS C 273 32.76 -13.65 -4.50
CA LYS C 273 31.76 -14.53 -3.93
C LYS C 273 30.73 -14.93 -4.99
N GLU C 274 30.29 -16.19 -4.93
CA GLU C 274 29.20 -16.64 -5.78
C GLU C 274 27.89 -16.04 -5.30
N VAL C 275 27.14 -15.43 -6.21
CA VAL C 275 25.77 -15.00 -5.92
C VAL C 275 24.83 -15.84 -6.76
N MET C 276 23.83 -16.42 -6.09
CA MET C 276 22.89 -17.34 -6.71
C MET C 276 21.62 -16.58 -7.11
N TYR C 277 20.97 -17.09 -8.15
CA TYR C 277 19.64 -16.62 -8.46
C TYR C 277 18.69 -16.90 -7.30
N ASP C 278 17.72 -16.01 -7.13
CA ASP C 278 16.77 -16.06 -6.03
C ASP C 278 15.36 -15.85 -6.60
N TYR C 279 14.98 -16.74 -7.50
CA TYR C 279 13.65 -16.73 -8.12
C TYR C 279 12.82 -17.98 -7.82
N GLU C 280 13.49 -19.14 -7.74
CA GLU C 280 12.79 -20.43 -7.74
C GLU C 280 11.86 -20.58 -6.54
N ASP C 281 12.41 -20.47 -5.33
CA ASP C 281 11.57 -20.65 -4.14
C ASP C 281 10.46 -19.60 -4.08
N ARG C 282 10.80 -18.35 -4.40
N ARG C 282 10.80 -18.34 -4.39
CA ARG C 282 9.81 -17.27 -4.36
CA ARG C 282 9.79 -17.29 -4.35
C ARG C 282 8.67 -17.51 -5.34
C ARG C 282 8.65 -17.55 -5.33
N ILE C 283 8.97 -17.96 -6.55
CA ILE C 283 7.92 -18.21 -7.53
C ILE C 283 7.10 -19.44 -7.15
N ASN C 284 7.77 -20.55 -6.83
CA ASN C 284 7.00 -21.75 -6.44
C ASN C 284 6.09 -21.45 -5.26
N GLN C 285 6.58 -20.66 -4.30
CA GLN C 285 5.75 -20.37 -3.13
C GLN C 285 4.63 -19.39 -3.44
N ALA C 286 4.83 -18.51 -4.42
CA ALA C 286 3.73 -17.60 -4.81
C ALA C 286 2.61 -18.38 -5.46
N VAL C 287 2.95 -19.38 -6.26
CA VAL C 287 1.92 -20.23 -6.87
C VAL C 287 1.18 -21.00 -5.80
N PHE C 288 1.93 -21.69 -4.93
CA PHE C 288 1.32 -22.42 -3.81
C PHE C 288 2.35 -22.39 -2.69
N PRO C 289 1.98 -21.97 -1.46
CA PRO C 289 0.63 -21.68 -0.96
C PRO C 289 0.13 -20.25 -1.20
N GLY C 290 0.85 -19.45 -1.98
CA GLY C 290 0.52 -18.04 -2.09
C GLY C 290 -0.84 -17.72 -2.68
N LEU C 291 -1.09 -18.23 -3.89
CA LEU C 291 -2.23 -17.76 -4.67
C LEU C 291 -3.14 -18.88 -5.20
N GLN C 292 -2.67 -20.10 -5.31
CA GLN C 292 -3.52 -21.18 -5.80
C GLN C 292 -3.64 -22.25 -4.73
N GLY C 293 -4.55 -23.19 -4.98
CA GLY C 293 -4.73 -24.35 -4.13
C GLY C 293 -4.34 -25.62 -4.87
N GLY C 294 -5.28 -26.54 -5.04
CA GLY C 294 -4.96 -27.81 -5.64
C GLY C 294 -4.65 -27.68 -7.12
N PRO C 295 -3.54 -28.30 -7.57
CA PRO C 295 -3.20 -28.26 -9.00
C PRO C 295 -4.26 -28.98 -9.82
N HIS C 296 -4.38 -28.57 -11.08
CA HIS C 296 -5.32 -29.21 -11.99
C HIS C 296 -4.55 -30.30 -12.74
N ASN C 297 -4.52 -31.49 -12.13
CA ASN C 297 -3.62 -32.53 -12.61
C ASN C 297 -4.01 -33.06 -13.97
N HIS C 298 -5.29 -32.94 -14.34
CA HIS C 298 -5.69 -33.33 -15.68
C HIS C 298 -5.05 -32.41 -16.71
N THR C 299 -5.04 -31.09 -16.44
CA THR C 299 -4.38 -30.17 -17.36
C THR C 299 -2.87 -30.40 -17.40
N ILE C 300 -2.26 -30.65 -16.23
CA ILE C 300 -0.82 -30.89 -16.19
C ILE C 300 -0.45 -32.15 -16.98
N THR C 301 -1.29 -33.18 -16.88
CA THR C 301 -1.06 -34.41 -17.64
C THR C 301 -1.17 -34.15 -19.14
N GLY C 302 -2.20 -33.41 -19.57
CA GLY C 302 -2.32 -33.02 -20.96
C GLY C 302 -1.17 -32.15 -21.42
N LEU C 303 -0.67 -31.28 -20.54
CA LEU C 303 0.49 -30.48 -20.89
C LEU C 303 1.71 -31.36 -21.18
N ALA C 304 1.92 -32.40 -20.36
CA ALA C 304 3.04 -33.32 -20.64
C ALA C 304 2.94 -33.89 -22.04
N VAL C 305 1.72 -34.25 -22.46
CA VAL C 305 1.51 -34.79 -23.81
C VAL C 305 1.89 -33.75 -24.85
N ALA C 306 1.42 -32.50 -24.66
CA ALA C 306 1.70 -31.43 -25.62
C ALA C 306 3.19 -31.16 -25.73
N LEU C 307 3.92 -31.27 -24.61
CA LEU C 307 5.35 -30.95 -24.61
C LEU C 307 6.15 -32.05 -25.31
N LYS C 308 5.68 -33.29 -25.23
CA LYS C 308 6.29 -34.35 -26.05
C LYS C 308 6.09 -34.06 -27.53
N GLN C 309 4.88 -33.64 -27.92
CA GLN C 309 4.63 -33.31 -29.32
C GLN C 309 5.54 -32.18 -29.79
N ALA C 310 5.81 -31.22 -28.90
CA ALA C 310 6.57 -30.03 -29.28
C ALA C 310 8.02 -30.36 -29.62
N ARG C 311 8.51 -31.52 -29.21
CA ARG C 311 9.86 -31.98 -29.51
C ARG C 311 10.02 -32.57 -30.90
N THR C 312 8.95 -32.87 -31.59
CA THR C 312 9.08 -33.77 -32.71
C THR C 312 9.44 -33.01 -33.97
N PRO C 313 10.00 -33.71 -34.98
CA PRO C 313 10.30 -33.02 -36.25
C PRO C 313 9.07 -32.50 -36.95
N GLU C 314 7.95 -33.22 -36.89
CA GLU C 314 6.78 -32.72 -37.61
C GLU C 314 6.20 -31.47 -36.94
N TYR C 315 6.41 -31.33 -35.62
CA TYR C 315 6.01 -30.10 -34.94
C TYR C 315 6.84 -28.93 -35.42
N LYS C 316 8.14 -29.14 -35.59
CA LYS C 316 8.98 -28.07 -36.14
C LYS C 316 8.58 -27.74 -37.57
N ALA C 317 8.30 -28.75 -38.39
CA ALA C 317 7.83 -28.46 -39.74
C ALA C 317 6.54 -27.66 -39.71
N TYR C 318 5.63 -28.00 -38.78
CA TYR C 318 4.40 -27.24 -38.60
C TYR C 318 4.69 -25.77 -38.30
N GLN C 319 5.60 -25.51 -37.35
CA GLN C 319 5.85 -24.11 -36.98
C GLN C 319 6.58 -23.36 -38.09
N ASP C 320 7.47 -24.03 -38.84
CA ASP C 320 8.09 -23.37 -39.99
C ASP C 320 7.03 -23.02 -41.03
N GLN C 321 6.01 -23.87 -41.18
CA GLN C 321 4.93 -23.58 -42.11
C GLN C 321 4.06 -22.43 -41.61
N VAL C 322 3.84 -22.33 -40.29
CA VAL C 322 3.13 -21.19 -39.72
C VAL C 322 3.77 -19.89 -40.18
N LEU C 323 5.11 -19.81 -40.08
CA LEU C 323 5.83 -18.60 -40.50
C LEU C 323 5.70 -18.35 -42.00
N ARG C 324 5.96 -19.38 -42.83
CA ARG C 324 5.90 -19.18 -44.28
C ARG C 324 4.49 -18.81 -44.72
N ASN C 325 3.47 -19.39 -44.07
CA ASN C 325 2.08 -19.06 -44.39
C ASN C 325 1.78 -17.60 -44.07
N CYS C 326 2.29 -17.12 -42.92
CA CYS C 326 2.02 -15.73 -42.56
C CYS C 326 2.74 -14.77 -43.50
N SER C 327 3.98 -15.10 -43.88
CA SER C 327 4.69 -14.26 -44.83
C SER C 327 3.92 -14.15 -46.15
N LYS C 328 3.44 -15.28 -46.66
CA LYS C 328 2.67 -15.27 -47.90
C LYS C 328 1.36 -14.49 -47.73
N PHE C 329 0.70 -14.69 -46.60
CA PHE C 329 -0.52 -13.95 -46.29
C PHE C 329 -0.24 -12.44 -46.30
N ALA C 330 0.82 -12.02 -45.63
CA ALA C 330 1.19 -10.61 -45.61
C ALA C 330 1.48 -10.09 -47.01
N GLU C 331 2.28 -10.84 -47.78
CA GLU C 331 2.63 -10.40 -49.13
C GLU C 331 1.39 -10.23 -50.01
N THR C 332 0.41 -11.13 -49.85
CA THR C 332 -0.80 -11.08 -50.65
C THR C 332 -1.68 -9.89 -50.24
N LEU C 333 -1.80 -9.64 -48.94
CA LEU C 333 -2.57 -8.48 -48.48
C LEU C 333 -1.94 -7.19 -48.99
N LEU C 334 -0.62 -7.08 -48.89
CA LEU C 334 0.09 -5.90 -49.41
C LEU C 334 -0.15 -5.73 -50.90
N ALA C 335 -0.10 -6.82 -51.66
CA ALA C 335 -0.34 -6.76 -53.11
C ALA C 335 -1.77 -6.31 -53.41
N LYS C 336 -2.72 -6.60 -52.52
CA LYS C 336 -4.10 -6.18 -52.69
C LYS C 336 -4.36 -4.77 -52.13
N GLY C 337 -3.31 -4.05 -51.74
CA GLY C 337 -3.45 -2.66 -51.36
C GLY C 337 -3.68 -2.40 -49.90
N TYR C 338 -3.58 -3.41 -49.04
CA TYR C 338 -3.73 -3.21 -47.60
C TYR C 338 -2.43 -2.72 -46.98
N ASP C 339 -2.58 -1.88 -45.97
CA ASP C 339 -1.46 -1.46 -45.14
C ASP C 339 -1.39 -2.36 -43.92
N LEU C 340 -0.17 -2.78 -43.58
CA LEU C 340 0.08 -3.58 -42.39
C LEU C 340 0.85 -2.75 -41.37
N VAL C 341 0.45 -2.85 -40.09
CA VAL C 341 1.22 -2.19 -39.04
C VAL C 341 2.62 -2.80 -39.01
N SER C 342 3.64 -1.94 -39.06
CA SER C 342 5.07 -2.25 -39.18
C SER C 342 5.43 -2.74 -40.58
N GLY C 343 4.49 -2.80 -41.51
CA GLY C 343 4.80 -3.06 -42.90
C GLY C 343 4.88 -4.51 -43.30
N GLY C 344 4.69 -5.43 -42.35
CA GLY C 344 4.90 -6.83 -42.65
C GLY C 344 4.87 -7.64 -41.35
N THR C 345 5.51 -8.80 -41.40
CA THR C 345 5.48 -9.69 -40.25
C THR C 345 6.77 -10.50 -40.19
N ASP C 346 7.16 -10.85 -38.97
CA ASP C 346 8.18 -11.87 -38.74
C ASP C 346 7.66 -13.02 -37.93
N ASN C 347 6.36 -13.08 -37.70
CA ASN C 347 5.88 -14.19 -36.90
C ASN C 347 4.60 -14.79 -37.44
N HIS C 348 3.68 -15.17 -36.56
CA HIS C 348 2.48 -15.91 -36.89
C HIS C 348 1.28 -15.03 -37.20
N LEU C 349 1.40 -13.71 -37.12
CA LEU C 349 0.23 -12.85 -37.31
C LEU C 349 0.55 -11.64 -38.18
N VAL C 350 -0.52 -10.99 -38.65
CA VAL C 350 -0.44 -9.69 -39.31
C VAL C 350 -1.44 -8.75 -38.64
N LEU C 351 -1.17 -7.46 -38.75
CA LEU C 351 -2.04 -6.41 -38.23
C LEU C 351 -2.44 -5.52 -39.40
N VAL C 352 -3.68 -5.63 -39.86
CA VAL C 352 -4.14 -4.84 -41.00
C VAL C 352 -4.68 -3.51 -40.49
N ASN C 353 -4.16 -2.40 -41.03
CA ASN C 353 -4.65 -1.07 -40.72
C ASN C 353 -5.59 -0.65 -41.86
N LEU C 354 -6.88 -0.59 -41.57
CA LEU C 354 -7.88 -0.39 -42.62
C LEU C 354 -8.14 1.07 -42.96
N LYS C 355 -7.42 2.03 -42.37
CA LYS C 355 -7.82 3.42 -42.54
C LYS C 355 -7.72 3.87 -43.99
N ASN C 356 -6.70 3.42 -44.72
CA ASN C 356 -6.58 3.79 -46.13
C ASN C 356 -7.72 3.25 -46.97
N LYS C 357 -8.50 2.30 -46.46
CA LYS C 357 -9.66 1.79 -47.20
C LYS C 357 -10.95 2.52 -46.85
N GLY C 358 -10.93 3.40 -45.85
CA GLY C 358 -12.11 4.18 -45.51
C GLY C 358 -13.17 3.44 -44.73
N ILE C 359 -12.77 2.48 -43.89
CA ILE C 359 -13.71 1.74 -43.07
C ILE C 359 -12.93 1.18 -41.89
N ASP C 360 -13.64 0.89 -40.80
CA ASP C 360 -13.00 0.48 -39.56
C ASP C 360 -13.09 -1.03 -39.35
N GLY C 361 -12.35 -1.48 -38.33
CA GLY C 361 -12.32 -2.90 -38.00
C GLY C 361 -13.62 -3.46 -37.47
N SER C 362 -14.42 -2.64 -36.77
CA SER C 362 -15.67 -3.16 -36.23
C SER C 362 -16.63 -3.54 -37.35
N ARG C 363 -16.79 -2.64 -38.33
CA ARG C 363 -17.64 -2.91 -39.48
C ARG C 363 -17.15 -4.12 -40.26
N VAL C 364 -15.84 -4.21 -40.50
CA VAL C 364 -15.31 -5.34 -41.26
C VAL C 364 -15.48 -6.63 -40.48
N GLU C 365 -15.22 -6.61 -39.17
CA GLU C 365 -15.34 -7.85 -38.39
C GLU C 365 -16.79 -8.35 -38.36
N LYS C 366 -17.76 -7.45 -38.40
CA LYS C 366 -19.15 -7.90 -38.47
C LYS C 366 -19.42 -8.68 -39.75
N VAL C 367 -18.86 -8.23 -40.88
CA VAL C 367 -19.06 -8.97 -42.12
C VAL C 367 -18.32 -10.31 -42.07
N LEU C 368 -17.07 -10.28 -41.60
CA LEU C 368 -16.28 -11.52 -41.47
C LEU C 368 -17.02 -12.57 -40.66
N GLU C 369 -17.61 -12.17 -39.52
CA GLU C 369 -18.37 -13.13 -38.72
C GLU C 369 -19.49 -13.76 -39.53
N LEU C 370 -20.21 -12.96 -40.32
CA LEU C 370 -21.33 -13.50 -41.08
C LEU C 370 -20.89 -14.40 -42.23
N VAL C 371 -19.64 -14.31 -42.69
CA VAL C 371 -19.16 -15.19 -43.73
C VAL C 371 -18.23 -16.28 -43.17
N HIS C 372 -18.27 -16.51 -41.84
CA HIS C 372 -17.59 -17.64 -41.17
C HIS C 372 -16.07 -17.46 -41.19
N ILE C 373 -15.61 -16.22 -41.11
CA ILE C 373 -14.20 -15.91 -40.88
C ILE C 373 -14.09 -15.33 -39.48
N ALA C 374 -13.36 -16.01 -38.59
CA ALA C 374 -13.19 -15.56 -37.22
C ALA C 374 -11.90 -14.76 -37.11
N ALA C 375 -12.01 -13.49 -36.70
CA ALA C 375 -10.82 -12.65 -36.60
C ALA C 375 -10.96 -11.80 -35.35
N ASN C 376 -9.87 -11.11 -35.04
CA ASN C 376 -9.78 -10.20 -33.90
C ASN C 376 -9.66 -8.78 -34.44
N LYS C 377 -10.03 -7.81 -33.63
CA LYS C 377 -9.88 -6.40 -34.00
C LYS C 377 -8.65 -5.83 -33.30
N ASN C 378 -8.31 -4.59 -33.67
CA ASN C 378 -7.00 -4.11 -33.28
C ASN C 378 -6.94 -2.60 -33.47
N THR C 379 -6.29 -1.90 -32.53
CA THR C 379 -6.16 -0.46 -32.66
C THR C 379 -4.94 -0.09 -33.51
N VAL C 380 -5.03 1.08 -34.16
CA VAL C 380 -4.01 1.58 -35.08
C VAL C 380 -3.76 3.05 -34.72
N PRO C 381 -2.75 3.74 -35.29
CA PRO C 381 -2.50 5.13 -34.88
C PRO C 381 -3.70 6.04 -35.13
N GLY C 382 -4.00 6.88 -34.15
CA GLY C 382 -5.16 7.76 -34.20
C GLY C 382 -6.39 7.21 -33.51
N ASP C 383 -6.37 5.96 -33.06
CA ASP C 383 -7.54 5.34 -32.47
C ASP C 383 -7.76 5.77 -31.02
N VAL C 384 -9.03 5.84 -30.63
CA VAL C 384 -9.52 6.15 -29.27
C VAL C 384 -8.76 7.27 -28.58
N MET C 387 -13.92 4.65 -29.19
CA MET C 387 -14.38 4.58 -30.57
C MET C 387 -13.93 3.28 -31.25
N VAL C 388 -14.41 3.05 -32.47
CA VAL C 388 -14.20 1.76 -33.12
C VAL C 388 -12.72 1.60 -33.47
N PRO C 389 -12.15 0.40 -33.41
CA PRO C 389 -10.75 0.22 -33.78
C PRO C 389 -10.56 0.26 -35.28
N GLY C 390 -9.40 0.71 -35.68
CA GLY C 390 -9.16 0.83 -37.10
C GLY C 390 -8.55 -0.37 -37.76
N GLY C 391 -8.31 -1.47 -37.03
CA GLY C 391 -7.55 -2.59 -37.56
C GLY C 391 -8.19 -3.95 -37.34
N ILE C 392 -7.64 -4.93 -38.06
CA ILE C 392 -8.02 -6.33 -37.99
C ILE C 392 -6.75 -7.14 -37.77
N ARG C 393 -6.81 -8.09 -36.83
CA ARG C 393 -5.71 -8.96 -36.46
C ARG C 393 -6.01 -10.37 -36.95
N MET C 394 -5.09 -10.96 -37.71
CA MET C 394 -5.29 -12.29 -38.28
C MET C 394 -3.99 -13.07 -38.23
N GLY C 395 -4.09 -14.40 -38.07
CA GLY C 395 -2.88 -15.19 -38.00
C GLY C 395 -3.06 -16.58 -38.55
N THR C 396 -1.94 -17.27 -38.65
CA THR C 396 -1.93 -18.59 -39.30
C THR C 396 -1.90 -19.86 -38.44
N PRO C 397 -1.70 -19.85 -37.11
CA PRO C 397 -1.52 -21.15 -36.42
C PRO C 397 -2.68 -22.12 -36.58
N ALA C 398 -3.92 -21.67 -36.46
CA ALA C 398 -5.04 -22.62 -36.44
C ALA C 398 -5.22 -23.30 -37.79
N LEU C 399 -5.32 -22.52 -38.86
CA LEU C 399 -5.54 -23.16 -40.15
C LEU C 399 -4.31 -23.91 -40.63
N THR C 400 -3.10 -23.52 -40.19
CA THR C 400 -1.93 -24.33 -40.56
C THR C 400 -1.99 -25.72 -39.92
N SER C 401 -2.56 -25.79 -38.71
CA SER C 401 -2.74 -27.09 -38.06
C SER C 401 -3.62 -28.00 -38.89
N ARG C 402 -4.62 -27.44 -39.57
CA ARG C 402 -5.48 -28.21 -40.46
C ARG C 402 -4.84 -28.49 -41.80
N GLY C 403 -3.65 -27.95 -42.07
CA GLY C 403 -2.93 -28.25 -43.30
C GLY C 403 -2.96 -27.18 -44.36
N PHE C 404 -3.47 -25.99 -44.06
CA PHE C 404 -3.36 -24.87 -44.99
C PHE C 404 -1.89 -24.59 -45.26
N ILE C 405 -1.53 -24.42 -46.53
CA ILE C 405 -0.17 -24.03 -46.90
C ILE C 405 -0.23 -22.70 -47.65
N GLU C 406 0.85 -22.34 -48.33
CA GLU C 406 0.99 -20.94 -48.76
C GLU C 406 -0.11 -20.53 -49.74
N GLU C 407 -0.39 -21.37 -50.75
CA GLU C 407 -1.45 -21.03 -51.70
C GLU C 407 -2.81 -20.92 -51.02
N ASP C 408 -3.02 -21.66 -49.95
CA ASP C 408 -4.28 -21.58 -49.23
C ASP C 408 -4.42 -20.24 -48.52
N PHE C 409 -3.34 -19.74 -47.92
CA PHE C 409 -3.45 -18.42 -47.29
C PHE C 409 -3.51 -17.29 -48.29
N ALA C 410 -3.01 -17.48 -49.51
CA ALA C 410 -3.31 -16.52 -50.56
C ALA C 410 -4.81 -16.47 -50.81
N LYS C 411 -5.48 -17.63 -50.76
CA LYS C 411 -6.93 -17.67 -50.91
C LYS C 411 -7.63 -17.01 -49.73
N VAL C 412 -7.13 -17.26 -48.50
CA VAL C 412 -7.69 -16.59 -47.33
C VAL C 412 -7.65 -15.08 -47.51
N ALA C 413 -6.54 -14.55 -48.02
CA ALA C 413 -6.42 -13.11 -48.23
C ALA C 413 -7.39 -12.61 -49.29
N GLU C 414 -7.62 -13.40 -50.35
CA GLU C 414 -8.62 -13.04 -51.34
C GLU C 414 -10.01 -12.93 -50.71
N TYR C 415 -10.38 -13.92 -49.89
CA TYR C 415 -11.72 -13.91 -49.34
C TYR C 415 -11.88 -12.82 -48.29
N PHE C 416 -10.82 -12.52 -47.53
CA PHE C 416 -10.82 -11.37 -46.64
C PHE C 416 -11.10 -10.08 -47.43
N ASP C 417 -10.41 -9.92 -48.56
CA ASP C 417 -10.58 -8.74 -49.38
C ASP C 417 -12.02 -8.64 -49.91
N LEU C 418 -12.59 -9.77 -50.32
CA LEU C 418 -13.99 -9.77 -50.76
C LEU C 418 -14.92 -9.33 -49.62
N ALA C 419 -14.62 -9.74 -48.38
CA ALA C 419 -15.43 -9.33 -47.24
C ALA C 419 -15.33 -7.83 -47.00
N VAL C 420 -14.12 -7.26 -47.12
CA VAL C 420 -13.95 -5.82 -46.96
C VAL C 420 -14.75 -5.08 -48.01
N LYS C 421 -14.73 -5.56 -49.26
CA LYS C 421 -15.51 -4.91 -50.30
C LYS C 421 -17.00 -4.92 -49.98
N ILE C 422 -17.50 -6.03 -49.41
CA ILE C 422 -18.89 -6.07 -48.99
C ILE C 422 -19.14 -5.06 -47.87
N ALA C 423 -18.24 -5.00 -46.87
CA ALA C 423 -18.39 -4.03 -45.80
C ALA C 423 -18.45 -2.60 -46.33
N LEU C 424 -17.62 -2.28 -47.32
CA LEU C 424 -17.68 -0.93 -47.91
C LEU C 424 -19.00 -0.68 -48.62
N LYS C 425 -19.57 -1.71 -49.27
CA LYS C 425 -20.87 -1.54 -49.90
C LYS C 425 -21.97 -1.32 -48.85
N ILE C 426 -21.91 -2.05 -47.74
CA ILE C 426 -22.88 -1.83 -46.66
C ILE C 426 -22.75 -0.42 -46.11
N LYS C 427 -21.52 0.04 -45.91
CA LYS C 427 -21.33 1.40 -45.42
C LYS C 427 -21.90 2.42 -46.41
N ALA C 428 -21.69 2.20 -47.71
CA ALA C 428 -22.20 3.16 -48.69
C ALA C 428 -23.71 3.15 -48.74
N GLU C 429 -24.33 1.97 -48.61
CA GLU C 429 -25.78 1.87 -48.63
C GLU C 429 -26.42 2.34 -47.34
N SER C 430 -25.70 2.27 -46.23
CA SER C 430 -26.24 2.69 -44.95
C SER C 430 -26.44 4.19 -44.98
N GLN C 431 -27.64 4.64 -44.76
CA GLN C 431 -27.82 6.08 -44.95
C GLN C 431 -27.50 6.88 -43.70
N GLY C 432 -27.33 6.22 -42.55
CA GLY C 432 -26.77 6.85 -41.38
C GLY C 432 -25.29 6.51 -41.25
N THR C 433 -24.66 7.11 -40.24
CA THR C 433 -23.22 6.96 -40.05
C THR C 433 -22.85 6.11 -38.85
N LYS C 434 -23.82 5.72 -38.03
CA LYS C 434 -23.57 5.00 -36.78
C LYS C 434 -23.37 3.50 -37.04
N LEU C 435 -22.66 2.85 -36.12
CA LEU C 435 -22.48 1.41 -36.23
C LEU C 435 -23.83 0.69 -36.28
N LYS C 436 -24.83 1.18 -35.53
CA LYS C 436 -26.12 0.49 -35.55
C LYS C 436 -26.84 0.66 -36.88
N ASP C 437 -26.58 1.77 -37.59
CA ASP C 437 -27.09 1.91 -38.95
C ASP C 437 -26.44 0.89 -39.88
N PHE C 438 -25.13 0.68 -39.73
CA PHE C 438 -24.43 -0.35 -40.50
C PHE C 438 -25.06 -1.72 -40.28
N VAL C 439 -25.27 -2.08 -39.01
CA VAL C 439 -25.85 -3.38 -38.67
C VAL C 439 -27.25 -3.52 -39.28
N ALA C 440 -28.07 -2.47 -39.18
CA ALA C 440 -29.41 -2.53 -39.72
C ALA C 440 -29.41 -2.75 -41.23
N THR C 441 -28.52 -2.04 -41.94
CA THR C 441 -28.37 -2.27 -43.37
C THR C 441 -27.90 -3.69 -43.65
N MET C 442 -26.88 -4.12 -42.91
CA MET C 442 -26.30 -5.46 -43.07
C MET C 442 -27.33 -6.57 -42.86
N GLN C 443 -28.35 -6.29 -42.06
CA GLN C 443 -29.35 -7.31 -41.74
C GLN C 443 -30.59 -7.22 -42.62
N SER C 444 -30.86 -6.06 -43.22
CA SER C 444 -32.08 -5.85 -43.98
C SER C 444 -31.88 -5.81 -45.49
N ASN C 445 -30.69 -5.45 -45.98
CA ASN C 445 -30.48 -5.28 -47.41
C ASN C 445 -30.38 -6.65 -48.08
N GLU C 446 -31.36 -6.97 -48.95
CA GLU C 446 -31.45 -8.30 -49.54
C GLU C 446 -30.26 -8.59 -50.46
N LYS C 447 -29.85 -7.60 -51.25
CA LYS C 447 -28.75 -7.79 -52.19
C LYS C 447 -27.43 -8.03 -51.45
N LEU C 448 -27.14 -7.24 -50.41
CA LEU C 448 -25.89 -7.45 -49.68
C LEU C 448 -25.92 -8.72 -48.84
N GLN C 449 -27.10 -9.10 -48.33
CA GLN C 449 -27.25 -10.41 -47.70
C GLN C 449 -26.95 -11.53 -48.68
N SER C 450 -27.33 -11.37 -49.95
N SER C 450 -27.31 -11.36 -49.94
CA SER C 450 -27.02 -12.38 -50.96
CA SER C 450 -27.01 -12.38 -50.95
C SER C 450 -25.52 -12.48 -51.18
C SER C 450 -25.52 -12.48 -51.21
N GLU C 451 -24.82 -11.33 -51.28
CA GLU C 451 -23.38 -11.36 -51.47
C GLU C 451 -22.68 -12.02 -50.28
N MET C 452 -23.17 -11.77 -49.06
CA MET C 452 -22.57 -12.39 -47.89
C MET C 452 -22.84 -13.90 -47.86
N SER C 453 -24.03 -14.32 -48.28
N SER C 453 -24.04 -14.31 -48.28
CA SER C 453 -24.33 -15.74 -48.32
CA SER C 453 -24.35 -15.73 -48.34
C SER C 453 -23.43 -16.46 -49.33
C SER C 453 -23.44 -16.45 -49.33
N LYS C 454 -23.17 -15.81 -50.47
CA LYS C 454 -22.29 -16.41 -51.47
C LYS C 454 -20.86 -16.54 -50.96
N LEU C 455 -20.34 -15.49 -50.31
CA LEU C 455 -18.99 -15.55 -49.77
C LEU C 455 -18.90 -16.53 -48.61
N ARG C 456 -19.93 -16.59 -47.77
CA ARG C 456 -19.97 -17.60 -46.72
C ARG C 456 -19.88 -19.01 -47.32
N GLU C 457 -20.64 -19.27 -48.38
CA GLU C 457 -20.57 -20.56 -49.04
C GLU C 457 -19.17 -20.84 -49.58
N MET C 458 -18.50 -19.82 -50.12
CA MET C 458 -17.15 -19.99 -50.65
C MET C 458 -16.16 -20.31 -49.54
N VAL C 459 -16.22 -19.58 -48.42
CA VAL C 459 -15.37 -19.86 -47.27
C VAL C 459 -15.60 -21.28 -46.79
N GLU C 460 -16.86 -21.66 -46.60
CA GLU C 460 -17.15 -22.97 -46.01
C GLU C 460 -16.73 -24.10 -46.93
N GLU C 461 -16.95 -23.94 -48.24
CA GLU C 461 -16.52 -24.95 -49.19
C GLU C 461 -15.00 -25.12 -49.19
N TYR C 462 -14.26 -24.02 -49.08
CA TYR C 462 -12.81 -24.13 -49.03
C TYR C 462 -12.35 -24.81 -47.75
N ALA C 463 -12.89 -24.38 -46.60
CA ALA C 463 -12.43 -24.90 -45.32
C ALA C 463 -12.81 -26.37 -45.14
N LYS C 464 -14.00 -26.76 -45.59
CA LYS C 464 -14.51 -28.11 -45.36
C LYS C 464 -13.60 -29.19 -45.91
N GLN C 465 -12.82 -28.89 -46.95
CA GLN C 465 -12.03 -29.94 -47.56
C GLN C 465 -10.81 -30.34 -46.75
N PHE C 466 -10.42 -29.54 -45.78
CA PHE C 466 -9.27 -29.84 -44.94
C PHE C 466 -9.66 -30.76 -43.79
N PRO C 467 -8.70 -31.56 -43.30
CA PRO C 467 -8.99 -32.44 -42.16
C PRO C 467 -9.54 -31.68 -40.96
N THR C 468 -10.43 -32.34 -40.24
CA THR C 468 -10.78 -31.88 -38.91
C THR C 468 -9.70 -32.32 -37.91
N ILE C 469 -9.47 -31.48 -36.91
CA ILE C 469 -8.42 -31.72 -35.92
C ILE C 469 -9.08 -32.02 -34.57
N GLY C 470 -8.78 -33.19 -34.03
CA GLY C 470 -9.25 -33.58 -32.73
C GLY C 470 -10.53 -34.38 -32.70
N PHE C 471 -11.19 -34.56 -33.85
CA PHE C 471 -12.41 -35.35 -33.94
C PHE C 471 -12.57 -35.85 -35.36
N GLU C 472 -13.44 -36.85 -35.51
CA GLU C 472 -13.68 -37.48 -36.81
C GLU C 472 -14.81 -36.79 -37.56
N LYS C 473 -14.54 -36.40 -38.81
CA LYS C 473 -15.57 -35.88 -39.70
C LYS C 473 -16.71 -36.86 -39.84
N GLU C 474 -16.39 -38.14 -40.00
CA GLU C 474 -17.40 -39.09 -40.43
C GLU C 474 -18.46 -39.31 -39.36
N THR C 475 -18.17 -39.03 -38.09
CA THR C 475 -19.13 -39.23 -37.02
C THR C 475 -19.76 -37.93 -36.53
N MET C 476 -19.46 -36.79 -37.15
CA MET C 476 -20.06 -35.52 -36.76
C MET C 476 -21.57 -35.54 -36.93
N ARG C 477 -22.28 -34.87 -36.02
CA ARG C 477 -23.72 -34.75 -36.17
C ARG C 477 -24.09 -33.86 -37.35
N TYR C 478 -23.37 -32.76 -37.54
CA TYR C 478 -23.76 -31.71 -38.49
C TYR C 478 -22.82 -31.77 -39.70
N LYS C 479 -23.18 -32.60 -40.67
CA LYS C 479 -22.34 -32.86 -41.84
C LYS C 479 -22.70 -32.00 -43.03
N GLU C 480 -23.66 -31.09 -42.89
CA GLU C 480 -24.15 -30.33 -44.04
C GLU C 480 -23.63 -28.90 -44.00
N SER D 1 8.57 -36.07 -51.60
CA SER D 1 7.91 -34.80 -51.33
C SER D 1 7.89 -34.54 -49.84
N ASN D 2 8.99 -33.97 -49.33
CA ASN D 2 9.18 -33.90 -47.89
C ASN D 2 8.18 -32.96 -47.22
N ALA D 3 7.80 -31.86 -47.89
CA ALA D 3 6.89 -30.91 -47.26
C ALA D 3 5.50 -31.52 -47.07
N GLU D 4 5.04 -32.30 -48.05
CA GLU D 4 3.73 -32.91 -47.92
C GLU D 4 3.76 -34.06 -46.92
N LYS D 5 4.87 -34.82 -46.88
CA LYS D 5 5.03 -35.84 -45.86
C LYS D 5 5.03 -35.22 -44.47
N SER D 6 5.69 -34.07 -44.30
CA SER D 6 5.65 -33.39 -43.01
C SER D 6 4.22 -32.96 -42.64
N ARG D 7 3.48 -32.40 -43.59
CA ARG D 7 2.13 -31.94 -43.30
C ARG D 7 1.23 -33.11 -42.90
N SER D 8 1.32 -34.20 -43.63
CA SER D 8 0.57 -35.39 -43.24
C SER D 8 0.99 -35.87 -41.86
N SER D 9 2.30 -35.76 -41.54
CA SER D 9 2.75 -36.22 -40.24
C SER D 9 2.19 -35.37 -39.10
N TRP D 10 2.18 -34.04 -39.25
CA TRP D 10 1.70 -33.26 -38.11
C TRP D 10 0.18 -33.38 -37.95
N ILE D 11 -0.55 -33.59 -39.04
CA ILE D 11 -1.99 -33.83 -38.92
C ILE D 11 -2.25 -35.19 -38.25
N LYS D 12 -1.49 -36.21 -38.65
CA LYS D 12 -1.60 -37.52 -37.99
C LYS D 12 -1.35 -37.41 -36.49
N GLN D 13 -0.31 -36.66 -36.11
CA GLN D 13 0.02 -36.44 -34.70
C GLN D 13 -1.15 -35.82 -33.93
N LEU D 14 -1.85 -34.87 -34.56
CA LEU D 14 -2.93 -34.20 -33.85
C LEU D 14 -4.15 -35.07 -33.69
N ASN D 15 -4.31 -36.10 -34.54
CA ASN D 15 -5.53 -36.90 -34.52
C ASN D 15 -5.37 -38.27 -33.89
N ALA D 16 -4.16 -38.63 -33.49
CA ALA D 16 -3.89 -39.95 -32.93
C ALA D 16 -4.30 -40.01 -31.46
N SER D 17 -4.59 -41.21 -31.00
CA SER D 17 -5.02 -41.40 -29.62
C SER D 17 -3.84 -41.19 -28.67
N LEU D 18 -4.19 -40.94 -27.40
CA LEU D 18 -3.18 -40.88 -26.35
C LEU D 18 -2.37 -42.18 -26.25
N ASP D 19 -3.04 -43.33 -26.40
CA ASP D 19 -2.32 -44.61 -26.38
C ASP D 19 -1.23 -44.64 -27.44
N GLU D 20 -1.52 -44.11 -28.62
CA GLU D 20 -0.52 -44.12 -29.70
C GLU D 20 0.56 -43.07 -29.50
N ILE D 21 0.18 -41.86 -29.08
CA ILE D 21 1.10 -40.73 -29.07
C ILE D 21 2.01 -40.76 -27.86
N ASP D 22 1.50 -41.14 -26.69
CA ASP D 22 2.21 -40.94 -25.43
C ASP D 22 1.91 -42.12 -24.52
N PRO D 23 2.46 -43.29 -24.82
CA PRO D 23 2.18 -44.46 -23.96
C PRO D 23 2.63 -44.27 -22.52
N GLU D 24 3.68 -43.48 -22.28
CA GLU D 24 4.13 -43.25 -20.91
C GLU D 24 3.06 -42.53 -20.09
N VAL D 25 2.44 -41.50 -20.68
CA VAL D 25 1.36 -40.82 -19.98
C VAL D 25 0.14 -41.72 -19.86
N ALA D 26 -0.18 -42.47 -20.93
CA ALA D 26 -1.31 -43.38 -20.87
C ALA D 26 -1.13 -44.40 -19.76
N ASP D 27 0.12 -44.85 -19.56
CA ASP D 27 0.41 -45.79 -18.49
C ASP D 27 0.20 -45.19 -17.12
N ILE D 28 0.62 -43.93 -16.94
CA ILE D 28 0.41 -43.26 -15.66
C ILE D 28 -1.07 -43.18 -15.32
N ILE D 29 -1.90 -42.83 -16.32
CA ILE D 29 -3.34 -42.73 -16.09
C ILE D 29 -3.91 -44.09 -15.70
N GLU D 30 -3.42 -45.17 -16.34
CA GLU D 30 -3.91 -46.51 -16.00
C GLU D 30 -3.54 -46.88 -14.58
N LEU D 31 -2.34 -46.49 -14.13
CA LEU D 31 -1.97 -46.71 -12.74
C LEU D 31 -2.88 -45.95 -11.79
N GLU D 32 -3.20 -44.70 -12.14
CA GLU D 32 -4.08 -43.89 -11.29
C GLU D 32 -5.50 -44.44 -11.29
N LYS D 33 -5.98 -44.97 -12.43
CA LYS D 33 -7.28 -45.66 -12.42
C LYS D 33 -7.28 -46.83 -11.45
N ALA D 34 -6.21 -47.64 -11.47
CA ALA D 34 -6.13 -48.76 -10.53
C ALA D 34 -6.11 -48.28 -9.10
N ARG D 35 -5.37 -47.18 -8.84
CA ARG D 35 -5.33 -46.62 -7.49
C ARG D 35 -6.72 -46.19 -7.01
N GLN D 36 -7.50 -45.57 -7.90
CA GLN D 36 -8.84 -45.11 -7.52
C GLN D 36 -9.82 -46.26 -7.32
N TRP D 37 -9.51 -47.43 -7.86
CA TRP D 37 -10.34 -48.62 -7.72
C TRP D 37 -10.12 -49.30 -6.37
N LYS D 38 -8.91 -49.19 -5.82
CA LYS D 38 -8.47 -50.07 -4.75
C LYS D 38 -8.45 -49.44 -3.37
N GLY D 39 -8.64 -48.13 -3.24
CA GLY D 39 -8.39 -47.45 -1.98
C GLY D 39 -9.64 -47.07 -1.21
N PHE D 40 -9.47 -46.84 0.09
CA PHE D 40 -10.47 -46.14 0.91
C PHE D 40 -10.15 -44.66 0.87
N GLU D 41 -10.86 -43.91 0.02
CA GLU D 41 -10.57 -42.50 -0.20
C GLU D 41 -11.39 -41.67 0.77
N LEU D 42 -10.79 -41.32 1.90
CA LEU D 42 -11.52 -40.62 2.98
C LEU D 42 -11.17 -39.14 3.07
N ILE D 43 -10.39 -38.60 2.14
CA ILE D 43 -10.10 -37.16 2.19
C ILE D 43 -11.39 -36.41 1.86
N PRO D 44 -11.91 -35.57 2.75
CA PRO D 44 -13.28 -35.08 2.54
C PRO D 44 -13.42 -34.08 1.40
N SER D 45 -12.33 -33.54 0.89
CA SER D 45 -12.38 -32.67 -0.28
C SER D 45 -12.31 -33.45 -1.61
N GLU D 46 -12.11 -34.76 -1.58
CA GLU D 46 -11.96 -35.47 -2.84
C GLU D 46 -13.28 -36.11 -3.24
N ASN D 47 -13.42 -36.34 -4.54
CA ASN D 47 -14.61 -37.01 -5.08
C ASN D 47 -14.23 -37.64 -6.41
N PHE D 48 -15.18 -38.32 -7.02
CA PHE D 48 -15.01 -38.94 -8.32
C PHE D 48 -15.96 -38.30 -9.33
N THR D 49 -15.38 -37.73 -10.39
CA THR D 49 -16.09 -37.03 -11.45
C THR D 49 -16.82 -37.98 -12.41
N SER D 50 -17.99 -37.56 -12.89
CA SER D 50 -18.74 -38.38 -13.84
C SER D 50 -18.05 -38.42 -15.21
N LEU D 51 -18.36 -39.48 -15.96
CA LEU D 51 -17.87 -39.62 -17.33
C LEU D 51 -18.34 -38.46 -18.20
N SER D 52 -19.59 -38.03 -18.03
CA SER D 52 -20.12 -36.99 -18.92
C SER D 52 -19.42 -35.67 -18.69
N VAL D 53 -19.11 -35.35 -17.43
CA VAL D 53 -18.33 -34.15 -17.15
C VAL D 53 -16.96 -34.24 -17.82
N MET D 54 -16.28 -35.39 -17.64
CA MET D 54 -14.94 -35.52 -18.22
C MET D 54 -14.96 -35.43 -19.72
N GLN D 55 -16.02 -35.95 -20.36
CA GLN D 55 -16.12 -35.88 -21.81
C GLN D 55 -16.26 -34.43 -22.30
N ALA D 56 -17.03 -33.61 -21.58
CA ALA D 56 -17.10 -32.19 -21.94
C ALA D 56 -15.77 -31.48 -21.66
N VAL D 57 -15.12 -31.78 -20.53
CA VAL D 57 -13.85 -31.12 -20.23
C VAL D 57 -12.80 -31.51 -21.26
N GLY D 58 -12.88 -32.72 -21.82
CA GLY D 58 -11.95 -33.18 -22.83
C GLY D 58 -12.45 -32.97 -24.24
N SER D 59 -13.17 -31.88 -24.50
CA SER D 59 -13.79 -31.61 -25.79
C SER D 59 -13.11 -30.45 -26.49
N VAL D 60 -13.48 -30.23 -27.75
CA VAL D 60 -12.91 -29.14 -28.55
C VAL D 60 -13.38 -27.77 -28.07
N MET D 61 -14.20 -27.70 -27.02
CA MET D 61 -14.52 -26.40 -26.44
C MET D 61 -13.26 -25.69 -25.94
N THR D 62 -12.18 -26.44 -25.69
CA THR D 62 -10.92 -25.86 -25.22
C THR D 62 -10.27 -24.95 -26.27
N ASN D 63 -10.67 -25.06 -27.53
CA ASN D 63 -9.94 -24.34 -28.58
C ASN D 63 -10.31 -22.86 -28.69
N LYS D 64 -11.40 -22.42 -28.08
CA LYS D 64 -11.95 -21.11 -28.38
C LYS D 64 -11.46 -20.05 -27.40
N TYR D 65 -11.02 -18.90 -27.93
CA TYR D 65 -10.81 -17.70 -27.12
C TYR D 65 -12.11 -16.90 -27.05
N SER D 66 -12.54 -16.54 -25.84
CA SER D 66 -13.83 -15.85 -25.72
C SER D 66 -13.81 -14.83 -24.58
N GLU D 67 -12.75 -14.00 -24.53
CA GLU D 67 -12.69 -12.98 -23.49
C GLU D 67 -13.94 -12.09 -23.51
N GLY D 68 -14.39 -11.74 -22.32
CA GLY D 68 -15.63 -11.01 -22.16
C GLY D 68 -16.73 -11.90 -21.64
N TYR D 69 -17.97 -11.57 -21.95
CA TYR D 69 -19.13 -12.28 -21.42
C TYR D 69 -20.09 -12.54 -22.56
N PRO D 70 -21.01 -13.49 -22.41
CA PRO D 70 -21.90 -13.84 -23.52
C PRO D 70 -22.59 -12.64 -24.12
N GLY D 71 -22.55 -12.57 -25.45
CA GLY D 71 -23.12 -11.44 -26.17
C GLY D 71 -22.36 -10.14 -26.01
N ALA D 72 -21.22 -10.15 -25.30
CA ALA D 72 -20.39 -8.97 -25.08
C ALA D 72 -18.92 -9.40 -25.16
N ARG D 73 -18.57 -10.02 -26.29
CA ARG D 73 -17.23 -10.52 -26.53
C ARG D 73 -16.44 -9.50 -27.33
N TYR D 74 -15.16 -9.77 -27.52
CA TYR D 74 -14.27 -8.81 -28.17
C TYR D 74 -13.93 -9.18 -29.61
N TYR D 75 -14.28 -10.39 -30.04
CA TYR D 75 -13.93 -10.90 -31.36
C TYR D 75 -14.79 -12.13 -31.61
N GLY D 76 -14.70 -12.68 -32.81
CA GLY D 76 -15.77 -13.46 -33.38
C GLY D 76 -15.71 -14.95 -33.06
N GLY D 77 -16.71 -15.65 -33.58
CA GLY D 77 -16.77 -17.10 -33.54
C GLY D 77 -17.44 -17.69 -32.32
N ASN D 78 -18.06 -16.89 -31.46
CA ASN D 78 -18.44 -17.36 -30.13
C ASN D 78 -19.92 -17.72 -30.00
N GLU D 79 -20.63 -17.99 -31.11
CA GLU D 79 -22.07 -18.29 -30.99
C GLU D 79 -22.32 -19.45 -30.05
N TYR D 80 -21.55 -20.53 -30.19
CA TYR D 80 -21.81 -21.73 -29.41
C TYR D 80 -21.14 -21.72 -28.05
N ILE D 81 -19.97 -21.07 -27.93
CA ILE D 81 -19.42 -20.82 -26.61
C ILE D 81 -20.37 -19.97 -25.78
N ASP D 82 -21.05 -19.02 -26.43
CA ASP D 82 -22.04 -18.22 -25.70
C ASP D 82 -23.19 -19.08 -25.21
N MET D 83 -23.67 -20.01 -26.04
CA MET D 83 -24.72 -20.93 -25.60
C MET D 83 -24.28 -21.69 -24.36
N ALA D 84 -23.04 -22.16 -24.34
CA ALA D 84 -22.55 -22.95 -23.22
C ALA D 84 -22.45 -22.11 -21.95
N GLU D 85 -21.86 -20.92 -22.04
CA GLU D 85 -21.70 -20.12 -20.82
C GLU D 85 -23.05 -19.63 -20.31
N THR D 86 -23.95 -19.22 -21.20
CA THR D 86 -25.30 -18.83 -20.78
C THR D 86 -26.03 -20.00 -20.14
N LEU D 87 -25.94 -21.18 -20.74
CA LEU D 87 -26.58 -22.36 -20.16
C LEU D 87 -25.98 -22.68 -18.80
N CYS D 88 -24.67 -22.53 -18.66
CA CYS D 88 -24.02 -22.79 -17.38
C CYS D 88 -24.50 -21.82 -16.30
N GLN D 89 -24.63 -20.53 -16.65
CA GLN D 89 -25.12 -19.55 -15.68
C GLN D 89 -26.54 -19.88 -15.24
N LYS D 90 -27.41 -20.20 -16.21
CA LYS D 90 -28.80 -20.55 -15.91
C LYS D 90 -28.87 -21.74 -14.98
N ARG D 91 -28.10 -22.79 -15.29
CA ARG D 91 -28.11 -24.00 -14.46
C ARG D 91 -27.47 -23.78 -13.10
N ALA D 92 -26.52 -22.84 -13.00
CA ALA D 92 -25.92 -22.54 -11.70
C ALA D 92 -26.95 -21.91 -10.76
N LEU D 93 -27.71 -20.94 -11.27
CA LEU D 93 -28.78 -20.35 -10.45
C LEU D 93 -29.84 -21.39 -10.12
N GLU D 94 -30.14 -22.27 -11.07
CA GLU D 94 -31.18 -23.27 -10.82
C GLU D 94 -30.74 -24.28 -9.77
N ALA D 95 -29.45 -24.64 -9.77
CA ALA D 95 -28.96 -25.66 -8.85
C ALA D 95 -29.09 -25.22 -7.39
N PHE D 96 -29.12 -23.92 -7.13
CA PHE D 96 -29.27 -23.40 -5.78
C PHE D 96 -30.58 -22.67 -5.60
N GLN D 97 -31.51 -22.84 -6.53
CA GLN D 97 -32.88 -22.35 -6.44
C GLN D 97 -32.91 -20.83 -6.24
N LEU D 98 -32.11 -20.13 -7.05
CA LEU D 98 -31.95 -18.69 -6.90
C LEU D 98 -32.77 -17.93 -7.92
N ASP D 99 -33.41 -16.87 -7.43
CA ASP D 99 -34.15 -15.95 -8.27
C ASP D 99 -33.16 -15.11 -9.07
N PRO D 100 -33.18 -15.17 -10.41
CA PRO D 100 -32.18 -14.44 -11.19
C PRO D 100 -32.32 -12.93 -11.10
N SER D 101 -33.44 -12.41 -10.59
CA SER D 101 -33.51 -10.98 -10.34
C SER D 101 -32.83 -10.60 -9.04
N LYS D 102 -32.54 -11.57 -8.17
CA LYS D 102 -31.89 -11.30 -6.90
C LYS D 102 -30.46 -11.81 -6.83
N TRP D 103 -30.05 -12.68 -7.75
CA TRP D 103 -28.74 -13.31 -7.75
C TRP D 103 -28.21 -13.36 -9.17
N GLY D 104 -26.91 -13.06 -9.31
CA GLY D 104 -26.20 -13.30 -10.54
C GLY D 104 -25.04 -14.25 -10.27
N VAL D 105 -24.38 -14.70 -11.34
CA VAL D 105 -23.28 -15.64 -11.17
C VAL D 105 -22.22 -15.39 -12.23
N ASN D 106 -20.97 -15.62 -11.84
CA ASN D 106 -19.83 -15.67 -12.75
C ASN D 106 -19.29 -17.09 -12.72
N VAL D 107 -19.18 -17.71 -13.89
CA VAL D 107 -18.75 -19.11 -13.98
C VAL D 107 -17.36 -19.25 -14.58
N GLN D 108 -16.62 -18.13 -14.73
CA GLN D 108 -15.32 -18.16 -15.38
C GLN D 108 -14.14 -18.33 -14.45
N SER D 109 -14.31 -18.12 -13.14
CA SER D 109 -13.15 -18.18 -12.25
C SER D 109 -12.51 -19.56 -12.28
N LEU D 110 -11.17 -19.61 -12.35
CA LEU D 110 -10.51 -20.87 -12.69
C LEU D 110 -10.44 -21.88 -11.55
N SER D 111 -10.55 -21.47 -10.29
CA SER D 111 -10.54 -22.43 -9.17
C SER D 111 -10.94 -21.66 -7.91
N GLY D 112 -11.09 -22.38 -6.80
CA GLY D 112 -11.64 -21.75 -5.60
C GLY D 112 -10.76 -20.65 -5.02
N SER D 113 -9.43 -20.86 -5.04
CA SER D 113 -8.53 -19.86 -4.46
C SER D 113 -8.53 -18.56 -5.24
N PRO D 114 -8.35 -18.54 -6.57
CA PRO D 114 -8.47 -17.24 -7.26
C PRO D 114 -9.88 -16.67 -7.23
N ALA D 115 -10.92 -17.50 -7.09
CA ALA D 115 -12.26 -16.93 -6.99
C ALA D 115 -12.38 -16.01 -5.79
N ASN D 116 -11.86 -16.46 -4.63
CA ASN D 116 -11.91 -15.58 -3.46
C ASN D 116 -11.09 -14.33 -3.68
N PHE D 117 -9.89 -14.46 -4.28
CA PHE D 117 -9.05 -13.28 -4.53
C PHE D 117 -9.75 -12.30 -5.45
N GLN D 118 -10.49 -12.79 -6.43
CA GLN D 118 -11.25 -11.94 -7.34
C GLN D 118 -12.36 -11.19 -6.60
N VAL D 119 -13.03 -11.86 -5.64
CA VAL D 119 -14.02 -11.15 -4.83
C VAL D 119 -13.35 -10.04 -4.02
N TYR D 120 -12.20 -10.32 -3.41
CA TYR D 120 -11.54 -9.26 -2.62
C TYR D 120 -11.14 -8.10 -3.51
N THR D 121 -10.58 -8.41 -4.67
CA THR D 121 -10.16 -7.37 -5.62
C THR D 121 -11.35 -6.54 -6.08
N ALA D 122 -12.51 -7.18 -6.26
CA ALA D 122 -13.70 -6.47 -6.72
C ALA D 122 -14.23 -5.50 -5.67
N LEU D 123 -14.24 -5.93 -4.40
CA LEU D 123 -15.00 -5.24 -3.36
C LEU D 123 -14.15 -4.47 -2.37
N LEU D 124 -12.86 -4.75 -2.27
CA LEU D 124 -11.96 -4.13 -1.30
C LEU D 124 -10.80 -3.45 -2.02
N LYS D 125 -10.38 -2.31 -1.48
CA LYS D 125 -9.14 -1.70 -1.92
C LYS D 125 -7.96 -2.45 -1.31
N PRO D 126 -6.79 -2.40 -1.95
CA PRO D 126 -5.60 -2.96 -1.31
C PRO D 126 -5.47 -2.50 0.14
N HIS D 127 -5.10 -3.45 0.99
CA HIS D 127 -4.87 -3.32 2.41
C HIS D 127 -6.15 -3.15 3.22
N GLU D 128 -7.32 -3.30 2.61
CA GLU D 128 -8.53 -3.31 3.44
C GLU D 128 -8.69 -4.64 4.15
N ARG D 129 -9.60 -4.66 5.13
CA ARG D 129 -9.54 -5.69 6.17
C ARG D 129 -10.53 -6.83 5.96
N ILE D 130 -10.04 -8.05 6.17
CA ILE D 130 -10.78 -9.30 6.02
C ILE D 130 -10.65 -10.09 7.31
N MET D 131 -11.74 -10.66 7.79
CA MET D 131 -11.69 -11.67 8.83
C MET D 131 -12.20 -13.00 8.30
N ALA D 132 -11.62 -14.09 8.80
CA ALA D 132 -11.96 -15.43 8.36
C ALA D 132 -11.51 -16.43 9.42
N LEU D 133 -12.04 -17.66 9.31
CA LEU D 133 -11.69 -18.69 10.29
C LEU D 133 -10.21 -19.04 10.18
N ASP D 134 -9.52 -19.11 11.32
CA ASP D 134 -8.09 -19.40 11.32
C ASP D 134 -7.82 -20.74 10.64
N LEU D 135 -6.78 -20.79 9.80
CA LEU D 135 -6.47 -22.01 9.05
C LEU D 135 -6.38 -23.27 9.91
N PRO D 136 -5.64 -23.30 11.04
CA PRO D 136 -5.59 -24.53 11.85
C PRO D 136 -6.91 -24.85 12.54
N HIS D 137 -7.86 -23.92 12.56
CA HIS D 137 -9.17 -24.17 13.18
C HIS D 137 -10.24 -24.51 12.17
N GLY D 138 -9.86 -24.78 10.92
CA GLY D 138 -10.82 -25.11 9.88
C GLY D 138 -10.92 -24.14 8.72
N GLY D 139 -10.04 -23.15 8.67
CA GLY D 139 -10.12 -22.15 7.61
C GLY D 139 -9.43 -22.61 6.35
N HIS D 140 -9.12 -21.66 5.48
CA HIS D 140 -8.51 -21.99 4.19
C HIS D 140 -7.51 -20.90 3.82
N LEU D 141 -6.42 -21.31 3.17
CA LEU D 141 -5.38 -20.34 2.80
C LEU D 141 -5.91 -19.17 1.98
N SER D 142 -6.93 -19.38 1.17
CA SER D 142 -7.42 -18.33 0.27
C SER D 142 -8.24 -17.28 1.00
N HIS D 143 -8.38 -17.42 2.32
CA HIS D 143 -8.97 -16.36 3.14
C HIS D 143 -7.90 -15.56 3.88
N GLY D 144 -6.63 -15.86 3.66
CA GLY D 144 -5.54 -15.23 4.35
C GLY D 144 -4.94 -16.19 5.35
N TYR D 145 -3.63 -16.04 5.59
CA TYR D 145 -2.95 -16.81 6.62
C TYR D 145 -1.54 -16.25 6.86
N GLN D 146 -1.21 -16.01 8.12
N GLN D 146 -1.24 -15.97 8.13
CA GLN D 146 0.16 -15.64 8.46
CA GLN D 146 0.10 -15.57 8.56
C GLN D 146 0.52 -16.26 9.79
C GLN D 146 0.48 -16.34 9.81
N THR D 147 1.74 -16.78 9.87
CA THR D 147 2.29 -17.40 11.07
C THR D 147 3.20 -16.42 11.78
N ASP D 148 3.80 -16.88 12.89
CA ASP D 148 4.84 -16.09 13.56
C ASP D 148 6.06 -15.91 12.68
N THR D 149 6.26 -16.78 11.69
CA THR D 149 7.38 -16.68 10.77
C THR D 149 7.11 -15.67 9.65
N LYS D 150 6.00 -15.81 8.94
CA LYS D 150 5.79 -14.97 7.76
C LYS D 150 4.36 -15.07 7.23
N LYS D 151 4.04 -14.20 6.29
CA LYS D 151 2.76 -14.27 5.58
C LYS D 151 2.83 -15.42 4.59
N ILE D 152 1.87 -16.33 4.68
CA ILE D 152 1.86 -17.56 3.89
C ILE D 152 1.00 -17.41 2.65
N SER D 153 -0.24 -16.98 2.84
CA SER D 153 -1.14 -16.68 1.73
C SER D 153 -0.89 -15.27 1.22
N ALA D 154 -0.90 -15.11 -0.11
CA ALA D 154 -0.76 -13.74 -0.62
C ALA D 154 -2.00 -12.89 -0.40
N VAL D 155 -3.14 -13.49 -0.02
CA VAL D 155 -4.26 -12.67 0.45
C VAL D 155 -3.81 -11.77 1.60
N SER D 156 -2.91 -12.29 2.46
CA SER D 156 -2.45 -11.51 3.59
C SER D 156 -1.39 -10.48 3.20
N ILE D 157 -0.86 -10.56 1.98
CA ILE D 157 0.06 -9.56 1.44
C ILE D 157 -0.71 -8.36 0.90
N PHE D 158 -1.72 -8.61 0.08
CA PHE D 158 -2.45 -7.55 -0.61
C PHE D 158 -3.60 -6.99 0.21
N PHE D 159 -4.07 -7.75 1.21
CA PHE D 159 -5.14 -7.31 2.11
C PHE D 159 -4.69 -7.55 3.54
N GLU D 160 -5.37 -6.89 4.47
CA GLU D 160 -5.03 -6.98 5.89
C GLU D 160 -5.98 -7.98 6.56
N THR D 161 -5.45 -9.12 6.98
CA THR D 161 -6.29 -10.21 7.47
C THR D 161 -6.17 -10.39 8.98
N MET D 162 -7.25 -10.88 9.59
CA MET D 162 -7.19 -11.28 11.00
C MET D 162 -8.07 -12.52 11.16
N PRO D 163 -7.61 -13.54 11.87
CA PRO D 163 -8.44 -14.74 12.05
C PRO D 163 -9.48 -14.57 13.15
N TYR D 164 -10.54 -15.38 13.03
CA TYR D 164 -11.34 -15.73 14.19
C TYR D 164 -11.19 -17.22 14.46
N ARG D 165 -11.56 -17.64 15.66
CA ARG D 165 -11.13 -18.94 16.16
C ARG D 165 -12.31 -19.74 16.73
N LEU D 166 -12.05 -21.03 16.94
CA LEU D 166 -12.99 -21.89 17.65
C LEU D 166 -12.99 -21.57 19.14
N ASP D 167 -14.11 -21.91 19.78
CA ASP D 167 -14.12 -22.18 21.21
C ASP D 167 -13.56 -23.59 21.33
N GLU D 168 -12.31 -23.70 21.78
CA GLU D 168 -11.70 -25.01 21.79
C GLU D 168 -12.30 -25.93 22.84
N ASN D 169 -13.08 -25.38 23.78
CA ASN D 169 -13.80 -26.23 24.73
C ASN D 169 -15.01 -26.91 24.10
N THR D 170 -15.59 -26.33 23.06
CA THR D 170 -16.77 -26.92 22.43
C THR D 170 -16.53 -27.43 21.02
N GLY D 171 -15.48 -26.96 20.36
CA GLY D 171 -15.25 -27.32 18.96
C GLY D 171 -16.04 -26.51 17.96
N TYR D 172 -16.85 -25.57 18.41
CA TYR D 172 -17.62 -24.71 17.51
C TYR D 172 -16.91 -23.36 17.39
N ILE D 173 -17.18 -22.68 16.26
CA ILE D 173 -16.71 -21.30 16.09
C ILE D 173 -17.19 -20.46 17.25
N ASP D 174 -16.28 -19.64 17.80
CA ASP D 174 -16.65 -18.77 18.91
C ASP D 174 -17.22 -17.49 18.32
N TYR D 175 -18.55 -17.47 18.12
CA TYR D 175 -19.15 -16.30 17.48
C TYR D 175 -19.09 -15.07 18.39
N ASP D 176 -19.14 -15.26 19.71
CA ASP D 176 -19.05 -14.13 20.63
C ASP D 176 -17.71 -13.42 20.48
N GLN D 177 -16.62 -14.18 20.40
CA GLN D 177 -15.32 -13.54 20.25
C GLN D 177 -15.15 -12.95 18.87
N LEU D 178 -15.72 -13.60 17.85
CA LEU D 178 -15.71 -13.01 16.51
C LEU D 178 -16.32 -11.63 16.54
N GLU D 179 -17.51 -11.50 17.14
CA GLU D 179 -18.20 -10.22 17.17
C GLU D 179 -17.37 -9.18 17.92
N LYS D 180 -16.82 -9.55 19.08
CA LYS D 180 -16.04 -8.59 19.85
C LYS D 180 -14.78 -8.15 19.10
N SER D 181 -14.09 -9.12 18.48
CA SER D 181 -12.90 -8.81 17.68
C SER D 181 -13.24 -7.87 16.53
N ALA D 182 -14.37 -8.12 15.88
CA ALA D 182 -14.75 -7.31 14.71
C ALA D 182 -14.99 -5.86 15.08
N VAL D 183 -15.50 -5.60 16.29
CA VAL D 183 -15.70 -4.21 16.73
C VAL D 183 -14.39 -3.45 16.68
N LEU D 184 -13.30 -4.08 17.13
CA LEU D 184 -12.00 -3.43 17.21
C LEU D 184 -11.31 -3.39 15.84
N PHE D 185 -11.40 -4.49 15.08
CA PHE D 185 -10.63 -4.62 13.84
C PHE D 185 -11.29 -3.92 12.67
N ARG D 186 -12.62 -3.75 12.70
CA ARG D 186 -13.39 -3.11 11.62
C ARG D 186 -13.18 -3.78 10.27
N PRO D 187 -13.51 -5.07 10.13
CA PRO D 187 -13.38 -5.72 8.82
C PRO D 187 -14.31 -5.08 7.80
N LYS D 188 -13.85 -5.04 6.56
CA LYS D 188 -14.69 -4.68 5.42
C LYS D 188 -15.37 -5.88 4.80
N LEU D 189 -14.89 -7.08 5.12
CA LEU D 189 -15.45 -8.33 4.60
C LEU D 189 -15.18 -9.41 5.62
N ILE D 190 -16.19 -10.26 5.89
CA ILE D 190 -16.03 -11.40 6.79
C ILE D 190 -16.36 -12.65 5.99
N VAL D 191 -15.47 -13.65 6.05
CA VAL D 191 -15.69 -14.91 5.36
C VAL D 191 -16.36 -15.88 6.31
N ALA D 192 -17.46 -16.48 5.85
CA ALA D 192 -18.12 -17.61 6.52
C ALA D 192 -17.86 -18.83 5.63
N GLY D 193 -16.76 -19.52 5.90
CA GLY D 193 -16.40 -20.66 5.08
C GLY D 193 -15.38 -21.52 5.76
N ALA D 194 -15.61 -22.83 5.76
CA ALA D 194 -14.76 -23.75 6.48
C ALA D 194 -14.45 -24.96 5.61
N SER D 195 -13.30 -25.55 5.89
CA SER D 195 -12.91 -26.82 5.27
C SER D 195 -12.95 -27.90 6.34
N ALA D 196 -11.94 -27.94 7.20
CA ALA D 196 -11.83 -28.99 8.23
C ALA D 196 -12.65 -28.58 9.46
N TYR D 197 -13.96 -28.71 9.34
CA TYR D 197 -14.92 -28.34 10.37
C TYR D 197 -16.11 -29.27 10.21
N ALA D 198 -16.54 -29.88 11.31
CA ALA D 198 -17.60 -30.90 11.24
C ALA D 198 -18.97 -30.32 11.50
N ARG D 199 -19.09 -29.00 11.58
CA ARG D 199 -20.34 -28.35 11.90
C ARG D 199 -20.70 -27.38 10.78
N LEU D 200 -21.95 -26.93 10.81
CA LEU D 200 -22.42 -25.96 9.83
C LEU D 200 -22.36 -24.56 10.43
N TYR D 201 -22.37 -23.55 9.55
CA TYR D 201 -22.26 -22.18 10.00
C TYR D 201 -23.55 -21.64 10.60
N ASP D 202 -23.40 -20.78 11.60
CA ASP D 202 -24.49 -19.93 12.06
C ASP D 202 -24.49 -18.70 11.16
N TYR D 203 -25.05 -18.87 9.94
CA TYR D 203 -25.08 -17.77 8.98
C TYR D 203 -25.88 -16.59 9.49
N ALA D 204 -26.94 -16.84 10.28
CA ALA D 204 -27.72 -15.74 10.83
C ALA D 204 -26.85 -14.86 11.71
N ARG D 205 -25.98 -15.47 12.52
CA ARG D 205 -25.13 -14.67 13.41
C ARG D 205 -24.06 -13.92 12.62
N ILE D 206 -23.48 -14.57 11.61
CA ILE D 206 -22.50 -13.86 10.77
C ILE D 206 -23.17 -12.67 10.10
N ARG D 207 -24.40 -12.85 9.64
CA ARG D 207 -25.16 -11.77 9.01
C ARG D 207 -25.34 -10.60 9.96
N LYS D 208 -25.66 -10.88 11.22
CA LYS D 208 -25.85 -9.81 12.20
C LYS D 208 -24.57 -9.04 12.42
N VAL D 209 -23.44 -9.74 12.52
CA VAL D 209 -22.15 -9.09 12.72
C VAL D 209 -21.78 -8.27 11.49
N CYS D 210 -22.01 -8.83 10.29
CA CYS D 210 -21.70 -8.07 9.08
C CYS D 210 -22.57 -6.82 8.96
N ASN D 211 -23.84 -6.93 9.34
CA ASN D 211 -24.70 -5.75 9.28
C ASN D 211 -24.22 -4.68 10.25
N LYS D 212 -23.84 -5.08 11.45
CA LYS D 212 -23.36 -4.12 12.45
C LYS D 212 -22.07 -3.46 11.98
N GLN D 213 -21.21 -4.21 11.32
CA GLN D 213 -19.92 -3.70 10.88
C GLN D 213 -19.93 -3.11 9.47
N LYS D 214 -21.09 -3.10 8.81
CA LYS D 214 -21.20 -2.67 7.41
C LYS D 214 -20.14 -3.38 6.55
N ALA D 215 -20.03 -4.68 6.77
CA ALA D 215 -19.05 -5.52 6.09
C ALA D 215 -19.77 -6.45 5.12
N VAL D 216 -19.08 -6.78 4.03
CA VAL D 216 -19.60 -7.77 3.08
C VAL D 216 -19.57 -9.14 3.74
N MET D 217 -20.65 -9.89 3.61
CA MET D 217 -20.70 -11.27 4.07
C MET D 217 -20.42 -12.20 2.89
N LEU D 218 -19.24 -12.84 2.90
CA LEU D 218 -18.86 -13.79 1.87
C LEU D 218 -18.98 -15.18 2.46
N ALA D 219 -19.83 -16.01 1.87
CA ALA D 219 -19.87 -17.43 2.24
C ALA D 219 -19.00 -18.18 1.24
N ASP D 220 -18.05 -18.96 1.73
CA ASP D 220 -17.22 -19.81 0.85
C ASP D 220 -17.65 -21.25 1.14
N MET D 221 -18.52 -21.79 0.28
CA MET D 221 -19.16 -23.08 0.54
C MET D 221 -18.49 -24.25 -0.19
N ALA D 222 -17.21 -24.13 -0.58
CA ALA D 222 -16.55 -25.18 -1.38
C ALA D 222 -16.76 -26.59 -0.83
N HIS D 223 -16.61 -26.79 0.48
CA HIS D 223 -16.71 -28.15 1.01
C HIS D 223 -18.14 -28.68 1.04
N ILE D 224 -19.14 -27.80 1.02
CA ILE D 224 -20.51 -28.21 1.27
C ILE D 224 -21.46 -27.97 0.10
N SER D 225 -20.96 -27.47 -1.05
CA SER D 225 -21.89 -26.92 -2.04
C SER D 225 -22.83 -27.97 -2.60
N GLY D 226 -22.39 -29.23 -2.70
CA GLY D 226 -23.29 -30.27 -3.16
C GLY D 226 -24.37 -30.58 -2.14
N LEU D 227 -24.03 -30.51 -0.85
CA LEU D 227 -25.07 -30.66 0.17
C LEU D 227 -26.09 -29.54 0.07
N VAL D 228 -25.60 -28.32 -0.20
CA VAL D 228 -26.49 -27.17 -0.35
C VAL D 228 -27.40 -27.36 -1.56
N ALA D 229 -26.82 -27.74 -2.70
CA ALA D 229 -27.60 -27.88 -3.94
C ALA D 229 -28.70 -28.91 -3.75
N ALA D 230 -28.40 -30.00 -3.05
CA ALA D 230 -29.37 -31.05 -2.78
C ALA D 230 -30.40 -30.65 -1.73
N GLY D 231 -30.23 -29.51 -1.07
CA GLY D 231 -31.17 -29.07 -0.06
C GLY D 231 -31.16 -29.90 1.20
N VAL D 232 -30.06 -30.59 1.50
CA VAL D 232 -30.01 -31.44 2.69
C VAL D 232 -29.36 -30.75 3.89
N ILE D 233 -28.81 -29.56 3.71
CA ILE D 233 -28.40 -28.69 4.82
C ILE D 233 -28.86 -27.26 4.50
N PRO D 234 -28.88 -26.38 5.51
CA PRO D 234 -29.32 -24.99 5.26
C PRO D 234 -28.39 -24.29 4.29
N SER D 235 -28.97 -23.35 3.53
CA SER D 235 -28.23 -22.70 2.44
C SER D 235 -27.59 -21.38 2.89
N PRO D 236 -26.33 -21.15 2.53
CA PRO D 236 -25.74 -19.81 2.78
C PRO D 236 -26.43 -18.70 2.03
N PHE D 237 -27.12 -19.01 0.93
CA PHE D 237 -27.79 -17.99 0.13
C PHE D 237 -28.95 -17.34 0.89
N GLU D 238 -29.41 -17.94 1.99
CA GLU D 238 -30.42 -17.27 2.80
C GLU D 238 -29.92 -15.96 3.39
N TYR D 239 -28.60 -15.80 3.54
CA TYR D 239 -28.01 -14.71 4.32
C TYR D 239 -26.87 -13.98 3.63
N ALA D 240 -26.02 -14.67 2.86
CA ALA D 240 -24.77 -14.08 2.40
C ALA D 240 -25.00 -13.02 1.32
N ASP D 241 -24.03 -12.10 1.20
CA ASP D 241 -24.02 -11.13 0.10
C ASP D 241 -23.41 -11.73 -1.16
N VAL D 242 -22.33 -12.49 -0.98
CA VAL D 242 -21.57 -13.13 -2.06
C VAL D 242 -21.30 -14.56 -1.61
N VAL D 243 -21.34 -15.51 -2.56
CA VAL D 243 -21.05 -16.90 -2.24
C VAL D 243 -20.05 -17.40 -3.27
N THR D 244 -18.90 -17.89 -2.80
CA THR D 244 -17.94 -18.54 -3.69
C THR D 244 -17.98 -20.05 -3.45
N THR D 245 -17.53 -20.80 -4.46
CA THR D 245 -17.41 -22.24 -4.29
C THR D 245 -16.50 -22.79 -5.37
N THR D 246 -15.79 -23.87 -5.01
CA THR D 246 -15.21 -24.74 -6.02
C THR D 246 -16.33 -25.47 -6.75
N THR D 247 -16.05 -25.96 -7.95
CA THR D 247 -17.03 -26.78 -8.62
C THR D 247 -16.75 -28.26 -8.49
N HIS D 248 -15.57 -28.62 -7.98
CA HIS D 248 -15.20 -29.98 -7.63
C HIS D 248 -15.61 -30.22 -6.15
N1 LLP D 249 -12.10 -22.44 -0.18
C2 LLP D 249 -12.44 -23.56 0.49
C2' LLP D 249 -13.37 -23.38 1.70
C3 LLP D 249 -11.94 -24.78 0.08
O3 LLP D 249 -12.30 -25.92 0.81
C4 LLP D 249 -11.10 -24.89 -1.00
C4' LLP D 249 -10.62 -26.28 -1.43
C5 LLP D 249 -10.77 -23.75 -1.70
C6 LLP D 249 -11.26 -22.53 -1.25
C5' LLP D 249 -9.77 -23.73 -2.86
OP4 LLP D 249 -10.14 -24.31 -4.06
P LLP D 249 -8.87 -24.69 -5.03
OP1 LLP D 249 -9.54 -25.19 -6.28
OP2 LLP D 249 -8.04 -25.77 -4.36
OP3 LLP D 249 -8.03 -23.45 -5.28
N LLP D 249 -14.90 -31.06 -5.41
CA LLP D 249 -15.29 -31.38 -4.01
CB LLP D 249 -15.08 -30.18 -3.08
CG LLP D 249 -13.63 -29.72 -3.14
CD LLP D 249 -13.29 -28.72 -2.02
CE LLP D 249 -11.77 -28.45 -1.92
NZ LLP D 249 -11.62 -27.05 -1.52
C LLP D 249 -16.76 -31.89 -3.96
O LLP D 249 -17.15 -32.68 -4.85
N SER D 250 -17.56 -31.47 -2.98
CA SER D 250 -18.86 -32.14 -2.83
C SER D 250 -19.86 -31.81 -3.98
N LEU D 251 -19.63 -30.74 -4.76
CA LEU D 251 -20.50 -30.53 -5.92
C LEU D 251 -20.31 -31.64 -6.96
N ARG D 252 -19.10 -32.22 -7.00
CA ARG D 252 -18.74 -33.35 -7.87
C ARG D 252 -18.65 -32.96 -9.34
N GLY D 253 -18.30 -31.69 -9.60
CA GLY D 253 -18.07 -31.24 -10.95
C GLY D 253 -16.61 -31.19 -11.36
N PRO D 254 -16.33 -30.47 -12.45
CA PRO D 254 -14.93 -30.32 -12.90
C PRO D 254 -14.20 -29.39 -11.95
N ARG D 255 -12.87 -29.33 -12.12
CA ARG D 255 -12.08 -28.39 -11.34
C ARG D 255 -12.31 -26.98 -11.85
N GLY D 256 -12.87 -26.13 -11.00
CA GLY D 256 -13.23 -24.78 -11.41
C GLY D 256 -13.88 -24.10 -10.24
N ALA D 257 -14.66 -23.05 -10.52
CA ALA D 257 -15.24 -22.28 -9.43
C ALA D 257 -16.42 -21.48 -9.93
N MET D 258 -17.27 -21.02 -8.99
CA MET D 258 -18.37 -20.11 -9.27
C MET D 258 -18.37 -18.99 -8.23
N ILE D 259 -18.78 -17.80 -8.65
CA ILE D 259 -18.98 -16.67 -7.74
C ILE D 259 -20.40 -16.20 -7.92
N PHE D 260 -21.22 -16.28 -6.86
CA PHE D 260 -22.59 -15.78 -6.86
C PHE D 260 -22.65 -14.46 -6.08
N PHE D 261 -23.59 -13.60 -6.46
CA PHE D 261 -23.64 -12.29 -5.80
C PHE D 261 -25.05 -11.71 -5.87
N ARG D 262 -25.43 -10.99 -4.82
CA ARG D 262 -26.74 -10.36 -4.80
C ARG D 262 -26.83 -9.27 -5.84
N LYS D 263 -28.05 -9.09 -6.36
CA LYS D 263 -28.46 -8.03 -7.26
C LYS D 263 -29.72 -7.39 -6.71
N GLY D 264 -29.92 -6.13 -7.07
CA GLY D 264 -31.16 -5.45 -6.78
C GLY D 264 -31.11 -4.68 -5.49
N LEU D 265 -32.25 -4.53 -4.82
CA LEU D 265 -32.36 -3.59 -3.71
C LEU D 265 -31.72 -4.14 -2.45
N LYS D 266 -30.82 -3.36 -1.87
CA LYS D 266 -30.25 -3.69 -0.56
C LYS D 266 -31.12 -3.15 0.56
N GLU D 267 -31.43 -1.86 0.51
CA GLU D 267 -32.30 -1.22 1.50
C GLU D 267 -32.71 0.13 0.95
N ILE D 268 -33.74 0.71 1.57
CA ILE D 268 -34.03 2.12 1.41
C ILE D 268 -33.40 2.82 2.60
N ASN D 269 -32.53 3.79 2.35
CA ASN D 269 -31.76 4.40 3.44
C ASN D 269 -32.63 5.40 4.18
N LYS D 270 -32.05 6.07 5.19
CA LYS D 270 -32.81 6.97 6.04
C LYS D 270 -33.31 8.20 5.30
N GLN D 271 -32.69 8.54 4.18
CA GLN D 271 -33.11 9.66 3.35
C GLN D 271 -34.12 9.24 2.30
N GLY D 272 -34.58 8.00 2.33
CA GLY D 272 -35.59 7.55 1.38
C GLY D 272 -35.06 7.14 0.03
N LYS D 273 -33.75 7.03 -0.14
CA LYS D 273 -33.16 6.62 -1.41
C LYS D 273 -32.92 5.12 -1.44
N GLU D 274 -33.24 4.50 -2.58
CA GLU D 274 -32.93 3.09 -2.76
C GLU D 274 -31.41 2.93 -2.82
N VAL D 275 -30.90 1.98 -2.06
CA VAL D 275 -29.51 1.56 -2.16
C VAL D 275 -29.50 0.21 -2.85
N MET D 276 -28.91 0.14 -4.04
N MET D 276 -28.89 0.13 -4.02
CA MET D 276 -28.81 -1.11 -4.77
CA MET D 276 -28.84 -1.11 -4.78
C MET D 276 -27.51 -1.83 -4.44
C MET D 276 -27.51 -1.82 -4.53
N TYR D 277 -27.55 -3.15 -4.56
CA TYR D 277 -26.32 -3.91 -4.47
C TYR D 277 -25.38 -3.53 -5.61
N ASP D 278 -24.11 -3.47 -5.27
CA ASP D 278 -23.04 -3.03 -6.15
C ASP D 278 -21.99 -4.13 -6.16
N TYR D 279 -22.40 -5.33 -6.57
CA TYR D 279 -21.48 -6.47 -6.65
C TYR D 279 -21.27 -6.97 -8.06
N GLU D 280 -22.33 -7.03 -8.86
CA GLU D 280 -22.28 -7.71 -10.16
C GLU D 280 -21.21 -7.13 -11.07
N ASP D 281 -21.26 -5.83 -11.32
CA ASP D 281 -20.28 -5.24 -12.23
C ASP D 281 -18.88 -5.31 -11.66
N ARG D 282 -18.72 -5.07 -10.36
N ARG D 282 -18.72 -5.07 -10.36
CA ARG D 282 -17.40 -5.08 -9.76
CA ARG D 282 -17.40 -5.09 -9.76
C ARG D 282 -16.78 -6.48 -9.81
C ARG D 282 -16.79 -6.48 -9.82
N ILE D 283 -17.58 -7.50 -9.52
CA ILE D 283 -17.03 -8.86 -9.54
C ILE D 283 -16.75 -9.30 -10.96
N ASN D 284 -17.71 -9.10 -11.87
CA ASN D 284 -17.48 -9.53 -13.26
C ASN D 284 -16.26 -8.82 -13.84
N GLN D 285 -16.07 -7.53 -13.53
CA GLN D 285 -14.91 -6.81 -14.04
C GLN D 285 -13.61 -7.23 -13.34
N ALA D 286 -13.66 -7.66 -12.08
CA ALA D 286 -12.44 -8.17 -11.45
C ALA D 286 -11.99 -9.47 -12.11
N VAL D 287 -12.94 -10.32 -12.50
CA VAL D 287 -12.59 -11.56 -13.18
C VAL D 287 -12.02 -11.28 -14.56
N PHE D 288 -12.72 -10.45 -15.33
CA PHE D 288 -12.20 -9.99 -16.62
C PHE D 288 -12.76 -8.60 -16.85
N PRO D 289 -11.92 -7.59 -17.13
CA PRO D 289 -10.51 -7.65 -17.48
C PRO D 289 -9.51 -7.60 -16.32
N GLY D 290 -9.99 -7.71 -15.08
CA GLY D 290 -9.12 -7.44 -13.94
C GLY D 290 -7.99 -8.44 -13.77
N LEU D 291 -8.32 -9.72 -13.72
CA LEU D 291 -7.36 -10.72 -13.26
C LEU D 291 -7.23 -11.94 -14.16
N GLN D 292 -8.23 -12.25 -14.96
CA GLN D 292 -8.13 -13.40 -15.85
C GLN D 292 -8.20 -12.95 -17.30
N GLY D 293 -7.89 -13.90 -18.18
CA GLY D 293 -7.99 -13.69 -19.61
C GLY D 293 -9.08 -14.55 -20.22
N GLY D 294 -8.72 -15.41 -21.16
CA GLY D 294 -9.69 -16.21 -21.85
C GLY D 294 -10.34 -17.24 -20.94
N PRO D 295 -11.68 -17.30 -20.97
CA PRO D 295 -12.40 -18.34 -20.20
C PRO D 295 -11.97 -19.72 -20.65
N HIS D 296 -12.04 -20.69 -19.72
CA HIS D 296 -11.76 -22.07 -20.08
C HIS D 296 -13.08 -22.73 -20.43
N ASN D 297 -13.42 -22.71 -21.72
CA ASN D 297 -14.78 -23.09 -22.11
C ASN D 297 -15.03 -24.58 -22.01
N HIS D 298 -13.98 -25.41 -22.06
CA HIS D 298 -14.17 -26.84 -21.79
C HIS D 298 -14.62 -27.07 -20.36
N THR D 299 -13.99 -26.41 -19.40
CA THR D 299 -14.40 -26.53 -18.01
C THR D 299 -15.80 -25.95 -17.79
N ILE D 300 -16.09 -24.78 -18.36
CA ILE D 300 -17.44 -24.20 -18.23
C ILE D 300 -18.49 -25.16 -18.77
N THR D 301 -18.18 -25.83 -19.90
CA THR D 301 -19.14 -26.77 -20.49
C THR D 301 -19.31 -27.98 -19.59
N GLY D 302 -18.21 -28.50 -19.04
CA GLY D 302 -18.33 -29.60 -18.08
C GLY D 302 -19.06 -29.18 -16.81
N LEU D 303 -18.90 -27.92 -16.40
CA LEU D 303 -19.62 -27.40 -15.26
C LEU D 303 -21.12 -27.40 -15.54
N ALA D 304 -21.53 -27.00 -16.75
CA ALA D 304 -22.95 -27.07 -17.09
C ALA D 304 -23.50 -28.47 -16.89
N VAL D 305 -22.73 -29.48 -17.30
CA VAL D 305 -23.16 -30.87 -17.15
C VAL D 305 -23.31 -31.21 -15.68
N ALA D 306 -22.31 -30.84 -14.87
CA ALA D 306 -22.35 -31.16 -13.44
C ALA D 306 -23.54 -30.50 -12.75
N LEU D 307 -23.88 -29.28 -13.17
CA LEU D 307 -24.98 -28.56 -12.55
C LEU D 307 -26.33 -29.15 -12.92
N LYS D 308 -26.47 -29.68 -14.14
CA LYS D 308 -27.68 -30.43 -14.47
C LYS D 308 -27.80 -31.66 -13.60
N GLN D 309 -26.70 -32.40 -13.39
CA GLN D 309 -26.74 -33.57 -12.51
C GLN D 309 -27.12 -33.18 -11.09
N ALA D 310 -26.72 -31.99 -10.64
CA ALA D 310 -26.96 -31.60 -9.25
C ALA D 310 -28.43 -31.43 -8.93
N ARG D 311 -29.29 -31.30 -9.95
N ARG D 311 -29.30 -31.29 -9.95
CA ARG D 311 -30.72 -31.07 -9.77
CA ARG D 311 -30.73 -31.07 -9.72
C ARG D 311 -31.55 -32.34 -9.82
C ARG D 311 -31.53 -32.36 -9.62
N THR D 312 -30.92 -33.50 -9.94
CA THR D 312 -31.66 -34.75 -10.11
C THR D 312 -32.00 -35.42 -8.78
N PRO D 313 -33.03 -36.28 -8.76
CA PRO D 313 -33.32 -37.02 -7.52
C PRO D 313 -32.20 -37.95 -7.11
N GLU D 314 -31.48 -38.54 -8.07
CA GLU D 314 -30.36 -39.42 -7.74
C GLU D 314 -29.25 -38.65 -7.03
N TYR D 315 -29.04 -37.41 -7.43
CA TYR D 315 -28.01 -36.59 -6.79
C TYR D 315 -28.41 -36.24 -5.36
N LYS D 316 -29.69 -35.94 -5.16
CA LYS D 316 -30.16 -35.69 -3.80
C LYS D 316 -30.03 -36.95 -2.94
N ALA D 317 -30.39 -38.11 -3.50
CA ALA D 317 -30.20 -39.36 -2.76
C ALA D 317 -28.74 -39.57 -2.39
N TYR D 318 -27.83 -39.25 -3.33
CA TYR D 318 -26.40 -39.32 -3.06
C TYR D 318 -26.01 -38.45 -1.88
N GLN D 319 -26.47 -37.19 -1.85
CA GLN D 319 -26.02 -36.30 -0.79
C GLN D 319 -26.64 -36.66 0.55
N ASP D 320 -27.89 -37.13 0.54
CA ASP D 320 -28.45 -37.69 1.75
C ASP D 320 -27.61 -38.87 2.25
N GLN D 321 -27.12 -39.70 1.33
CA GLN D 321 -26.32 -40.86 1.73
C GLN D 321 -24.97 -40.40 2.30
N VAL D 322 -24.39 -39.35 1.74
CA VAL D 322 -23.14 -38.77 2.28
C VAL D 322 -23.33 -38.45 3.76
N LEU D 323 -24.44 -37.80 4.11
CA LEU D 323 -24.69 -37.41 5.50
C LEU D 323 -24.96 -38.62 6.38
N ARG D 324 -25.81 -39.55 5.90
CA ARG D 324 -26.12 -40.74 6.68
C ARG D 324 -24.89 -41.61 6.90
N ASN D 325 -24.06 -41.78 5.86
CA ASN D 325 -22.79 -42.50 6.01
C ASN D 325 -21.90 -41.83 7.03
N CYS D 326 -21.83 -40.50 7.02
CA CYS D 326 -20.96 -39.84 7.98
C CYS D 326 -21.45 -40.06 9.41
N SER D 327 -22.77 -40.00 9.62
CA SER D 327 -23.32 -40.25 10.95
C SER D 327 -23.03 -41.68 11.41
N LYS D 328 -23.18 -42.66 10.50
CA LYS D 328 -22.88 -44.04 10.87
C LYS D 328 -21.41 -44.20 11.18
N PHE D 329 -20.55 -43.57 10.37
CA PHE D 329 -19.12 -43.55 10.61
C PHE D 329 -18.81 -42.98 12.00
N ALA D 330 -19.44 -41.85 12.33
CA ALA D 330 -19.25 -41.25 13.65
C ALA D 330 -19.73 -42.16 14.78
N GLU D 331 -20.90 -42.80 14.61
CA GLU D 331 -21.40 -43.74 15.61
C GLU D 331 -20.39 -44.83 15.89
N THR D 332 -19.82 -45.38 14.83
CA THR D 332 -18.94 -46.54 14.99
C THR D 332 -17.64 -46.13 15.66
N LEU D 333 -17.11 -44.96 15.30
CA LEU D 333 -15.92 -44.43 15.96
C LEU D 333 -16.17 -44.17 17.45
N LEU D 334 -17.29 -43.55 17.80
CA LEU D 334 -17.61 -43.36 19.22
C LEU D 334 -17.73 -44.69 19.96
N ALA D 335 -18.39 -45.67 19.33
CA ALA D 335 -18.55 -46.98 19.96
C ALA D 335 -17.22 -47.68 20.19
N LYS D 336 -16.22 -47.39 19.36
CA LYS D 336 -14.89 -47.96 19.51
C LYS D 336 -13.97 -47.11 20.35
N GLY D 337 -14.52 -46.13 21.07
CA GLY D 337 -13.76 -45.39 22.06
C GLY D 337 -13.07 -44.14 21.56
N TYR D 338 -13.37 -43.69 20.33
CA TYR D 338 -12.73 -42.49 19.81
C TYR D 338 -13.49 -41.25 20.24
N ASP D 339 -12.75 -40.15 20.35
CA ASP D 339 -13.30 -38.83 20.63
C ASP D 339 -13.40 -38.04 19.34
N LEU D 340 -14.52 -37.34 19.17
CA LEU D 340 -14.75 -36.50 18.00
C LEU D 340 -14.70 -35.04 18.42
N VAL D 341 -13.97 -34.22 17.66
CA VAL D 341 -13.98 -32.78 17.92
C VAL D 341 -15.37 -32.23 17.70
N SER D 342 -15.87 -31.49 18.70
CA SER D 342 -17.24 -30.96 18.83
C SER D 342 -18.25 -32.05 19.20
N GLY D 343 -17.80 -33.30 19.38
CA GLY D 343 -18.64 -34.35 19.92
C GLY D 343 -19.44 -35.11 18.90
N GLY D 344 -19.35 -34.74 17.63
CA GLY D 344 -20.14 -35.37 16.58
C GLY D 344 -19.95 -34.64 15.27
N THR D 345 -20.95 -34.76 14.40
CA THR D 345 -20.85 -34.11 13.10
C THR D 345 -22.23 -33.72 12.61
N ASP D 346 -22.26 -32.68 11.77
CA ASP D 346 -23.47 -32.28 11.06
C ASP D 346 -23.28 -32.33 9.56
N ASN D 347 -22.15 -32.85 9.08
CA ASN D 347 -21.89 -32.79 7.65
C ASN D 347 -21.23 -34.07 7.12
N HIS D 348 -20.32 -33.88 6.17
CA HIS D 348 -19.69 -34.95 5.39
C HIS D 348 -18.38 -35.44 5.98
N LEU D 349 -17.92 -34.89 7.11
CA LEU D 349 -16.63 -35.31 7.64
C LEU D 349 -16.70 -35.45 9.16
N VAL D 350 -15.67 -36.10 9.70
CA VAL D 350 -15.43 -36.13 11.14
C VAL D 350 -14.01 -35.68 11.41
N LEU D 351 -13.80 -35.13 12.60
CA LEU D 351 -12.48 -34.78 13.12
C LEU D 351 -12.26 -35.64 14.36
N VAL D 352 -11.37 -36.61 14.26
CA VAL D 352 -11.07 -37.50 15.38
C VAL D 352 -9.94 -36.89 16.18
N ASN D 353 -10.14 -36.73 17.49
CA ASN D 353 -9.08 -36.30 18.40
C ASN D 353 -8.46 -37.54 19.01
N LEU D 354 -7.22 -37.85 18.59
CA LEU D 354 -6.57 -39.12 18.93
C LEU D 354 -5.91 -39.12 20.30
N LYS D 355 -6.02 -38.03 21.07
CA LYS D 355 -5.22 -37.92 22.29
C LYS D 355 -5.51 -39.03 23.29
N ASN D 356 -6.78 -39.42 23.46
CA ASN D 356 -7.09 -40.44 24.45
C ASN D 356 -6.59 -41.82 24.03
N LYS D 357 -6.24 -42.02 22.76
CA LYS D 357 -5.63 -43.25 22.30
C LYS D 357 -4.11 -43.28 22.46
N GLY D 358 -3.49 -42.15 22.81
CA GLY D 358 -2.06 -42.15 23.09
C GLY D 358 -1.17 -42.16 21.87
N ILE D 359 -1.64 -41.59 20.75
CA ILE D 359 -0.84 -41.51 19.53
C ILE D 359 -1.35 -40.31 18.74
N ASP D 360 -0.48 -39.74 17.90
CA ASP D 360 -0.81 -38.51 17.20
C ASP D 360 -1.21 -38.80 15.75
N GLY D 361 -1.62 -37.72 15.06
CA GLY D 361 -2.16 -37.86 13.71
C GLY D 361 -1.12 -38.17 12.65
N SER D 362 0.11 -37.67 12.81
CA SER D 362 1.17 -37.98 11.86
C SER D 362 1.41 -39.48 11.79
N ARG D 363 1.56 -40.12 12.96
CA ARG D 363 1.84 -41.54 12.99
C ARG D 363 0.67 -42.34 12.41
N VAL D 364 -0.56 -41.98 12.76
CA VAL D 364 -1.71 -42.74 12.27
C VAL D 364 -1.89 -42.53 10.76
N GLU D 365 -1.73 -41.28 10.28
CA GLU D 365 -1.84 -41.03 8.84
C GLU D 365 -0.85 -41.88 8.05
N LYS D 366 0.36 -42.04 8.57
CA LYS D 366 1.38 -42.81 7.84
C LYS D 366 0.98 -44.28 7.72
N VAL D 367 0.50 -44.88 8.80
CA VAL D 367 0.05 -46.28 8.74
C VAL D 367 -1.17 -46.41 7.82
N LEU D 368 -2.14 -45.50 7.96
CA LEU D 368 -3.31 -45.52 7.08
C LEU D 368 -2.90 -45.54 5.61
N GLU D 369 -1.95 -44.66 5.25
CA GLU D 369 -1.52 -44.58 3.86
C GLU D 369 -0.89 -45.89 3.39
N LEU D 370 -0.12 -46.55 4.25
CA LEU D 370 0.46 -47.84 3.85
C LEU D 370 -0.59 -48.92 3.66
N VAL D 371 -1.75 -48.80 4.31
CA VAL D 371 -2.81 -49.78 4.07
C VAL D 371 -3.86 -49.22 3.10
N HIS D 372 -3.53 -48.14 2.39
CA HIS D 372 -4.33 -47.55 1.32
C HIS D 372 -5.68 -47.02 1.82
N ILE D 373 -5.65 -46.45 3.02
CA ILE D 373 -6.71 -45.60 3.55
C ILE D 373 -6.17 -44.18 3.55
N ALA D 374 -6.77 -43.32 2.72
CA ALA D 374 -6.33 -41.95 2.58
C ALA D 374 -7.08 -41.07 3.57
N ALA D 375 -6.34 -40.41 4.46
CA ALA D 375 -6.90 -39.48 5.43
C ALA D 375 -5.86 -38.38 5.65
N ASN D 376 -6.20 -37.38 6.46
CA ASN D 376 -5.31 -36.25 6.67
C ASN D 376 -5.20 -35.92 8.15
N LYS D 377 -3.96 -35.80 8.64
CA LYS D 377 -3.76 -35.33 10.00
C LYS D 377 -4.34 -33.93 10.18
N ASN D 378 -4.76 -33.62 11.41
CA ASN D 378 -5.54 -32.43 11.68
C ASN D 378 -5.24 -31.92 13.08
N THR D 379 -5.00 -30.62 13.21
CA THR D 379 -4.80 -30.01 14.51
C THR D 379 -6.04 -30.21 15.37
N VAL D 380 -5.84 -30.49 16.65
CA VAL D 380 -6.94 -30.55 17.63
C VAL D 380 -6.62 -29.62 18.80
N PRO D 381 -7.63 -29.16 19.52
CA PRO D 381 -7.39 -28.32 20.70
C PRO D 381 -6.45 -28.98 21.69
N GLY D 382 -5.42 -28.23 22.08
CA GLY D 382 -4.39 -28.72 22.99
C GLY D 382 -3.07 -29.08 22.34
N ASP D 383 -2.98 -29.02 21.01
CA ASP D 383 -1.75 -29.42 20.33
C ASP D 383 -0.61 -28.45 20.65
N VAL D 384 0.59 -29.01 20.81
CA VAL D 384 1.74 -28.20 21.19
C VAL D 384 2.17 -27.29 20.05
N SER D 385 1.97 -27.72 18.80
CA SER D 385 2.35 -26.93 17.64
C SER D 385 1.51 -27.37 16.46
N ALA D 386 1.36 -26.47 15.49
CA ALA D 386 0.65 -26.81 14.27
C ALA D 386 1.36 -27.90 13.45
N MET D 387 2.63 -28.18 13.77
CA MET D 387 3.40 -29.22 13.11
C MET D 387 3.30 -30.59 13.79
N VAL D 388 2.63 -30.67 14.95
CA VAL D 388 2.47 -31.94 15.64
C VAL D 388 0.98 -32.21 15.84
N PRO D 389 0.21 -32.49 14.77
CA PRO D 389 -1.25 -32.54 14.91
C PRO D 389 -1.73 -33.77 15.68
N GLY D 390 -2.68 -33.55 16.57
CA GLY D 390 -3.19 -34.61 17.43
C GLY D 390 -4.40 -35.33 16.92
N GLY D 391 -4.87 -35.01 15.72
CA GLY D 391 -6.09 -35.58 15.22
C GLY D 391 -5.98 -36.01 13.77
N ILE D 392 -7.10 -36.51 13.26
CA ILE D 392 -7.16 -37.02 11.89
C ILE D 392 -8.55 -36.75 11.33
N ARG D 393 -8.58 -36.30 10.08
CA ARG D 393 -9.79 -35.87 9.40
C ARG D 393 -10.16 -36.89 8.33
N MET D 394 -11.43 -37.32 8.31
CA MET D 394 -11.93 -38.31 7.36
C MET D 394 -13.35 -37.96 6.96
N GLY D 395 -13.71 -38.27 5.71
CA GLY D 395 -15.03 -37.92 5.21
C GLY D 395 -15.57 -38.93 4.24
N THR D 396 -16.85 -38.77 3.92
CA THR D 396 -17.59 -39.73 3.12
C THR D 396 -17.89 -39.44 1.65
N PRO D 397 -17.69 -38.22 1.08
CA PRO D 397 -18.18 -38.01 -0.31
C PRO D 397 -17.62 -39.00 -1.34
N ALA D 398 -16.32 -39.29 -1.32
CA ALA D 398 -15.75 -40.06 -2.44
C ALA D 398 -16.23 -41.51 -2.42
N LEU D 399 -16.16 -42.17 -1.26
CA LEU D 399 -16.60 -43.58 -1.24
C LEU D 399 -18.11 -43.70 -1.39
N THR D 400 -18.88 -42.72 -0.90
CA THR D 400 -20.31 -42.72 -1.16
C THR D 400 -20.60 -42.66 -2.66
N SER D 401 -19.76 -41.95 -3.44
CA SER D 401 -19.97 -41.91 -4.88
C SER D 401 -19.82 -43.28 -5.52
N ARG D 402 -18.95 -44.14 -4.95
CA ARG D 402 -18.78 -45.52 -5.42
C ARG D 402 -19.82 -46.48 -4.87
N GLY D 403 -20.74 -46.00 -4.03
CA GLY D 403 -21.82 -46.82 -3.54
C GLY D 403 -21.65 -47.39 -2.15
N PHE D 404 -20.66 -46.92 -1.39
CA PHE D 404 -20.61 -47.29 0.02
C PHE D 404 -21.87 -46.76 0.70
N ILE D 405 -22.50 -47.62 1.52
CA ILE D 405 -23.65 -47.20 2.33
C ILE D 405 -23.28 -47.37 3.79
N GLU D 406 -24.25 -47.30 4.70
CA GLU D 406 -23.92 -47.14 6.11
C GLU D 406 -23.10 -48.33 6.64
N GLU D 407 -23.54 -49.56 6.31
CA GLU D 407 -22.80 -50.73 6.80
C GLU D 407 -21.38 -50.77 6.25
N ASP D 408 -21.15 -50.17 5.07
CA ASP D 408 -19.80 -50.11 4.54
C ASP D 408 -18.94 -49.12 5.31
N PHE D 409 -19.53 -48.02 5.76
CA PHE D 409 -18.72 -47.09 6.55
C PHE D 409 -18.50 -47.58 7.97
N ALA D 410 -19.38 -48.45 8.48
CA ALA D 410 -19.05 -49.16 9.71
C ALA D 410 -17.79 -50.00 9.52
N LYS D 411 -17.64 -50.61 8.34
CA LYS D 411 -16.45 -51.39 8.04
C LYS D 411 -15.22 -50.51 7.88
N VAL D 412 -15.38 -49.34 7.25
CA VAL D 412 -14.27 -48.39 7.13
C VAL D 412 -13.76 -48.01 8.51
N ALA D 413 -14.68 -47.75 9.46
CA ALA D 413 -14.27 -47.42 10.82
C ALA D 413 -13.55 -48.60 11.48
N GLU D 414 -14.03 -49.83 11.25
CA GLU D 414 -13.32 -50.99 11.78
C GLU D 414 -11.89 -51.07 11.23
N TYR D 415 -11.73 -50.83 9.92
CA TYR D 415 -10.38 -50.94 9.36
C TYR D 415 -9.51 -49.77 9.80
N PHE D 416 -10.08 -48.56 9.91
CA PHE D 416 -9.37 -47.44 10.53
C PHE D 416 -8.86 -47.84 11.91
N ASP D 417 -9.74 -48.42 12.73
CA ASP D 417 -9.36 -48.80 14.09
C ASP D 417 -8.24 -49.83 14.09
N LEU D 418 -8.29 -50.78 13.15
CA LEU D 418 -7.23 -51.78 13.05
C LEU D 418 -5.90 -51.12 12.68
N ALA D 419 -5.93 -50.11 11.84
CA ALA D 419 -4.69 -49.39 11.50
C ALA D 419 -4.17 -48.61 12.70
N VAL D 420 -5.07 -48.02 13.50
CA VAL D 420 -4.64 -47.33 14.71
C VAL D 420 -3.95 -48.31 15.66
N LYS D 421 -4.50 -49.52 15.80
CA LYS D 421 -3.87 -50.51 16.66
C LYS D 421 -2.47 -50.87 16.16
N ILE D 422 -2.29 -50.92 14.83
CA ILE D 422 -0.95 -51.20 14.30
C ILE D 422 0.00 -50.04 14.60
N ALA D 423 -0.46 -48.79 14.39
CA ALA D 423 0.35 -47.62 14.73
C ALA D 423 0.81 -47.66 16.18
N LEU D 424 -0.06 -48.09 17.08
CA LEU D 424 0.31 -48.16 18.49
C LEU D 424 1.36 -49.23 18.74
N LYS D 425 1.28 -50.35 18.02
CA LYS D 425 2.32 -51.37 18.11
C LYS D 425 3.65 -50.86 17.59
N ILE D 426 3.63 -50.13 16.47
CA ILE D 426 4.87 -49.55 15.93
C ILE D 426 5.48 -48.59 16.95
N LYS D 427 4.64 -47.79 17.61
CA LYS D 427 5.13 -46.86 18.62
C LYS D 427 5.72 -47.59 19.81
N ALA D 428 5.09 -48.68 20.25
CA ALA D 428 5.58 -49.44 21.38
C ALA D 428 6.85 -50.22 21.05
N GLU D 429 7.10 -50.49 19.77
CA GLU D 429 8.31 -51.18 19.34
C GLU D 429 9.43 -50.24 18.94
N SER D 430 9.20 -48.93 18.91
CA SER D 430 10.18 -47.97 18.42
C SER D 430 11.25 -47.70 19.47
N GLN D 431 12.50 -47.62 19.00
CA GLN D 431 13.62 -47.38 19.90
C GLN D 431 13.48 -46.05 20.62
N GLY D 432 13.46 -44.96 19.87
CA GLY D 432 13.28 -43.64 20.44
C GLY D 432 11.83 -43.21 20.44
N THR D 433 11.63 -41.90 20.58
CA THR D 433 10.28 -41.33 20.61
C THR D 433 10.02 -40.33 19.50
N LYS D 434 11.03 -39.92 18.74
CA LYS D 434 10.77 -38.99 17.65
C LYS D 434 10.09 -39.71 16.48
N LEU D 435 9.50 -38.91 15.60
CA LEU D 435 8.77 -39.46 14.45
C LEU D 435 9.67 -40.29 13.55
N LYS D 436 10.95 -39.92 13.45
CA LYS D 436 11.86 -40.67 12.58
C LYS D 436 12.09 -42.08 13.12
N ASP D 437 12.18 -42.23 14.44
CA ASP D 437 12.27 -43.57 15.03
C ASP D 437 11.01 -44.38 14.77
N PHE D 438 9.85 -43.73 14.73
CA PHE D 438 8.61 -44.40 14.35
C PHE D 438 8.68 -44.89 12.92
N VAL D 439 9.07 -44.01 11.99
CA VAL D 439 9.15 -44.36 10.58
C VAL D 439 10.19 -45.47 10.37
N ALA D 440 11.28 -45.43 11.13
CA ALA D 440 12.30 -46.47 11.04
C ALA D 440 11.73 -47.84 11.41
N THR D 441 11.06 -47.92 12.56
CA THR D 441 10.40 -49.16 12.96
C THR D 441 9.37 -49.58 11.92
N MET D 442 8.56 -48.63 11.47
CA MET D 442 7.49 -48.90 10.51
C MET D 442 8.00 -49.51 9.21
N GLN D 443 9.27 -49.30 8.87
CA GLN D 443 9.82 -49.72 7.60
C GLN D 443 10.78 -50.89 7.71
N SER D 444 11.11 -51.34 8.93
CA SER D 444 12.01 -52.46 9.09
C SER D 444 11.46 -53.58 9.96
N ASN D 445 10.37 -53.36 10.69
CA ASN D 445 9.80 -54.43 11.52
C ASN D 445 9.01 -55.37 10.61
N GLU D 446 9.62 -56.52 10.35
CA GLU D 446 9.03 -57.54 9.47
C GLU D 446 7.63 -57.97 9.93
N LYS D 447 7.45 -58.16 11.24
CA LYS D 447 6.15 -58.58 11.76
C LYS D 447 5.08 -57.52 11.53
N LEU D 448 5.40 -56.25 11.87
CA LEU D 448 4.43 -55.18 11.72
C LEU D 448 4.22 -54.81 10.25
N GLN D 449 5.27 -54.94 9.43
CA GLN D 449 5.10 -54.84 7.98
C GLN D 449 4.09 -55.86 7.48
N SER D 450 4.16 -57.09 8.01
CA SER D 450 3.23 -58.14 7.60
C SER D 450 1.81 -57.83 8.04
N GLU D 451 1.64 -57.21 9.20
CA GLU D 451 0.30 -56.83 9.63
C GLU D 451 -0.27 -55.75 8.71
N MET D 452 0.55 -54.78 8.31
CA MET D 452 0.08 -53.75 7.40
C MET D 452 -0.21 -54.32 6.02
N SER D 453 0.60 -55.29 5.58
CA SER D 453 0.33 -55.95 4.30
C SER D 453 -1.02 -56.64 4.31
N LYS D 454 -1.32 -57.35 5.40
CA LYS D 454 -2.61 -58.03 5.53
C LYS D 454 -3.76 -57.02 5.56
N LEU D 455 -3.60 -55.93 6.31
CA LEU D 455 -4.67 -54.94 6.37
C LEU D 455 -4.86 -54.25 5.02
N ARG D 456 -3.76 -53.99 4.31
CA ARG D 456 -3.87 -53.41 2.97
C ARG D 456 -4.70 -54.31 2.07
N GLU D 457 -4.44 -55.62 2.11
CA GLU D 457 -5.18 -56.55 1.27
C GLU D 457 -6.66 -56.57 1.64
N MET D 458 -6.97 -56.44 2.93
CA MET D 458 -8.36 -56.36 3.36
C MET D 458 -9.02 -55.10 2.80
N VAL D 459 -8.34 -53.95 2.90
CA VAL D 459 -8.87 -52.70 2.37
C VAL D 459 -9.13 -52.82 0.87
N GLU D 460 -8.13 -53.27 0.13
CA GLU D 460 -8.26 -53.33 -1.33
C GLU D 460 -9.33 -54.31 -1.77
N GLU D 461 -9.40 -55.48 -1.11
CA GLU D 461 -10.41 -56.45 -1.52
C GLU D 461 -11.82 -55.91 -1.27
N TYR D 462 -11.99 -55.12 -0.20
CA TYR D 462 -13.29 -54.52 0.05
C TYR D 462 -13.60 -53.45 -0.99
N ALA D 463 -12.64 -52.56 -1.26
CA ALA D 463 -12.87 -51.45 -2.17
C ALA D 463 -13.08 -51.92 -3.60
N LYS D 464 -12.37 -52.98 -4.01
CA LYS D 464 -12.44 -53.43 -5.39
C LYS D 464 -13.82 -53.91 -5.78
N GLN D 465 -14.63 -54.34 -4.81
CA GLN D 465 -15.95 -54.88 -5.11
C GLN D 465 -16.92 -53.82 -5.62
N PHE D 466 -16.63 -52.54 -5.40
CA PHE D 466 -17.55 -51.45 -5.75
C PHE D 466 -17.29 -50.97 -7.17
N PRO D 467 -18.30 -50.38 -7.81
CA PRO D 467 -18.09 -49.87 -9.17
C PRO D 467 -16.96 -48.85 -9.23
N THR D 468 -16.28 -48.82 -10.37
CA THR D 468 -15.39 -47.72 -10.69
C THR D 468 -16.21 -46.57 -11.26
N ILE D 469 -15.79 -45.35 -10.96
CA ILE D 469 -16.53 -44.16 -11.38
C ILE D 469 -15.74 -43.48 -12.50
N GLY D 470 -16.37 -43.35 -13.67
CA GLY D 470 -15.78 -42.63 -14.78
C GLY D 470 -15.00 -43.47 -15.77
N PHE D 471 -14.85 -44.76 -15.50
CA PHE D 471 -14.21 -45.67 -16.44
C PHE D 471 -14.71 -47.06 -16.13
N GLU D 472 -14.48 -47.97 -17.07
CA GLU D 472 -14.93 -49.34 -17.00
C GLU D 472 -13.82 -50.24 -16.46
N LYS D 473 -14.20 -51.17 -15.58
CA LYS D 473 -13.25 -52.17 -15.11
C LYS D 473 -12.74 -53.05 -16.25
N GLU D 474 -13.60 -53.35 -17.23
CA GLU D 474 -13.26 -54.35 -18.24
C GLU D 474 -12.12 -53.90 -19.13
N THR D 475 -11.91 -52.59 -19.29
CA THR D 475 -10.85 -52.10 -20.17
C THR D 475 -9.63 -51.60 -19.42
N MET D 476 -9.61 -51.72 -18.09
CA MET D 476 -8.44 -51.32 -17.31
C MET D 476 -7.23 -52.15 -17.67
N ARG D 477 -6.07 -51.49 -17.73
CA ARG D 477 -4.83 -52.22 -17.95
C ARG D 477 -4.49 -53.11 -16.77
N TYR D 478 -4.74 -52.64 -15.55
CA TYR D 478 -4.28 -53.31 -14.34
C TYR D 478 -5.50 -53.85 -13.59
N LYS D 479 -5.71 -55.16 -13.68
CA LYS D 479 -6.91 -55.82 -13.19
C LYS D 479 -6.70 -56.60 -11.90
N GLU D 480 -5.52 -56.50 -11.30
CA GLU D 480 -5.29 -57.14 -10.00
C GLU D 480 -5.03 -56.05 -8.97
C1 EDO E . 22.54 11.71 20.83
O1 EDO E . 22.04 10.37 20.92
C2 EDO E . 23.71 11.85 21.79
O2 EDO E . 23.29 11.38 23.08
C1 EDO F . 11.08 0.74 7.74
O1 EDO F . 11.48 0.53 6.38
C2 EDO F . 11.68 -0.38 8.60
O2 EDO F . 11.35 -1.65 8.05
C1 EDO G . -4.55 3.59 17.13
O1 EDO G . -3.45 2.66 17.07
C2 EDO G . -5.79 3.07 17.77
O2 EDO G . -6.60 4.20 18.21
C1 EDO H . 20.69 19.03 2.61
O1 EDO H . 21.73 19.72 1.91
C2 EDO H . 19.42 19.15 1.79
O2 EDO H . 19.41 18.26 0.67
C1 EDO I . -6.31 43.52 20.22
O1 EDO I . -7.68 43.90 20.00
C2 EDO I . -5.39 44.30 19.28
O2 EDO I . -5.53 45.70 19.51
C1 EDO J . -6.80 14.49 7.47
O1 EDO J . -5.75 13.74 6.87
C2 EDO J . -7.96 13.57 7.81
O2 EDO J . -8.58 14.07 9.00
CL CL K . -5.34 18.32 27.91
C1 EDO L . 4.68 14.91 8.12
O1 EDO L . 5.84 15.68 8.39
C2 EDO L . 4.54 13.84 9.18
O2 EDO L . 4.80 14.40 10.45
N1 EPE M . 28.91 50.83 5.59
C2 EPE M . 29.28 52.10 4.98
C3 EPE M . 30.09 51.84 3.71
N4 EPE M . 31.19 50.92 3.93
C5 EPE M . 31.00 49.81 4.84
C6 EPE M . 30.13 50.15 6.05
C7 EPE M . 32.11 50.74 2.82
C8 EPE M . 33.54 50.48 3.29
O8 EPE M . 33.73 49.10 3.49
C9 EPE M . 28.06 51.08 6.75
C10 EPE M . 26.62 51.25 6.27
S EPE M . 25.52 51.66 7.64
O1S EPE M . 25.28 53.10 7.67
O2S EPE M . 26.16 51.25 8.89
O3S EPE M . 24.25 50.96 7.45
C1 EDO N . 13.79 7.73 5.12
O1 EDO N . 13.12 7.95 6.36
C2 EDO N . 15.27 7.46 5.41
O2 EDO N . 16.05 8.46 4.75
C1 EDO O . -8.87 32.64 6.45
O1 EDO O . -8.57 33.51 5.36
C2 EDO O . -7.95 31.44 6.33
O2 EDO O . -8.21 30.83 5.06
C1 EDO P . -7.91 11.42 -1.88
O1 EDO P . -8.11 11.69 -3.26
C2 EDO P . -7.47 12.68 -1.16
O2 EDO P . -6.77 12.30 0.03
C1 EDO Q . 40.52 32.24 -9.98
O1 EDO Q . 40.72 33.58 -10.46
C2 EDO Q . 41.67 31.34 -10.44
O2 EDO Q . 42.78 31.49 -9.55
C1 EDO R . 11.63 13.77 -7.59
O1 EDO R . 12.71 14.67 -7.23
C2 EDO R . 10.56 13.73 -6.52
O2 EDO R . 9.22 14.12 -6.90
CL CL S . 20.68 27.27 0.48
C1 EDO T . -7.90 17.34 20.79
O1 EDO T . -8.98 17.40 21.74
C2 EDO T . -8.24 16.38 19.64
O2 EDO T . -8.15 15.01 20.08
C1 EDO U . -28.47 -26.93 -28.12
O1 EDO U . -29.45 -27.79 -28.72
C2 EDO U . -28.07 -25.87 -29.15
O2 EDO U . -29.22 -25.15 -29.63
C1 EDO V . -1.28 -2.69 -31.87
O1 EDO V . -2.71 -2.80 -31.73
C2 EDO V . -0.84 -2.19 -33.25
O2 EDO V . -1.16 -0.80 -33.42
C1 EDO W . 8.34 -10.05 -2.68
O1 EDO W . 8.14 -9.78 -1.28
C2 EDO W . 9.84 -10.02 -2.92
O2 EDO W . 10.35 -8.80 -2.37
C1 PEG X . -0.43 -1.72 -20.85
O1 PEG X . -0.68 -3.11 -21.05
C2 PEG X . 0.91 -1.49 -20.28
O2 PEG X . 0.84 -0.32 -19.46
C3 PEG X . 1.43 -0.52 -18.20
C4 PEG X . 2.67 -1.33 -18.32
O4 PEG X . 2.95 -2.08 -17.15
C1 EDO Y . -32.84 5.89 -47.91
O1 EDO Y . -32.00 5.84 -49.08
C2 EDO Y . -32.59 4.69 -47.00
O2 EDO Y . -32.66 5.10 -45.63
C1 EDO Z . 13.79 -20.43 -41.08
O1 EDO Z . 14.72 -21.49 -41.37
C2 EDO Z . 13.45 -20.38 -39.58
O2 EDO Z . 13.26 -21.72 -39.10
C1 EDO AA . -0.84 2.28 -31.47
O1 EDO AA . -0.82 2.76 -32.82
C2 EDO AA . -2.00 2.94 -30.74
O2 EDO AA . -3.24 2.51 -31.32
C1 EDO BA . 18.13 -7.94 -9.84
O1 EDO BA . 19.41 -8.19 -10.43
C2 EDO BA . 17.06 -8.66 -10.66
O2 EDO BA . 16.63 -9.86 -9.99
C1 EDO CA . -3.37 -27.90 2.82
O1 EDO CA . -4.77 -27.96 2.45
C2 EDO CA . -2.92 -26.45 2.83
O2 EDO CA . -3.72 -25.70 3.78
S SO4 DA . 9.74 -6.78 -43.98
O1 SO4 DA . 10.22 -6.76 -45.36
O2 SO4 DA . 10.78 -6.18 -43.13
O3 SO4 DA . 9.55 -8.18 -43.58
O4 SO4 DA . 8.50 -6.01 -43.90
S SO4 EA . -12.29 -38.46 -40.58
O1 SO4 EA . -11.99 -38.51 -42.02
O2 SO4 EA . -12.17 -37.07 -40.12
O3 SO4 EA . -11.32 -39.26 -39.81
O4 SO4 EA . -13.63 -39.04 -40.36
S SO4 FA . 20.89 -19.99 -20.78
O1 SO4 FA . 20.99 -18.62 -20.31
O2 SO4 FA . 22.05 -20.26 -21.65
O3 SO4 FA . 20.92 -20.92 -19.65
O4 SO4 FA . 19.63 -20.19 -21.50
CL CL GA . -5.35 -12.75 -30.84
C1 EDO HA . 4.51 -17.05 0.10
O1 EDO HA . 3.88 -18.18 0.72
C2 EDO HA . 3.49 -16.05 -0.42
O2 EDO HA . 3.62 -15.94 -1.84
C1 EDO IA . -26.73 -14.45 -15.53
O1 EDO IA . -27.36 -15.21 -14.50
C2 EDO IA . -25.35 -14.03 -15.04
O2 EDO IA . -25.45 -13.44 -13.75
C1 EDO JA . -15.28 -31.00 22.75
O1 EDO JA . -15.82 -32.09 21.98
C2 EDO JA . -13.94 -30.54 22.21
O2 EDO JA . -13.97 -30.48 20.77
C1 EDO KA . -9.29 -8.49 -25.00
O1 EDO KA . -9.19 -8.06 -26.37
C2 EDO KA . -8.78 -7.41 -24.05
O2 EDO KA . -7.41 -7.06 -24.31
C1 PEG LA . -20.63 -54.29 -2.77
O1 PEG LA . -20.83 -55.04 -1.56
C2 PEG LA . -21.93 -53.73 -3.28
O2 PEG LA . -21.72 -53.10 -4.54
C3 PEG LA . -22.88 -52.36 -4.95
C4 PEG LA . -22.83 -52.11 -6.43
O4 PEG LA . -23.66 -51.02 -6.78
C1 EDO MA . -7.71 -15.62 8.70
O1 EDO MA . -6.47 -16.25 9.06
C2 EDO MA . -7.39 -14.55 7.70
O2 EDO MA . -8.52 -13.71 7.32
C1 EDO NA . -12.69 -1.66 -4.95
O1 EDO NA . -11.97 -0.55 -5.50
C2 EDO NA . -14.06 -1.16 -4.52
O2 EDO NA . -13.89 -0.30 -3.39
C1 EDO OA . -22.50 -3.69 1.46
O1 EDO OA . -21.76 -4.30 0.41
C2 EDO OA . -21.74 -3.82 2.78
O2 EDO OA . -20.42 -3.26 2.63
CL CL PA . -9.99 -32.15 3.09
#